data_5FQ5
#
_entry.id   5FQ5
#
_cell.length_a   177.740
_cell.length_b   67.570
_cell.length_c   188.190
_cell.angle_alpha   90.00
_cell.angle_beta   111.31
_cell.angle_gamma   90.00
#
_symmetry.space_group_name_H-M   'C 1 2 1'
#
loop_
_entity.id
_entity.type
_entity.pdbx_description
1 polymer SGRNA
2 polymer 'CRISPR-ASSOCIATED ENDONUCLEASE CAS9/CSN1'
3 polymer 'TARGET DNA STRAND PROXIMAL FRAGMENT'
4 polymer 'NON-TARGET DNA STRAND'
5 polymer 'TARGET DNA STRAND DISTAL FRAGMENT'
6 non-polymer 'MAGNESIUM ION'
7 non-polymer 'POTASSIUM ION'
8 water water
#
loop_
_entity_poly.entity_id
_entity_poly.type
_entity_poly.pdbx_seq_one_letter_code
_entity_poly.pdbx_strand_id
1 'polyribonucleotide'
;GGAUAACUCAAUUUGUAAAAAAGUUUUAGAGCUAGAAAUAGCAAGUUAAAAUAAGGCUAGUCCGUUAUCAACUUGAAAAA
GUGA
;
A
2 'polypeptide(L)'
;GAASMDKKYSIGLAIGTNSVGWAVITDEYKVPSKKFKVLGNTDRHSIKKNLIGALLFDSGETAEATRLKRTARRRYTRRK
NRICYLQEIFSNEMAKVDDSFFHRLEESFLVEEDKKHERHPIFGNIVDEVAYHEKYPTIYHLRKKLVDSTDKADLRLIYL
ALAHMIKFRGHFLIEGDLNPDNSDVDKLFIQLVQTYNQLFEENPINASGVDAKAILSARLSKSRRLENLIAQLPGEKKNG
LFGNLIALSLGLTPNFKSNFDLAEDAKLQLSKDTYDDDLDNLLAQIGDQYADLFLAAKNLSDAILLSDILRVNTEITKAP
LSASMIKRYDEHHQDLTLLKALVRQQLPEKYKEIFFDQSKNGYAGYIDGGASQEEFYKFIKPILEKMDGTEELLVKLNRE
DLLRKQRTFDNGSIPHQIHLGELHAILRRQEDFYPFLKDNREKIEKILTFRIPYYVGPLARGNSRFAWMTRKSEETITPW
NFEEVVDKGASAQSFIERMTNFDKNLPNEKVLPKHSLLYEYFTVYNELTKVKYVTEGMRKPAFLSGEQKKAIVDLLFKTN
RKVTVKQLKEDYFKKIECFDSVEISGVEDRFNASLGTYHDLLKIIKDKDFLDNEENEDILEDIVLTLTLFEDREMIEERL
KTYAHLFDDKVMKQLKRRRYTGWGRLSRKLINGIRDKQSGKTILDFLKSDGFANRNFMQLIHDDSLTFKEDIQKAQVSGQ
GDSLHEHIANLAGSPAIKKGILQTVKVVDELVKVMGRHKPENIVIEMARENQTTQKGQKNSRERMKRIEEGIKELGSQIL
KEHPVENTQLQNEKLYLYYLQNGRDMYVDQELDINRLSDYDVDAIVPQSFLKDDSIDNKVLTRSDKNRGKSDNVPSEEVV
KKMKNYWRQLLNAKLITQRKFDNLTKAERGGLSELDKAGFIKRQLVETRQITKHVAQILDSRMNTKYDENDKLIREVKVI
TLKSKLVSDFRKDFQFYKVREINNYHHAHDAYLNAVVGTALIKKYPKLESEFVYGDYKVYDVRKMIAKSEQEIGKATAKY
FFYSNIMNFFKTEITLANGEIRKRPLIETNGETGEIVWDKGRDFATVRKVLSMPQVNIVKKTEVQTGGFSKESILPKRNS
DKLIARKKDWDPKKYGGFDSPTVAYSVLVVAKVEKGKSKKLKSVKELLGITIMERSSFEKNPIDFLEAKGYKEVKKDLII
KLPKYSLFELENGRKRMLASAGELQKGNELALPSKYVNFLYLASHYEKLKGSPEDNEQKQLFVEQHKHYLDEIIEQISEF
SKRVILADANLDKVLSAYNKHRDKPIREQAENIIHLFTLTNLGAPAAFKYFDTTIDRKRYTSTKEVLDATLIHQSITGLY
ETRIDLSQLGGD
;
B
3 'polydeoxyribonucleotide' (DC)(DA)(DA)(DT)(DA)(DC)(DC)(DA)(DC)(DA)(DA) C
4 'polydeoxyribonucleotide' (DT)(DT)(DG)(DT)(DG)(DG)(DT)(DA)(DT)(DT)(DG) D
5 'polydeoxyribonucleotide' (DT)(DT)(DT)(DA)(DC)(DA)(DA)(DA)(DT)(DT)(DG)(DA)(DG)(DT)(DT)(DA)(DT) E
#
loop_
_chem_comp.id
_chem_comp.type
_chem_comp.name
_chem_comp.formula
A RNA linking ADENOSINE-5'-MONOPHOSPHATE 'C10 H14 N5 O7 P'
C RNA linking CYTIDINE-5'-MONOPHOSPHATE 'C9 H14 N3 O8 P'
DA DNA linking 2'-DEOXYADENOSINE-5'-MONOPHOSPHATE 'C10 H14 N5 O6 P'
DC DNA linking 2'-DEOXYCYTIDINE-5'-MONOPHOSPHATE 'C9 H14 N3 O7 P'
DG DNA linking 2'-DEOXYGUANOSINE-5'-MONOPHOSPHATE 'C10 H14 N5 O7 P'
DT DNA linking THYMIDINE-5'-MONOPHOSPHATE 'C10 H15 N2 O8 P'
G RNA linking GUANOSINE-5'-MONOPHOSPHATE 'C10 H14 N5 O8 P'
K non-polymer 'POTASSIUM ION' 'K 1'
MG non-polymer 'MAGNESIUM ION' 'Mg 2'
U RNA linking URIDINE-5'-MONOPHOSPHATE 'C9 H13 N2 O9 P'
#
# COMPACT_ATOMS: atom_id res chain seq x y z
N LYS B 8 -2.88 45.25 -0.33
CA LYS B 8 -1.89 45.61 0.66
C LYS B 8 -1.01 44.42 1.07
N TYR B 9 -1.42 43.20 0.76
CA TYR B 9 -0.68 42.06 1.28
C TYR B 9 -0.93 40.81 0.45
N SER B 10 0.03 39.88 0.52
CA SER B 10 -0.07 38.55 -0.06
C SER B 10 0.25 37.51 1.00
N ILE B 11 -0.13 36.27 0.72
CA ILE B 11 0.10 35.14 1.61
C ILE B 11 0.97 34.12 0.89
N GLY B 12 1.96 33.60 1.60
CA GLY B 12 2.74 32.45 1.14
C GLY B 12 2.42 31.23 2.00
N LEU B 13 2.40 30.07 1.36
CA LEU B 13 2.01 28.82 2.01
C LEU B 13 2.94 27.69 1.60
N ALA B 14 3.41 26.92 2.59
CA ALA B 14 4.23 25.73 2.36
C ALA B 14 3.50 24.54 2.96
N ILE B 15 2.93 23.70 2.09
CA ILE B 15 2.04 22.63 2.50
C ILE B 15 2.85 21.33 2.56
N GLY B 16 2.88 20.71 3.74
CA GLY B 16 3.54 19.43 3.92
C GLY B 16 2.60 18.43 4.57
N THR B 17 3.14 17.23 4.81
CA THR B 17 2.38 16.18 5.46
C THR B 17 2.38 16.31 6.98
N ASN B 18 3.27 17.13 7.55
CA ASN B 18 3.33 17.36 8.98
C ASN B 18 3.40 18.84 9.33
N SER B 19 3.19 19.73 8.36
CA SER B 19 3.34 21.15 8.60
C SER B 19 2.62 21.95 7.52
N VAL B 20 2.12 23.11 7.91
CA VAL B 20 1.72 24.16 6.98
C VAL B 20 2.47 25.42 7.41
N GLY B 21 3.45 25.84 6.61
CA GLY B 21 4.08 27.12 6.83
C GLY B 21 3.27 28.21 6.17
N TRP B 22 3.25 29.39 6.81
CA TRP B 22 2.48 30.52 6.32
C TRP B 22 3.22 31.81 6.61
N ALA B 23 2.92 32.83 5.81
CA ALA B 23 3.49 34.15 6.01
C ALA B 23 2.65 35.19 5.28
N VAL B 24 2.54 36.38 5.88
CA VAL B 24 1.91 37.53 5.28
C VAL B 24 3.00 38.51 4.87
N ILE B 25 2.95 39.00 3.62
CA ILE B 25 3.92 39.98 3.14
C ILE B 25 3.17 41.19 2.58
N THR B 26 3.85 42.33 2.61
CA THR B 26 3.32 43.56 2.04
C THR B 26 3.94 43.83 0.68
N ASP B 27 3.72 45.04 0.17
CA ASP B 27 4.32 45.48 -1.09
C ASP B 27 5.83 45.24 -1.12
N GLU B 28 6.53 45.71 -0.09
CA GLU B 28 7.99 45.67 -0.06
C GLU B 28 8.55 44.36 0.43
N TYR B 29 7.78 43.27 0.38
CA TYR B 29 8.24 41.95 0.78
C TYR B 29 8.55 41.87 2.27
N LYS B 30 8.02 42.80 3.06
CA LYS B 30 8.13 42.75 4.51
C LYS B 30 6.93 42.00 5.08
N VAL B 31 7.15 41.31 6.19
CA VAL B 31 6.06 40.68 6.93
C VAL B 31 5.67 41.63 8.06
N PRO B 32 4.41 42.02 8.18
CA PRO B 32 4.02 42.97 9.22
C PRO B 32 4.10 42.35 10.61
N SER B 33 3.99 43.21 11.61
CA SER B 33 3.79 42.80 12.99
C SER B 33 2.62 43.59 13.56
N LYS B 34 1.97 43.00 14.55
CA LYS B 34 0.70 43.50 15.03
C LYS B 34 0.55 43.13 16.51
N LYS B 35 -0.15 43.99 17.25
CA LYS B 35 -0.53 43.67 18.62
C LYS B 35 -1.82 42.85 18.61
N PHE B 36 -1.80 41.73 19.32
CA PHE B 36 -2.97 40.88 19.44
C PHE B 36 -3.42 40.82 20.90
N LYS B 37 -4.72 40.99 21.10
CA LYS B 37 -5.31 40.82 22.43
C LYS B 37 -4.98 39.45 22.99
N VAL B 38 -4.73 39.40 24.30
CA VAL B 38 -4.55 38.16 25.04
C VAL B 38 -5.71 38.03 26.01
N LEU B 39 -6.44 36.92 25.92
CA LEU B 39 -7.54 36.66 26.82
C LEU B 39 -7.07 35.82 28.01
N GLY B 40 -7.92 35.71 29.02
CA GLY B 40 -7.64 34.88 30.18
C GLY B 40 -7.60 35.70 31.46
N ASN B 41 -6.81 35.21 32.42
CA ASN B 41 -6.82 35.73 33.79
C ASN B 41 -5.43 36.18 34.27
N THR B 42 -4.50 36.45 33.36
CA THR B 42 -3.13 36.77 33.74
C THR B 42 -2.88 38.28 33.67
N ASP B 43 -1.62 38.64 33.91
CA ASP B 43 -1.19 40.03 33.81
C ASP B 43 -1.38 40.58 32.40
N ARG B 44 -1.07 39.78 31.39
CA ARG B 44 -0.83 40.28 30.05
C ARG B 44 -2.15 40.51 29.32
N HIS B 45 -2.32 41.71 28.78
CA HIS B 45 -3.52 42.07 28.02
C HIS B 45 -3.35 41.92 26.51
N SER B 46 -2.13 41.97 26.00
CA SER B 46 -1.89 41.91 24.57
C SER B 46 -0.44 41.49 24.35
N ILE B 47 -0.07 41.30 23.08
CA ILE B 47 1.25 40.77 22.75
C ILE B 47 1.55 41.08 21.30
N LYS B 48 2.83 41.34 21.01
CA LYS B 48 3.29 41.61 19.66
C LYS B 48 3.58 40.30 18.94
N LYS B 49 3.09 40.18 17.71
CA LYS B 49 3.29 38.98 16.90
C LYS B 49 3.72 39.37 15.50
N ASN B 50 4.75 38.71 14.99
CA ASN B 50 5.07 38.76 13.56
C ASN B 50 4.10 37.87 12.80
N LEU B 51 3.74 38.29 11.59
CA LEU B 51 2.75 37.58 10.78
C LEU B 51 3.43 36.50 9.92
N ILE B 52 4.07 35.58 10.62
CA ILE B 52 4.78 34.46 10.00
C ILE B 52 4.80 33.32 11.01
N GLY B 53 4.63 32.09 10.52
CA GLY B 53 4.64 30.96 11.41
C GLY B 53 4.42 29.66 10.68
N ALA B 54 4.20 28.60 11.45
CA ALA B 54 3.99 27.28 10.90
C ALA B 54 3.17 26.45 11.86
N LEU B 55 2.18 25.74 11.33
CA LEU B 55 1.39 24.78 12.07
C LEU B 55 1.98 23.39 11.89
N LEU B 56 2.24 22.69 12.99
CA LEU B 56 2.80 21.35 12.95
C LEU B 56 1.77 20.36 13.49
N PHE B 57 1.71 19.18 12.88
CA PHE B 57 0.73 18.18 13.27
C PHE B 57 1.25 16.77 12.97
N ASP B 58 0.78 15.81 13.77
CA ASP B 58 1.04 14.41 13.48
C ASP B 58 0.36 14.02 12.17
N SER B 59 0.92 13.00 11.51
CA SER B 59 0.46 12.63 10.18
C SER B 59 -0.96 12.08 10.23
N GLY B 60 -1.76 12.45 9.23
CA GLY B 60 -3.02 11.77 9.01
C GLY B 60 -2.78 10.36 8.52
N GLU B 61 -3.63 9.44 8.96
CA GLU B 61 -3.45 8.02 8.73
C GLU B 61 -4.45 7.51 7.70
N THR B 62 -4.04 6.49 6.96
CA THR B 62 -4.96 5.80 6.07
C THR B 62 -5.94 4.97 6.89
N ALA B 63 -7.01 4.53 6.23
CA ALA B 63 -8.04 3.73 6.88
C ALA B 63 -7.70 2.24 6.92
N GLU B 64 -6.52 1.84 6.43
CA GLU B 64 -6.24 0.43 6.20
C GLU B 64 -6.21 -0.35 7.51
N ALA B 65 -5.42 0.11 8.49
CA ALA B 65 -5.31 -0.61 9.75
C ALA B 65 -6.69 -0.80 10.38
N THR B 66 -7.53 0.25 10.32
CA THR B 66 -8.88 0.15 10.86
C THR B 66 -9.68 -0.93 10.16
N ARG B 67 -9.58 -1.01 8.82
CA ARG B 67 -10.32 -2.00 8.06
C ARG B 67 -9.84 -3.42 8.38
N LEU B 68 -8.53 -3.60 8.53
CA LEU B 68 -7.99 -4.93 8.81
C LEU B 68 -8.50 -5.45 10.15
N LYS B 69 -8.63 -4.58 11.15
CA LYS B 69 -9.18 -4.99 12.43
C LYS B 69 -10.68 -5.21 12.34
N ARG B 70 -11.38 -4.36 11.57
CA ARG B 70 -12.83 -4.50 11.44
C ARG B 70 -13.19 -5.83 10.80
N THR B 71 -12.57 -6.15 9.66
CA THR B 71 -12.89 -7.41 8.98
C THR B 71 -12.49 -8.61 9.82
N ALA B 72 -11.40 -8.50 10.59
CA ALA B 72 -11.03 -9.59 11.48
C ALA B 72 -12.02 -9.74 12.63
N ARG B 73 -12.58 -8.64 13.13
CA ARG B 73 -13.59 -8.74 14.17
C ARG B 73 -14.76 -9.58 13.69
N ARG B 74 -15.25 -9.30 12.48
CA ARG B 74 -16.41 -10.03 11.98
C ARG B 74 -16.13 -11.52 11.86
N ARG B 75 -14.89 -11.90 11.58
CA ARG B 75 -14.55 -13.31 11.48
C ARG B 75 -14.61 -13.98 12.85
N TYR B 76 -14.16 -13.30 13.90
CA TYR B 76 -14.25 -13.89 15.23
C TYR B 76 -15.70 -14.13 15.64
N THR B 77 -16.60 -13.20 15.32
CA THR B 77 -17.98 -13.41 15.76
C THR B 77 -18.68 -14.45 14.91
N ARG B 78 -18.35 -14.54 13.62
CA ARG B 78 -18.95 -15.58 12.78
C ARG B 78 -18.40 -16.95 13.13
N ARG B 79 -17.10 -17.04 13.40
CA ARG B 79 -16.53 -18.30 13.87
C ARG B 79 -17.22 -18.78 15.13
N LYS B 80 -17.40 -17.87 16.09
CA LYS B 80 -18.15 -18.22 17.29
C LYS B 80 -19.55 -18.70 16.96
N ASN B 81 -20.20 -18.06 15.99
CA ASN B 81 -21.53 -18.49 15.59
C ASN B 81 -21.51 -19.87 14.93
N ARG B 82 -20.44 -20.20 14.21
CA ARG B 82 -20.31 -21.55 13.69
C ARG B 82 -20.42 -22.57 14.82
N ILE B 83 -19.73 -22.31 15.94
CA ILE B 83 -19.73 -23.25 17.05
C ILE B 83 -21.09 -23.26 17.74
N CYS B 84 -21.73 -22.10 17.87
CA CYS B 84 -23.06 -22.06 18.47
C CYS B 84 -24.06 -22.86 17.65
N TYR B 85 -23.99 -22.76 16.31
CA TYR B 85 -24.85 -23.59 15.48
C TYR B 85 -24.65 -25.07 15.77
N LEU B 86 -23.38 -25.49 15.90
CA LEU B 86 -23.08 -26.90 16.15
C LEU B 86 -23.67 -27.34 17.49
N GLN B 87 -23.47 -26.54 18.53
CA GLN B 87 -23.94 -26.91 19.86
C GLN B 87 -25.46 -26.95 19.91
N GLU B 88 -26.14 -26.04 19.21
CA GLU B 88 -27.60 -26.08 19.17
C GLU B 88 -28.08 -27.39 18.59
N ILE B 89 -27.41 -27.90 17.55
CA ILE B 89 -27.80 -29.17 16.96
C ILE B 89 -27.57 -30.30 17.95
N PHE B 90 -26.50 -30.22 18.74
CA PHE B 90 -26.16 -31.26 19.70
C PHE B 90 -26.92 -31.14 21.02
N SER B 91 -27.62 -30.03 21.25
CA SER B 91 -28.04 -29.67 22.60
C SER B 91 -28.89 -30.75 23.26
N ASN B 92 -30.02 -31.09 22.63
CA ASN B 92 -30.97 -32.01 23.27
C ASN B 92 -30.33 -33.36 23.56
N GLU B 93 -29.60 -33.91 22.60
CA GLU B 93 -29.05 -35.24 22.79
C GLU B 93 -27.84 -35.23 23.73
N MET B 94 -27.05 -34.16 23.73
CA MET B 94 -25.97 -34.07 24.70
C MET B 94 -26.51 -33.94 26.13
N ALA B 95 -27.69 -33.34 26.29
CA ALA B 95 -28.26 -33.19 27.62
C ALA B 95 -28.53 -34.55 28.27
N LYS B 96 -28.79 -35.58 27.47
CA LYS B 96 -29.02 -36.92 27.99
C LYS B 96 -27.72 -37.62 28.34
N VAL B 97 -26.61 -37.22 27.74
CA VAL B 97 -25.32 -37.85 28.01
C VAL B 97 -24.56 -37.14 29.12
N ASP B 98 -24.59 -35.80 29.13
CA ASP B 98 -23.79 -35.02 30.08
C ASP B 98 -24.42 -33.65 30.21
N ASP B 99 -25.14 -33.44 31.33
CA ASP B 99 -25.86 -32.21 31.64
C ASP B 99 -25.07 -30.93 31.40
N SER B 100 -23.77 -30.96 31.69
CA SER B 100 -22.97 -29.73 31.81
C SER B 100 -21.76 -29.71 30.88
N PHE B 101 -21.68 -30.65 29.93
CA PHE B 101 -20.53 -30.70 29.03
C PHE B 101 -20.27 -29.33 28.39
N PHE B 102 -21.30 -28.74 27.79
CA PHE B 102 -21.11 -27.47 27.11
C PHE B 102 -20.82 -26.34 28.09
N HIS B 103 -21.33 -26.43 29.32
CA HIS B 103 -20.99 -25.43 30.32
C HIS B 103 -19.52 -25.48 30.69
N ARG B 104 -18.97 -26.69 30.88
CA ARG B 104 -17.56 -26.82 31.23
C ARG B 104 -16.66 -26.29 30.11
N LEU B 105 -17.05 -26.53 28.86
CA LEU B 105 -16.30 -25.96 27.74
C LEU B 105 -16.29 -24.43 27.83
N GLU B 106 -17.46 -23.83 28.06
CA GLU B 106 -17.56 -22.38 28.04
C GLU B 106 -16.74 -21.74 29.16
N GLU B 107 -16.60 -22.43 30.29
CA GLU B 107 -15.87 -21.89 31.43
C GLU B 107 -14.48 -22.49 31.59
N SER B 108 -13.95 -23.13 30.54
CA SER B 108 -12.65 -23.77 30.63
C SER B 108 -11.56 -22.79 31.06
N PHE B 109 -11.67 -21.53 30.62
CA PHE B 109 -10.66 -20.51 30.92
C PHE B 109 -10.64 -20.14 32.41
N LEU B 110 -11.73 -20.38 33.11
CA LEU B 110 -11.86 -19.89 34.48
C LEU B 110 -10.99 -20.68 35.45
N VAL B 111 -10.46 -19.98 36.46
CA VAL B 111 -9.73 -20.65 37.53
C VAL B 111 -10.70 -21.55 38.29
N GLU B 112 -10.16 -22.61 38.89
CA GLU B 112 -11.01 -23.60 39.57
C GLU B 112 -11.92 -22.93 40.58
N GLU B 113 -11.38 -21.98 41.36
CA GLU B 113 -12.16 -21.23 42.32
C GLU B 113 -13.40 -20.60 41.67
N ASP B 114 -13.24 -20.06 40.47
CA ASP B 114 -14.34 -19.39 39.77
C ASP B 114 -15.24 -20.36 39.00
N LYS B 115 -14.79 -21.59 38.78
CA LYS B 115 -15.59 -22.55 38.02
C LYS B 115 -16.84 -22.95 38.78
N LYS B 116 -17.95 -23.05 38.06
CA LYS B 116 -19.21 -23.53 38.63
C LYS B 116 -19.39 -25.03 38.48
N HIS B 117 -18.59 -25.68 37.64
CA HIS B 117 -18.67 -27.11 37.43
C HIS B 117 -17.29 -27.73 37.64
N GLU B 118 -17.23 -29.05 37.50
CA GLU B 118 -15.99 -29.78 37.68
C GLU B 118 -14.92 -29.29 36.71
N ARG B 119 -13.66 -29.32 37.16
CA ARG B 119 -12.59 -28.65 36.44
C ARG B 119 -12.07 -29.45 35.24
N HIS B 120 -12.48 -30.71 35.08
CA HIS B 120 -12.01 -31.51 33.97
C HIS B 120 -12.99 -31.42 32.80
N PRO B 121 -12.61 -30.78 31.69
CA PRO B 121 -13.64 -30.36 30.71
C PRO B 121 -14.42 -31.50 30.09
N ILE B 122 -13.73 -32.50 29.55
CA ILE B 122 -14.38 -33.46 28.67
C ILE B 122 -15.31 -34.38 29.45
N PHE B 123 -14.82 -34.98 30.53
CA PHE B 123 -15.57 -36.02 31.23
C PHE B 123 -15.91 -35.70 32.68
N GLY B 124 -15.32 -34.67 33.27
CA GLY B 124 -15.71 -34.25 34.60
C GLY B 124 -15.11 -35.03 35.74
N ASN B 125 -14.07 -35.83 35.50
CA ASN B 125 -13.37 -36.51 36.59
C ASN B 125 -11.97 -36.87 36.10
N ILE B 126 -11.04 -36.97 37.07
CA ILE B 126 -9.63 -37.16 36.74
C ILE B 126 -9.45 -38.44 35.92
N VAL B 127 -10.00 -39.55 36.43
CA VAL B 127 -9.65 -40.86 35.87
C VAL B 127 -10.02 -40.94 34.40
N ASP B 128 -11.21 -40.45 34.03
CA ASP B 128 -11.60 -40.48 32.63
C ASP B 128 -10.85 -39.42 31.82
N GLU B 129 -10.53 -38.29 32.43
CA GLU B 129 -9.80 -37.24 31.72
C GLU B 129 -8.36 -37.67 31.43
N VAL B 130 -7.73 -38.34 32.40
CA VAL B 130 -6.37 -38.83 32.21
C VAL B 130 -6.34 -39.91 31.13
N ALA B 131 -7.33 -40.81 31.15
CA ALA B 131 -7.36 -41.90 30.18
C ALA B 131 -7.58 -41.38 28.77
N TYR B 132 -8.40 -40.33 28.62
CA TYR B 132 -8.62 -39.75 27.30
C TYR B 132 -7.31 -39.29 26.67
N HIS B 133 -6.51 -38.51 27.42
CA HIS B 133 -5.27 -38.00 26.88
C HIS B 133 -4.25 -39.11 26.62
N GLU B 134 -4.26 -40.17 27.43
CA GLU B 134 -3.38 -41.30 27.18
C GLU B 134 -3.71 -41.96 25.85
N LYS B 135 -4.99 -42.13 25.55
CA LYS B 135 -5.40 -42.78 24.31
C LYS B 135 -5.33 -41.83 23.11
N TYR B 136 -5.61 -40.54 23.31
CA TYR B 136 -5.62 -39.55 22.25
C TYR B 136 -4.71 -38.38 22.64
N PRO B 137 -3.40 -38.53 22.46
CA PRO B 137 -2.50 -37.43 22.85
C PRO B 137 -2.71 -36.14 22.08
N THR B 138 -3.21 -36.22 20.84
CA THR B 138 -3.63 -35.02 20.11
C THR B 138 -5.03 -35.23 19.58
N ILE B 139 -5.70 -34.11 19.27
CA ILE B 139 -7.02 -34.16 18.68
C ILE B 139 -7.00 -34.94 17.37
N TYR B 140 -5.85 -35.01 16.70
CA TYR B 140 -5.77 -35.72 15.44
C TYR B 140 -5.77 -37.24 15.62
N HIS B 141 -5.30 -37.74 16.78
CA HIS B 141 -5.54 -39.14 17.11
C HIS B 141 -7.04 -39.43 17.17
N LEU B 142 -7.79 -38.55 17.87
CA LEU B 142 -9.23 -38.74 17.97
C LEU B 142 -9.90 -38.64 16.62
N ARG B 143 -9.51 -37.63 15.82
CA ARG B 143 -10.10 -37.45 14.50
C ARG B 143 -9.97 -38.71 13.65
N LYS B 144 -8.76 -39.26 13.58
CA LYS B 144 -8.52 -40.43 12.75
C LYS B 144 -9.35 -41.61 13.24
N LYS B 145 -9.34 -41.85 14.56
CA LYS B 145 -10.14 -42.94 15.12
C LYS B 145 -11.60 -42.83 14.69
N LEU B 146 -12.17 -41.63 14.80
CA LEU B 146 -13.58 -41.47 14.46
C LEU B 146 -13.85 -41.60 12.97
N VAL B 147 -12.83 -41.41 12.12
CA VAL B 147 -13.02 -41.60 10.68
C VAL B 147 -12.95 -43.07 10.30
N ASP B 148 -12.04 -43.82 10.93
CA ASP B 148 -11.76 -45.18 10.49
C ASP B 148 -12.53 -46.25 11.26
N SER B 149 -13.00 -45.97 12.47
CA SER B 149 -13.61 -47.00 13.30
C SER B 149 -15.11 -47.11 13.04
N THR B 150 -15.63 -48.32 13.24
CA THR B 150 -17.07 -48.60 13.12
C THR B 150 -17.78 -48.62 14.46
N ASP B 151 -17.06 -48.45 15.57
CA ASP B 151 -17.70 -48.48 16.89
C ASP B 151 -18.52 -47.22 17.12
N LYS B 152 -19.64 -47.38 17.82
CA LYS B 152 -20.37 -46.24 18.34
C LYS B 152 -19.45 -45.44 19.29
N ALA B 153 -19.43 -44.13 19.12
CA ALA B 153 -18.53 -43.28 19.87
C ALA B 153 -19.28 -42.42 20.88
N ASP B 154 -18.59 -42.06 21.96
CA ASP B 154 -19.15 -41.13 22.94
C ASP B 154 -19.46 -39.79 22.28
N LEU B 155 -20.67 -39.29 22.52
CA LEU B 155 -21.13 -38.11 21.81
C LEU B 155 -20.28 -36.89 22.12
N ARG B 156 -19.63 -36.86 23.29
CA ARG B 156 -18.75 -35.74 23.61
C ARG B 156 -17.52 -35.75 22.72
N LEU B 157 -16.99 -36.93 22.42
CA LEU B 157 -15.83 -37.01 21.54
C LEU B 157 -16.21 -36.70 20.09
N ILE B 158 -17.40 -37.13 19.67
CA ILE B 158 -17.90 -36.75 18.35
C ILE B 158 -17.95 -35.23 18.23
N TYR B 159 -18.52 -34.58 19.25
CA TYR B 159 -18.64 -33.12 19.21
C TYR B 159 -17.27 -32.46 19.08
N LEU B 160 -16.31 -32.86 19.91
CA LEU B 160 -15.01 -32.18 19.91
C LEU B 160 -14.31 -32.33 18.58
N ALA B 161 -14.44 -33.50 17.94
CA ALA B 161 -13.83 -33.70 16.63
C ALA B 161 -14.47 -32.79 15.60
N LEU B 162 -15.80 -32.74 15.56
CA LEU B 162 -16.48 -31.88 14.59
C LEU B 162 -16.20 -30.42 14.85
N ALA B 163 -16.25 -29.99 16.12
CA ALA B 163 -16.00 -28.59 16.45
C ALA B 163 -14.60 -28.17 16.02
N HIS B 164 -13.61 -29.03 16.24
CA HIS B 164 -12.24 -28.69 15.89
C HIS B 164 -12.06 -28.51 14.38
N MET B 165 -12.80 -29.27 13.58
CA MET B 165 -12.75 -29.10 12.13
C MET B 165 -13.50 -27.85 11.70
N ILE B 166 -14.62 -27.55 12.37
CA ILE B 166 -15.41 -26.39 12.02
C ILE B 166 -14.73 -25.11 12.51
N LYS B 167 -14.05 -25.16 13.66
CA LYS B 167 -13.41 -23.96 14.19
C LYS B 167 -12.15 -23.60 13.39
N PHE B 168 -11.42 -24.60 12.91
CA PHE B 168 -10.18 -24.40 12.16
C PHE B 168 -10.33 -25.19 10.86
N ARG B 169 -11.01 -24.56 9.89
CA ARG B 169 -11.65 -25.26 8.79
C ARG B 169 -10.86 -25.19 7.49
N GLY B 170 -9.74 -24.47 7.45
CA GLY B 170 -8.95 -24.37 6.24
C GLY B 170 -9.50 -23.34 5.27
N HIS B 171 -8.78 -23.13 4.18
CA HIS B 171 -9.03 -22.02 3.28
C HIS B 171 -9.96 -22.43 2.13
N PHE B 172 -10.32 -21.44 1.32
CA PHE B 172 -11.29 -21.59 0.25
C PHE B 172 -10.71 -21.10 -1.07
N LEU B 173 -9.43 -21.38 -1.29
CA LEU B 173 -8.71 -20.90 -2.47
C LEU B 173 -8.80 -21.87 -3.64
N ILE B 174 -9.30 -23.09 -3.43
CA ILE B 174 -9.50 -24.06 -4.49
C ILE B 174 -11.00 -24.25 -4.68
N GLU B 175 -11.45 -24.11 -5.92
CA GLU B 175 -12.85 -24.31 -6.25
C GLU B 175 -13.13 -25.78 -6.51
N GLY B 176 -14.36 -26.19 -6.22
CA GLY B 176 -14.78 -27.53 -6.53
C GLY B 176 -14.39 -28.53 -5.45
N ASP B 177 -14.44 -29.80 -5.84
CA ASP B 177 -14.24 -30.91 -4.92
C ASP B 177 -12.80 -31.42 -4.99
N LEU B 178 -12.41 -32.12 -3.93
CA LEU B 178 -11.08 -32.72 -3.80
C LEU B 178 -11.24 -34.11 -3.20
N ASN B 179 -10.59 -35.10 -3.82
CA ASN B 179 -10.66 -36.47 -3.34
C ASN B 179 -9.32 -37.17 -3.48
N SER B 183 -5.57 -38.22 -6.86
CA SER B 183 -4.32 -37.53 -7.14
C SER B 183 -3.13 -38.18 -6.45
N ASP B 184 -2.73 -39.33 -6.97
CA ASP B 184 -1.47 -39.97 -6.60
C ASP B 184 -0.41 -39.60 -7.63
N VAL B 185 0.73 -39.10 -7.14
CA VAL B 185 1.77 -38.61 -8.04
C VAL B 185 2.29 -39.73 -8.92
N ASP B 186 2.37 -40.95 -8.37
CA ASP B 186 2.86 -42.08 -9.16
C ASP B 186 1.98 -42.34 -10.37
N LYS B 187 0.66 -42.46 -10.14
CA LYS B 187 -0.24 -42.82 -11.25
C LYS B 187 -0.35 -41.69 -12.24
N LEU B 188 -0.38 -40.44 -11.77
CA LEU B 188 -0.47 -39.27 -12.64
C LEU B 188 0.87 -38.90 -13.28
N PHE B 189 1.98 -39.49 -12.82
CA PHE B 189 3.23 -39.38 -13.57
C PHE B 189 3.23 -40.35 -14.75
N ILE B 190 2.81 -41.59 -14.52
CA ILE B 190 2.63 -42.52 -15.64
C ILE B 190 1.67 -41.91 -16.66
N GLN B 191 0.59 -41.29 -16.19
CA GLN B 191 -0.36 -40.70 -17.11
C GLN B 191 0.29 -39.61 -17.95
N LEU B 192 1.29 -38.92 -17.40
CA LEU B 192 1.98 -37.90 -18.17
C LEU B 192 2.88 -38.54 -19.23
N VAL B 193 3.61 -39.59 -18.85
CA VAL B 193 4.42 -40.32 -19.82
C VAL B 193 3.54 -40.87 -20.94
N GLN B 194 2.36 -41.38 -20.59
CA GLN B 194 1.50 -42.02 -21.58
C GLN B 194 1.07 -41.05 -22.67
N THR B 195 0.44 -39.94 -22.28
CA THR B 195 0.00 -38.96 -23.26
C THR B 195 1.18 -38.30 -23.98
N TYR B 196 2.39 -38.40 -23.44
CA TYR B 196 3.56 -37.87 -24.13
C TYR B 196 4.03 -38.82 -25.24
N ASN B 197 4.13 -40.11 -24.93
CA ASN B 197 4.58 -41.08 -25.93
C ASN B 197 3.50 -41.40 -26.95
N GLN B 198 2.25 -40.99 -26.71
CA GLN B 198 1.21 -41.09 -27.71
C GLN B 198 1.33 -40.00 -28.77
N LEU B 199 2.09 -38.95 -28.47
CA LEU B 199 2.32 -37.84 -29.40
C LEU B 199 3.68 -37.88 -30.05
N PHE B 200 4.64 -38.59 -29.44
CA PHE B 200 6.01 -38.67 -29.95
C PHE B 200 6.39 -40.15 -30.06
N GLU B 201 5.78 -40.83 -31.03
CA GLU B 201 6.06 -42.24 -31.25
C GLU B 201 7.56 -42.50 -31.42
N GLU B 202 8.23 -41.66 -32.23
CA GLU B 202 9.61 -41.94 -32.59
C GLU B 202 10.57 -41.73 -31.43
N ASN B 203 10.29 -40.76 -30.55
CA ASN B 203 11.19 -40.38 -29.46
C ASN B 203 10.49 -40.66 -28.13
N PRO B 204 10.49 -41.91 -27.67
CA PRO B 204 9.80 -42.24 -26.42
C PRO B 204 10.72 -42.16 -25.21
N ILE B 205 10.09 -42.03 -24.04
CA ILE B 205 10.79 -42.00 -22.75
C ILE B 205 10.56 -43.33 -22.05
N ASN B 206 11.63 -43.91 -21.53
CA ASN B 206 11.54 -45.11 -20.68
C ASN B 206 11.54 -44.65 -19.23
N ALA B 207 10.35 -44.68 -18.61
CA ALA B 207 10.20 -44.31 -17.22
C ALA B 207 10.28 -45.51 -16.28
N SER B 208 10.93 -46.59 -16.72
CA SER B 208 11.03 -47.79 -15.90
C SER B 208 12.05 -47.61 -14.79
N GLY B 209 11.74 -48.14 -13.61
CA GLY B 209 12.60 -48.02 -12.45
C GLY B 209 12.57 -46.67 -11.78
N VAL B 210 11.88 -45.69 -12.34
CA VAL B 210 11.88 -44.33 -11.81
C VAL B 210 10.84 -44.24 -10.69
N ASP B 211 11.31 -43.98 -9.47
CA ASP B 211 10.42 -43.79 -8.32
C ASP B 211 9.87 -42.36 -8.38
N ALA B 212 8.81 -42.21 -9.17
CA ALA B 212 8.21 -40.89 -9.33
C ALA B 212 7.61 -40.38 -8.03
N LYS B 213 7.15 -41.27 -7.16
CA LYS B 213 6.54 -40.85 -5.90
C LYS B 213 7.55 -40.14 -5.01
N ALA B 214 8.67 -40.80 -4.73
CA ALA B 214 9.65 -40.25 -3.80
C ALA B 214 10.33 -39.00 -4.36
N ILE B 215 10.49 -38.92 -5.68
CA ILE B 215 11.26 -37.81 -6.26
C ILE B 215 10.44 -36.52 -6.29
N LEU B 216 9.16 -36.61 -6.64
CA LEU B 216 8.35 -35.42 -6.86
C LEU B 216 7.68 -34.90 -5.59
N SER B 217 7.34 -35.78 -4.65
CA SER B 217 6.79 -35.36 -3.36
C SER B 217 7.86 -35.11 -2.31
N ALA B 218 9.13 -35.13 -2.70
CA ALA B 218 10.21 -34.90 -1.75
C ALA B 218 10.16 -33.48 -1.20
N ARG B 219 10.45 -33.34 0.09
CA ARG B 219 10.52 -32.04 0.75
C ARG B 219 11.74 -31.29 0.20
N LEU B 220 11.58 -30.76 -1.00
CA LEU B 220 12.68 -30.04 -1.65
C LEU B 220 12.11 -28.90 -2.50
N SER B 221 13.03 -28.06 -2.98
CA SER B 221 12.65 -26.96 -3.86
C SER B 221 12.33 -27.50 -5.25
N LYS B 222 11.24 -26.98 -5.83
CA LYS B 222 10.80 -27.38 -7.16
C LYS B 222 11.95 -27.58 -8.14
N SER B 223 12.82 -26.58 -8.28
CA SER B 223 13.90 -26.66 -9.27
C SER B 223 14.75 -27.90 -9.05
N ARG B 224 14.99 -28.28 -7.80
CA ARG B 224 15.82 -29.45 -7.52
C ARG B 224 15.09 -30.74 -7.88
N ARG B 225 13.84 -30.89 -7.44
CA ARG B 225 13.05 -32.06 -7.80
C ARG B 225 13.01 -32.25 -9.31
N LEU B 226 12.80 -31.16 -10.06
CA LEU B 226 12.88 -31.24 -11.51
C LEU B 226 14.19 -31.88 -11.95
N GLU B 227 15.31 -31.38 -11.42
CA GLU B 227 16.61 -31.92 -11.81
C GLU B 227 16.79 -33.34 -11.30
N ASN B 228 16.23 -33.67 -10.13
CA ASN B 228 16.27 -35.05 -9.66
C ASN B 228 15.53 -35.98 -10.62
N LEU B 229 14.29 -35.63 -10.95
CA LEU B 229 13.51 -36.43 -11.88
C LEU B 229 14.25 -36.61 -13.20
N ILE B 230 14.71 -35.50 -13.79
CA ILE B 230 15.37 -35.56 -15.09
C ILE B 230 16.64 -36.40 -15.02
N ALA B 231 17.34 -36.39 -13.88
CA ALA B 231 18.55 -37.17 -13.75
C ALA B 231 18.30 -38.66 -13.95
N GLN B 232 17.08 -39.13 -13.72
CA GLN B 232 16.73 -40.54 -13.90
C GLN B 232 16.29 -40.84 -15.33
N LEU B 233 16.24 -39.83 -16.20
CA LEU B 233 15.84 -40.02 -17.60
C LEU B 233 17.03 -39.68 -18.50
N PRO B 234 17.76 -40.67 -19.00
CA PRO B 234 18.97 -40.35 -19.78
C PRO B 234 18.64 -39.79 -21.15
N GLY B 235 19.46 -38.85 -21.61
CA GLY B 235 19.20 -38.19 -22.87
C GLY B 235 17.96 -37.33 -22.87
N GLU B 236 17.53 -36.87 -21.69
CA GLU B 236 16.40 -35.98 -21.55
C GLU B 236 16.84 -34.83 -20.66
N LYS B 237 16.79 -33.62 -21.20
CA LYS B 237 17.24 -32.44 -20.48
C LYS B 237 16.05 -31.67 -19.95
N LYS B 238 16.25 -30.98 -18.82
CA LYS B 238 15.12 -30.37 -18.12
C LYS B 238 14.43 -29.29 -18.94
N ASN B 239 15.04 -28.81 -20.02
CA ASN B 239 14.42 -27.81 -20.89
C ASN B 239 13.79 -28.42 -22.13
N GLY B 240 13.87 -29.73 -22.31
CA GLY B 240 13.10 -30.40 -23.34
C GLY B 240 11.62 -30.36 -23.01
N LEU B 241 10.81 -30.90 -23.92
CA LEU B 241 9.37 -30.83 -23.73
C LEU B 241 8.96 -31.55 -22.46
N PHE B 242 9.42 -32.78 -22.26
CA PHE B 242 8.99 -33.54 -21.08
C PHE B 242 9.43 -32.85 -19.80
N GLY B 243 10.70 -32.42 -19.76
CA GLY B 243 11.17 -31.69 -18.60
C GLY B 243 10.36 -30.43 -18.34
N ASN B 244 9.99 -29.71 -19.40
CA ASN B 244 9.16 -28.52 -19.25
C ASN B 244 7.77 -28.86 -18.74
N LEU B 245 7.26 -30.07 -19.05
CA LEU B 245 5.98 -30.49 -18.50
C LEU B 245 6.08 -30.76 -17.01
N ILE B 246 6.99 -31.65 -16.62
CA ILE B 246 7.26 -31.89 -15.20
C ILE B 246 7.44 -30.56 -14.48
N ALA B 247 8.28 -29.68 -15.03
CA ALA B 247 8.52 -28.39 -14.42
C ALA B 247 7.24 -27.58 -14.31
N LEU B 248 6.34 -27.73 -15.28
CA LEU B 248 5.03 -27.09 -15.18
C LEU B 248 4.23 -27.66 -14.03
N SER B 249 4.38 -28.96 -13.75
CA SER B 249 3.68 -29.60 -12.66
C SER B 249 4.28 -29.29 -11.30
N LEU B 250 5.56 -28.88 -11.27
CA LEU B 250 6.21 -28.48 -10.03
C LEU B 250 6.00 -27.01 -9.69
N GLY B 251 5.42 -26.23 -10.60
CA GLY B 251 5.08 -24.85 -10.32
C GLY B 251 6.03 -23.81 -10.84
N LEU B 252 7.05 -24.21 -11.60
CA LEU B 252 7.98 -23.24 -12.18
C LEU B 252 7.28 -22.51 -13.33
N THR B 253 8.05 -21.76 -14.12
CA THR B 253 7.52 -21.00 -15.26
C THR B 253 8.15 -21.55 -16.54
N PRO B 254 7.60 -22.63 -17.10
CA PRO B 254 8.20 -23.21 -18.30
C PRO B 254 7.84 -22.43 -19.56
N ASN B 255 8.82 -22.32 -20.45
CA ASN B 255 8.67 -21.65 -21.75
C ASN B 255 8.63 -22.74 -22.81
N PHE B 256 7.42 -23.01 -23.32
CA PHE B 256 7.26 -23.99 -24.39
C PHE B 256 7.53 -23.42 -25.77
N LYS B 257 8.07 -22.20 -25.84
CA LYS B 257 8.41 -21.59 -27.12
C LYS B 257 9.37 -22.48 -27.90
N SER B 258 10.57 -22.71 -27.36
CA SER B 258 11.57 -23.48 -28.07
C SER B 258 11.19 -24.95 -28.22
N ASN B 259 10.29 -25.47 -27.39
CA ASN B 259 9.83 -26.84 -27.59
C ASN B 259 9.08 -26.97 -28.91
N PHE B 260 8.24 -25.99 -29.24
CA PHE B 260 7.38 -26.06 -30.41
C PHE B 260 7.77 -25.04 -31.48
N ASP B 261 9.00 -24.53 -31.42
CA ASP B 261 9.54 -23.65 -32.47
C ASP B 261 8.60 -22.49 -32.76
N LEU B 262 8.18 -21.81 -31.70
CA LEU B 262 7.28 -20.68 -31.83
C LEU B 262 8.06 -19.37 -31.94
N ALA B 263 7.32 -18.30 -32.23
CA ALA B 263 7.83 -16.95 -32.09
C ALA B 263 7.18 -16.19 -30.94
N GLU B 264 5.94 -16.54 -30.61
CA GLU B 264 5.26 -16.03 -29.42
C GLU B 264 5.65 -16.90 -28.23
N ASP B 265 6.24 -16.30 -27.21
CA ASP B 265 6.79 -17.05 -26.09
C ASP B 265 5.66 -17.67 -25.28
N ALA B 266 5.65 -19.01 -25.21
CA ALA B 266 4.65 -19.74 -24.44
C ALA B 266 5.16 -19.97 -23.01
N LYS B 267 5.33 -18.86 -22.29
CA LYS B 267 5.69 -18.87 -20.88
C LYS B 267 4.40 -18.91 -20.08
N LEU B 268 3.96 -20.11 -19.72
CA LEU B 268 2.70 -20.29 -19.01
C LEU B 268 2.94 -21.06 -17.72
N GLN B 269 2.62 -20.43 -16.59
CA GLN B 269 2.69 -21.04 -15.27
C GLN B 269 1.28 -21.32 -14.77
N LEU B 270 1.14 -22.39 -14.00
CA LEU B 270 -0.19 -22.88 -13.62
C LEU B 270 -0.85 -21.99 -12.57
N SER B 271 -0.07 -21.34 -11.72
CA SER B 271 -0.66 -20.55 -10.64
C SER B 271 -1.14 -19.18 -11.13
N LYS B 272 -0.57 -18.65 -12.20
CA LYS B 272 -1.02 -17.38 -12.74
C LYS B 272 -2.47 -17.51 -13.22
N ASP B 273 -3.31 -16.56 -12.79
CA ASP B 273 -4.74 -16.62 -13.10
C ASP B 273 -5.06 -16.42 -14.59
N THR B 274 -4.05 -16.22 -15.44
CA THR B 274 -4.26 -16.15 -16.88
C THR B 274 -3.78 -17.40 -17.61
N TYR B 275 -3.44 -18.46 -16.87
CA TYR B 275 -3.03 -19.71 -17.51
C TYR B 275 -4.13 -20.27 -18.40
N ASP B 276 -5.36 -20.32 -17.87
CA ASP B 276 -6.47 -20.91 -18.62
C ASP B 276 -6.55 -20.32 -20.02
N ASP B 277 -6.28 -19.01 -20.15
CA ASP B 277 -6.28 -18.36 -21.44
C ASP B 277 -4.91 -18.37 -22.11
N ASP B 278 -3.85 -18.63 -21.34
CA ASP B 278 -2.52 -18.78 -21.93
C ASP B 278 -2.39 -20.13 -22.65
N LEU B 279 -3.18 -21.12 -22.25
CA LEU B 279 -3.11 -22.43 -22.89
C LEU B 279 -3.88 -22.44 -24.20
N ASP B 280 -5.16 -22.05 -24.15
CA ASP B 280 -5.95 -21.95 -25.38
C ASP B 280 -5.27 -21.04 -26.39
N ASN B 281 -4.41 -20.13 -25.92
CA ASN B 281 -3.61 -19.31 -26.83
C ASN B 281 -2.48 -20.12 -27.45
N LEU B 282 -1.84 -20.98 -26.66
CA LEU B 282 -0.78 -21.84 -27.18
C LEU B 282 -1.35 -22.96 -28.03
N LEU B 283 -2.41 -23.62 -27.56
CA LEU B 283 -3.01 -24.72 -28.30
C LEU B 283 -3.56 -24.26 -29.66
N ALA B 284 -3.77 -22.96 -29.84
CA ALA B 284 -4.18 -22.41 -31.13
C ALA B 284 -3.02 -22.25 -32.10
N GLN B 285 -1.87 -22.81 -31.75
CA GLN B 285 -0.62 -22.60 -32.48
C GLN B 285 0.14 -23.89 -32.72
N ILE B 286 -0.10 -24.92 -31.92
CA ILE B 286 0.48 -26.24 -32.11
C ILE B 286 -0.58 -27.29 -32.39
N GLY B 287 -1.86 -26.94 -32.31
CA GLY B 287 -2.96 -27.87 -32.54
C GLY B 287 -3.59 -28.34 -31.24
N ASP B 288 -4.63 -29.15 -31.40
CA ASP B 288 -5.43 -29.63 -30.27
C ASP B 288 -5.05 -31.03 -29.82
N GLN B 289 -4.05 -31.63 -30.43
CA GLN B 289 -3.53 -32.91 -29.97
C GLN B 289 -2.65 -32.74 -28.74
N TYR B 290 -2.26 -31.50 -28.42
CA TYR B 290 -1.44 -31.18 -27.25
C TYR B 290 -2.28 -30.72 -26.07
N ALA B 291 -3.61 -30.79 -26.17
CA ALA B 291 -4.47 -30.50 -25.02
C ALA B 291 -4.53 -31.69 -24.06
N ASP B 292 -4.35 -32.92 -24.57
CA ASP B 292 -4.17 -34.07 -23.69
C ASP B 292 -2.98 -33.86 -22.77
N LEU B 293 -1.84 -33.48 -23.35
CA LEU B 293 -0.59 -33.40 -22.60
C LEU B 293 -0.67 -32.33 -21.51
N PHE B 294 -1.03 -31.11 -21.89
CA PHE B 294 -1.06 -30.01 -20.93
C PHE B 294 -2.17 -30.16 -19.91
N LEU B 295 -3.09 -31.11 -20.08
CA LEU B 295 -4.04 -31.45 -19.04
C LEU B 295 -3.48 -32.49 -18.07
N ALA B 296 -2.68 -33.43 -18.59
CA ALA B 296 -1.92 -34.30 -17.70
C ALA B 296 -0.98 -33.50 -16.82
N ALA B 297 -0.46 -32.39 -17.34
CA ALA B 297 0.49 -31.57 -16.60
C ALA B 297 -0.15 -30.95 -15.37
N LYS B 298 -1.35 -30.38 -15.52
CA LYS B 298 -2.01 -29.75 -14.38
C LYS B 298 -2.51 -30.78 -13.38
N ASN B 299 -2.92 -31.96 -13.84
CA ASN B 299 -3.32 -33.03 -12.92
C ASN B 299 -2.15 -33.44 -12.04
N LEU B 300 -0.98 -33.66 -12.65
CA LEU B 300 0.21 -34.00 -11.85
C LEU B 300 0.50 -32.91 -10.82
N SER B 301 0.29 -31.64 -11.19
CA SER B 301 0.51 -30.54 -10.26
C SER B 301 -0.41 -30.63 -9.07
N ASP B 302 -1.66 -31.05 -9.29
CA ASP B 302 -2.63 -31.12 -8.19
C ASP B 302 -2.20 -32.15 -7.15
N ALA B 303 -1.69 -33.31 -7.59
CA ALA B 303 -1.22 -34.31 -6.64
C ALA B 303 0.07 -33.85 -5.95
N ILE B 304 0.97 -33.21 -6.71
CA ILE B 304 2.19 -32.71 -6.09
C ILE B 304 1.87 -31.70 -5.01
N LEU B 305 0.94 -30.78 -5.29
CA LEU B 305 0.54 -29.82 -4.27
C LEU B 305 -0.05 -30.51 -3.05
N LEU B 306 -0.91 -31.53 -3.27
CA LEU B 306 -1.52 -32.22 -2.16
C LEU B 306 -0.51 -33.07 -1.40
N SER B 307 0.52 -33.58 -2.09
CA SER B 307 1.50 -34.42 -1.42
C SER B 307 2.30 -33.66 -0.38
N ASP B 308 2.43 -32.34 -0.54
CA ASP B 308 3.10 -31.54 0.47
C ASP B 308 2.34 -31.56 1.79
N ILE B 309 1.02 -31.73 1.73
CA ILE B 309 0.19 -31.68 2.93
C ILE B 309 -0.02 -33.07 3.54
N LEU B 310 -0.28 -34.09 2.72
CA LEU B 310 -0.86 -35.32 3.23
C LEU B 310 0.15 -36.35 3.70
N ARG B 311 1.26 -36.56 2.97
CA ARG B 311 2.41 -37.27 3.49
C ARG B 311 2.13 -38.72 3.88
N VAL B 312 0.93 -39.25 3.58
CA VAL B 312 0.55 -40.58 4.03
C VAL B 312 -0.28 -41.25 2.94
N ASN B 313 -0.03 -42.55 2.71
CA ASN B 313 -0.81 -43.30 1.74
C ASN B 313 -2.29 -43.25 2.11
N THR B 314 -3.13 -43.03 1.10
CA THR B 314 -4.56 -42.87 1.31
C THR B 314 -5.30 -44.20 1.33
N GLU B 315 -4.59 -45.33 1.27
CA GLU B 315 -5.22 -46.65 1.32
C GLU B 315 -5.05 -47.31 2.68
N ILE B 316 -4.58 -46.56 3.68
CA ILE B 316 -4.54 -47.01 5.07
C ILE B 316 -5.58 -46.33 5.92
N THR B 317 -6.20 -45.25 5.44
CA THR B 317 -7.07 -44.41 6.24
C THR B 317 -7.83 -43.46 5.31
N LYS B 318 -8.99 -43.02 5.78
CA LYS B 318 -9.72 -41.93 5.14
C LYS B 318 -9.45 -40.58 5.80
N ALA B 319 -8.47 -40.51 6.70
CA ALA B 319 -8.08 -39.28 7.37
C ALA B 319 -6.60 -39.03 7.13
N PRO B 320 -6.19 -38.84 5.88
CA PRO B 320 -4.76 -38.65 5.60
C PRO B 320 -4.16 -37.45 6.30
N LEU B 321 -4.95 -36.38 6.51
CA LEU B 321 -4.42 -35.22 7.21
C LEU B 321 -4.15 -35.54 8.68
N SER B 322 -5.18 -35.98 9.41
CA SER B 322 -4.97 -36.40 10.79
C SER B 322 -3.84 -37.42 10.88
N ALA B 323 -3.76 -38.33 9.91
CA ALA B 323 -2.69 -39.32 9.91
C ALA B 323 -1.33 -38.66 9.75
N SER B 324 -1.26 -37.58 8.95
CA SER B 324 0.01 -36.88 8.79
C SER B 324 0.42 -36.16 10.07
N MET B 325 -0.55 -35.60 10.79
CA MET B 325 -0.24 -34.98 12.07
C MET B 325 0.24 -36.01 13.08
N ILE B 326 -0.38 -37.20 13.08
CA ILE B 326 0.05 -38.26 13.97
C ILE B 326 1.49 -38.68 13.63
N LYS B 327 1.83 -38.69 12.34
CA LYS B 327 3.21 -38.96 11.94
C LYS B 327 4.15 -37.91 12.51
N ARG B 328 3.76 -36.63 12.43
CA ARG B 328 4.53 -35.58 13.09
C ARG B 328 4.72 -35.91 14.56
N TYR B 329 3.64 -36.28 15.25
CA TYR B 329 3.72 -36.56 16.68
C TYR B 329 4.64 -37.75 16.97
N ASP B 330 4.50 -38.83 16.19
CA ASP B 330 5.29 -40.03 16.45
C ASP B 330 6.78 -39.77 16.26
N GLU B 331 7.15 -39.14 15.15
CA GLU B 331 8.56 -38.84 14.91
C GLU B 331 9.09 -37.87 15.97
N HIS B 332 8.29 -36.88 16.32
CA HIS B 332 8.63 -36.00 17.44
C HIS B 332 8.94 -36.82 18.69
N HIS B 333 8.10 -37.80 19.00
CA HIS B 333 8.31 -38.62 20.18
C HIS B 333 9.59 -39.45 20.07
N GLN B 334 9.77 -40.15 18.95
CA GLN B 334 10.96 -40.97 18.77
C GLN B 334 12.22 -40.12 18.79
N ASP B 335 12.22 -39.02 18.04
CA ASP B 335 13.41 -38.18 17.95
C ASP B 335 13.75 -37.55 19.30
N LEU B 336 12.74 -37.20 20.10
CA LEU B 336 13.02 -36.61 21.41
C LEU B 336 13.65 -37.64 22.34
N THR B 337 13.20 -38.88 22.29
CA THR B 337 13.82 -39.94 23.08
C THR B 337 15.29 -40.09 22.71
N LEU B 338 15.59 -40.12 21.41
CA LEU B 338 16.97 -40.24 20.97
C LEU B 338 17.79 -39.03 21.40
N LEU B 339 17.29 -37.83 21.10
CA LEU B 339 18.05 -36.62 21.41
C LEU B 339 18.38 -36.56 22.90
N LYS B 340 17.41 -36.89 23.76
CA LYS B 340 17.67 -36.91 25.20
C LYS B 340 18.74 -37.94 25.54
N ALA B 341 18.63 -39.14 24.98
CA ALA B 341 19.62 -40.17 25.22
C ALA B 341 21.01 -39.69 24.79
N LEU B 342 21.12 -39.18 23.57
CA LEU B 342 22.40 -38.71 23.06
C LEU B 342 23.01 -37.66 23.98
N VAL B 343 22.22 -36.68 24.41
CA VAL B 343 22.77 -35.59 25.23
C VAL B 343 23.22 -36.13 26.59
N ARG B 344 22.46 -37.05 27.18
CA ARG B 344 22.89 -37.65 28.44
C ARG B 344 24.28 -38.26 28.31
N GLN B 345 24.51 -39.02 27.25
CA GLN B 345 25.78 -39.75 27.10
C GLN B 345 26.94 -38.79 26.84
N GLN B 346 26.75 -37.82 25.96
CA GLN B 346 27.86 -37.08 25.36
C GLN B 346 28.02 -35.67 25.89
N LEU B 347 26.93 -34.96 26.19
CA LEU B 347 26.98 -33.58 26.69
C LEU B 347 26.11 -33.47 27.94
N PRO B 348 26.50 -34.14 29.03
CA PRO B 348 25.66 -34.11 30.23
C PRO B 348 25.53 -32.74 30.86
N GLU B 349 26.53 -31.86 30.68
CA GLU B 349 26.47 -30.54 31.30
C GLU B 349 25.49 -29.60 30.61
N LYS B 350 24.98 -29.95 29.43
CA LYS B 350 24.05 -29.11 28.70
C LYS B 350 22.61 -29.59 28.76
N TYR B 351 22.35 -30.75 29.38
CA TYR B 351 20.99 -31.26 29.42
C TYR B 351 20.03 -30.27 30.07
N LYS B 352 20.44 -29.70 31.21
CA LYS B 352 19.58 -28.75 31.91
C LYS B 352 19.23 -27.57 31.01
N GLU B 353 20.24 -26.94 30.41
CA GLU B 353 19.99 -25.80 29.54
C GLU B 353 19.01 -26.15 28.44
N ILE B 354 19.16 -27.32 27.83
CA ILE B 354 18.39 -27.65 26.64
C ILE B 354 16.94 -27.95 27.00
N PHE B 355 16.72 -28.75 28.05
CA PHE B 355 15.41 -29.33 28.33
C PHE B 355 14.71 -28.70 29.53
N PHE B 356 15.35 -27.78 30.26
CA PHE B 356 14.72 -27.17 31.41
C PHE B 356 14.62 -25.65 31.35
N ASP B 357 15.59 -24.96 30.75
CA ASP B 357 15.65 -23.51 30.81
C ASP B 357 14.75 -22.91 29.74
N GLN B 358 13.64 -22.30 30.17
CA GLN B 358 12.66 -21.74 29.24
C GLN B 358 13.22 -20.57 28.44
N SER B 359 14.22 -19.87 28.94
CA SER B 359 14.69 -18.62 28.35
C SER B 359 15.78 -18.82 27.30
N LYS B 360 16.09 -20.06 26.93
CA LYS B 360 17.35 -20.33 26.23
C LYS B 360 17.17 -21.06 24.89
N ASN B 361 15.98 -21.04 24.31
CA ASN B 361 15.76 -21.47 22.93
C ASN B 361 16.08 -22.94 22.70
N GLY B 362 16.35 -23.71 23.75
CA GLY B 362 16.46 -25.14 23.61
C GLY B 362 15.09 -25.77 23.48
N TYR B 363 14.96 -27.06 23.80
CA TYR B 363 13.66 -27.71 23.71
C TYR B 363 12.67 -27.11 24.69
N ALA B 364 13.13 -26.64 25.85
CA ALA B 364 12.22 -26.07 26.84
C ALA B 364 11.66 -24.74 26.34
N GLY B 365 12.51 -23.85 25.84
CA GLY B 365 12.02 -22.62 25.24
C GLY B 365 11.09 -22.90 24.07
N TYR B 366 11.39 -23.95 23.31
CA TYR B 366 10.56 -24.31 22.16
C TYR B 366 9.17 -24.75 22.60
N ILE B 367 9.09 -25.59 23.63
CA ILE B 367 7.79 -26.09 24.09
C ILE B 367 7.16 -25.13 25.10
N ASP B 368 7.94 -24.61 26.05
CA ASP B 368 7.39 -23.81 27.14
C ASP B 368 7.64 -22.32 27.00
N GLY B 369 8.75 -21.91 26.38
CA GLY B 369 9.13 -20.51 26.28
C GLY B 369 8.61 -19.84 25.03
N GLY B 370 9.39 -18.87 24.55
CA GLY B 370 8.97 -18.07 23.41
C GLY B 370 9.71 -18.38 22.13
N ALA B 371 10.31 -19.56 22.03
CA ALA B 371 11.13 -19.91 20.86
C ALA B 371 10.25 -20.47 19.75
N SER B 372 10.44 -19.94 18.55
CA SER B 372 9.79 -20.46 17.36
C SER B 372 10.47 -21.75 16.91
N GLN B 373 9.82 -22.46 15.98
CA GLN B 373 10.48 -23.60 15.35
C GLN B 373 11.80 -23.19 14.73
N GLU B 374 11.83 -22.01 14.10
CA GLU B 374 13.03 -21.53 13.44
C GLU B 374 14.14 -21.24 14.45
N GLU B 375 13.80 -20.52 15.52
CA GLU B 375 14.79 -20.21 16.55
C GLU B 375 15.29 -21.47 17.24
N PHE B 376 14.42 -22.47 17.42
CA PHE B 376 14.85 -23.71 18.06
C PHE B 376 15.85 -24.47 17.18
N TYR B 377 15.58 -24.55 15.88
CA TYR B 377 16.52 -25.21 14.99
C TYR B 377 17.88 -24.54 15.01
N LYS B 378 17.90 -23.21 14.98
CA LYS B 378 19.15 -22.47 15.05
C LYS B 378 19.94 -22.81 16.33
N PHE B 379 19.24 -23.12 17.42
CA PHE B 379 19.91 -23.35 18.70
C PHE B 379 20.56 -24.72 18.76
N ILE B 380 19.84 -25.77 18.32
CA ILE B 380 20.39 -27.12 18.38
C ILE B 380 21.15 -27.52 17.13
N LYS B 381 21.16 -26.68 16.08
CA LYS B 381 21.91 -27.04 14.88
C LYS B 381 23.34 -27.40 15.20
N PRO B 382 24.14 -26.52 15.82
CA PRO B 382 25.51 -26.90 16.17
C PRO B 382 25.59 -27.95 17.27
N ILE B 383 24.55 -28.07 18.10
CA ILE B 383 24.55 -29.13 19.11
C ILE B 383 24.47 -30.49 18.44
N LEU B 384 23.67 -30.60 17.38
CA LEU B 384 23.59 -31.86 16.64
C LEU B 384 24.87 -32.12 15.85
N GLU B 385 25.41 -31.09 15.21
CA GLU B 385 26.63 -31.26 14.43
C GLU B 385 27.79 -31.70 15.31
N LYS B 386 27.95 -31.05 16.47
CA LYS B 386 29.05 -31.38 17.36
C LYS B 386 29.03 -32.84 17.76
N MET B 387 27.86 -33.35 18.14
CA MET B 387 27.74 -34.67 18.74
C MET B 387 27.86 -35.77 17.68
N ASP B 388 27.83 -37.01 18.15
CA ASP B 388 27.87 -38.20 17.31
C ASP B 388 26.49 -38.86 17.29
N GLY B 389 26.16 -39.44 16.14
CA GLY B 389 24.90 -40.16 16.00
C GLY B 389 23.69 -39.28 15.72
N THR B 390 23.90 -38.08 15.19
CA THR B 390 22.82 -37.15 14.89
C THR B 390 22.65 -36.92 13.39
N GLU B 391 23.12 -37.86 12.57
CA GLU B 391 23.07 -37.67 11.13
C GLU B 391 21.65 -37.42 10.65
N GLU B 392 20.72 -38.31 11.03
CA GLU B 392 19.36 -38.21 10.53
C GLU B 392 18.59 -37.07 11.19
N LEU B 393 18.92 -36.74 12.45
CA LEU B 393 18.31 -35.56 13.08
C LEU B 393 18.70 -34.30 12.33
N LEU B 394 19.94 -34.24 11.81
CA LEU B 394 20.36 -33.10 11.00
C LEU B 394 19.66 -33.10 9.65
N VAL B 395 19.44 -34.28 9.06
CA VAL B 395 18.68 -34.35 7.82
C VAL B 395 17.29 -33.75 8.02
N LYS B 396 16.60 -34.18 9.07
CA LYS B 396 15.25 -33.68 9.32
C LYS B 396 15.26 -32.19 9.65
N LEU B 397 16.34 -31.69 10.24
CA LEU B 397 16.42 -30.27 10.57
C LEU B 397 16.49 -29.42 9.31
N ASN B 398 17.20 -29.89 8.29
CA ASN B 398 17.32 -29.15 7.05
C ASN B 398 16.14 -29.35 6.11
N ARG B 399 15.26 -30.31 6.40
CA ARG B 399 13.96 -30.42 5.75
C ARG B 399 12.88 -29.63 6.49
N GLU B 400 13.24 -28.91 7.55
CA GLU B 400 12.27 -28.28 8.42
C GLU B 400 11.23 -29.30 8.90
N ASP B 401 11.73 -30.44 9.37
CA ASP B 401 10.87 -31.58 9.68
C ASP B 401 11.31 -32.30 10.96
N LEU B 402 11.96 -31.58 11.88
CA LEU B 402 12.44 -32.16 13.13
C LEU B 402 11.56 -31.69 14.28
N LEU B 403 11.18 -32.63 15.16
CA LEU B 403 10.52 -32.30 16.42
C LEU B 403 9.36 -31.33 16.20
N ARG B 404 8.57 -31.61 15.17
CA ARG B 404 7.53 -30.69 14.74
C ARG B 404 6.31 -30.75 15.66
N LYS B 405 5.76 -29.58 15.95
CA LYS B 405 4.41 -29.50 16.48
C LYS B 405 3.43 -29.80 15.34
N GLN B 406 2.14 -29.88 15.65
CA GLN B 406 1.15 -30.08 14.60
C GLN B 406 0.25 -28.88 14.38
N ARG B 407 0.23 -27.91 15.30
CA ARG B 407 -0.35 -26.59 15.05
C ARG B 407 0.80 -25.65 14.71
N THR B 408 0.93 -25.32 13.43
CA THR B 408 2.13 -24.66 12.94
C THR B 408 1.78 -23.64 11.87
N PHE B 409 2.72 -22.71 11.69
CA PHE B 409 2.56 -21.60 10.75
C PHE B 409 2.27 -22.04 9.33
N ASP B 410 2.66 -23.25 8.95
CA ASP B 410 2.53 -23.68 7.56
C ASP B 410 1.25 -24.42 7.26
N ASN B 411 0.35 -24.58 8.25
CA ASN B 411 -0.95 -25.18 7.97
C ASN B 411 -1.87 -24.29 7.16
N GLY B 412 -1.46 -23.05 6.86
CA GLY B 412 -2.24 -22.21 5.98
C GLY B 412 -2.45 -22.81 4.61
N SER B 413 -1.63 -23.81 4.24
CA SER B 413 -1.78 -24.53 2.97
C SER B 413 -3.03 -25.39 2.92
N ILE B 414 -3.60 -25.76 4.06
CA ILE B 414 -4.63 -26.80 4.09
C ILE B 414 -5.93 -26.25 3.52
N PRO B 415 -6.46 -26.84 2.44
CA PRO B 415 -7.77 -26.43 1.95
C PRO B 415 -8.90 -27.01 2.80
N HIS B 416 -10.03 -26.31 2.82
CA HIS B 416 -11.13 -26.75 3.66
C HIS B 416 -11.70 -28.09 3.19
N GLN B 417 -11.53 -28.42 1.91
CA GLN B 417 -12.10 -29.66 1.39
C GLN B 417 -11.57 -30.88 2.15
N ILE B 418 -10.37 -30.80 2.72
CA ILE B 418 -9.80 -31.98 3.35
C ILE B 418 -10.24 -32.09 4.81
N HIS B 419 -10.47 -30.96 5.51
CA HIS B 419 -11.18 -31.05 6.77
C HIS B 419 -12.61 -31.52 6.56
N LEU B 420 -13.26 -31.04 5.48
CA LEU B 420 -14.60 -31.50 5.15
C LEU B 420 -14.64 -33.00 4.94
N GLY B 421 -13.61 -33.54 4.28
CA GLY B 421 -13.59 -34.97 4.03
C GLY B 421 -13.59 -35.78 5.32
N GLU B 422 -12.86 -35.30 6.33
CA GLU B 422 -12.87 -35.98 7.63
C GLU B 422 -14.19 -35.75 8.36
N LEU B 423 -14.71 -34.53 8.32
CA LEU B 423 -16.01 -34.24 8.94
C LEU B 423 -17.09 -35.14 8.36
N HIS B 424 -17.16 -35.21 7.03
CA HIS B 424 -18.18 -36.03 6.38
C HIS B 424 -18.05 -37.50 6.78
N ALA B 425 -16.82 -37.99 6.87
CA ALA B 425 -16.63 -39.41 7.16
C ALA B 425 -17.03 -39.72 8.60
N ILE B 426 -16.72 -38.82 9.54
CA ILE B 426 -17.15 -39.03 10.92
C ILE B 426 -18.66 -39.05 11.00
N LEU B 427 -19.32 -38.17 10.24
CA LEU B 427 -20.79 -38.11 10.28
C LEU B 427 -21.41 -39.38 9.72
N ARG B 428 -20.88 -39.90 8.60
CA ARG B 428 -21.43 -41.13 8.04
C ARG B 428 -21.17 -42.33 8.96
N ARG B 429 -20.06 -42.30 9.69
CA ARG B 429 -19.76 -43.37 10.62
C ARG B 429 -20.72 -43.36 11.80
N GLN B 430 -20.95 -42.20 12.40
CA GLN B 430 -21.69 -42.12 13.65
C GLN B 430 -23.18 -41.86 13.46
N GLU B 431 -23.61 -41.41 12.28
CA GLU B 431 -25.04 -41.28 12.03
C GLU B 431 -25.75 -42.64 12.03
N ASP B 432 -25.00 -43.74 11.98
CA ASP B 432 -25.61 -45.06 12.12
C ASP B 432 -26.14 -45.32 13.53
N PHE B 433 -25.63 -44.57 14.52
CA PHE B 433 -26.03 -44.75 15.92
C PHE B 433 -26.82 -43.59 16.48
N TYR B 434 -26.68 -42.39 15.91
CA TYR B 434 -27.40 -41.21 16.41
C TYR B 434 -28.32 -40.66 15.33
N PRO B 435 -29.64 -40.85 15.43
CA PRO B 435 -30.53 -40.38 14.37
C PRO B 435 -30.40 -38.89 14.07
N PHE B 436 -30.05 -38.06 15.05
CA PHE B 436 -30.00 -36.62 14.79
C PHE B 436 -28.81 -36.23 13.94
N LEU B 437 -27.75 -37.04 13.94
CA LEU B 437 -26.63 -36.75 13.05
C LEU B 437 -27.00 -37.04 11.59
N LYS B 438 -27.80 -38.09 11.35
CA LYS B 438 -28.30 -38.35 10.01
C LYS B 438 -29.18 -37.21 9.52
N ASP B 439 -30.07 -36.71 10.37
CA ASP B 439 -30.97 -35.65 9.97
C ASP B 439 -30.26 -34.32 9.80
N ASN B 440 -29.15 -34.11 10.50
CA ASN B 440 -28.42 -32.85 10.48
C ASN B 440 -27.06 -32.97 9.81
N ARG B 441 -26.80 -34.07 9.10
CA ARG B 441 -25.51 -34.24 8.43
CA ARG B 441 -25.51 -34.25 8.42
C ARG B 441 -25.22 -33.09 7.48
N GLU B 442 -26.12 -32.83 6.54
CA GLU B 442 -25.89 -31.76 5.57
C GLU B 442 -25.85 -30.40 6.26
N LYS B 443 -26.73 -30.19 7.24
CA LYS B 443 -26.68 -28.96 8.04
C LYS B 443 -25.28 -28.73 8.60
N ILE B 444 -24.70 -29.77 9.21
CA ILE B 444 -23.41 -29.64 9.85
C ILE B 444 -22.32 -29.42 8.80
N GLU B 445 -22.37 -30.18 7.70
CA GLU B 445 -21.44 -29.94 6.60
C GLU B 445 -21.53 -28.50 6.12
N LYS B 446 -22.73 -27.93 6.08
CA LYS B 446 -22.91 -26.56 5.62
C LYS B 446 -22.26 -25.56 6.57
N ILE B 447 -22.18 -25.88 7.87
CA ILE B 447 -21.50 -24.98 8.81
C ILE B 447 -20.04 -24.82 8.42
N LEU B 448 -19.36 -25.94 8.15
CA LEU B 448 -17.96 -25.87 7.75
C LEU B 448 -17.80 -25.16 6.42
N THR B 449 -18.74 -25.40 5.50
CA THR B 449 -18.54 -25.12 4.09
C THR B 449 -18.99 -23.72 3.68
N PHE B 450 -19.90 -23.10 4.42
CA PHE B 450 -20.53 -21.86 3.98
C PHE B 450 -19.64 -20.65 4.24
N ARG B 451 -19.49 -19.80 3.21
CA ARG B 451 -18.95 -18.46 3.35
C ARG B 451 -19.97 -17.45 2.88
N ILE B 452 -19.99 -16.29 3.51
CA ILE B 452 -20.65 -15.14 2.88
C ILE B 452 -19.85 -14.75 1.64
N PRO B 453 -20.45 -14.66 0.46
CA PRO B 453 -19.70 -14.20 -0.70
C PRO B 453 -19.14 -12.80 -0.47
N TYR B 454 -17.92 -12.57 -0.97
CA TYR B 454 -17.32 -11.24 -0.87
C TYR B 454 -18.22 -10.19 -1.50
N TYR B 455 -19.03 -10.56 -2.51
CA TYR B 455 -19.89 -9.62 -3.20
C TYR B 455 -21.23 -9.41 -2.51
N VAL B 456 -21.45 -10.02 -1.35
CA VAL B 456 -22.67 -9.79 -0.58
C VAL B 456 -22.40 -8.85 0.61
N GLY B 457 -21.26 -9.01 1.26
CA GLY B 457 -20.88 -8.12 2.34
C GLY B 457 -21.56 -8.46 3.66
N PRO B 458 -21.45 -7.55 4.63
CA PRO B 458 -22.03 -7.83 5.95
C PRO B 458 -23.55 -8.02 5.89
N LEU B 459 -24.04 -8.96 6.68
CA LEU B 459 -25.46 -9.31 6.70
C LEU B 459 -26.23 -8.36 7.62
N ALA B 460 -26.18 -7.07 7.24
CA ALA B 460 -26.69 -6.02 8.10
C ALA B 460 -28.20 -5.86 7.94
N ARG B 461 -28.77 -5.08 8.85
CA ARG B 461 -30.18 -4.72 8.82
C ARG B 461 -30.33 -3.23 9.11
N GLY B 462 -29.64 -2.41 8.32
CA GLY B 462 -29.85 -0.98 8.32
C GLY B 462 -28.93 -0.16 9.19
N ASN B 463 -28.05 -0.79 9.98
CA ASN B 463 -27.18 -0.06 10.90
C ASN B 463 -25.70 -0.26 10.58
N SER B 464 -25.37 -0.56 9.33
CA SER B 464 -23.98 -0.71 8.91
C SER B 464 -23.69 0.26 7.78
N ARG B 465 -22.72 1.16 8.01
CA ARG B 465 -22.33 2.04 6.92
CA ARG B 465 -22.17 2.05 7.00
C ARG B 465 -21.58 1.31 5.82
N PHE B 466 -21.18 0.05 6.03
CA PHE B 466 -20.43 -0.71 5.05
C PHE B 466 -21.28 -1.64 4.19
N ALA B 467 -22.52 -1.90 4.59
CA ALA B 467 -23.31 -2.97 3.99
C ALA B 467 -24.08 -2.48 2.78
N TRP B 468 -24.34 -3.42 1.86
CA TRP B 468 -25.15 -3.15 0.67
C TRP B 468 -26.13 -4.26 0.35
N MET B 469 -26.09 -5.40 1.03
CA MET B 469 -26.88 -6.55 0.60
C MET B 469 -28.36 -6.31 0.89
N THR B 470 -29.19 -6.88 0.03
CA THR B 470 -30.64 -6.81 0.19
C THR B 470 -31.18 -8.21 0.41
N ARG B 471 -32.33 -8.28 1.08
CA ARG B 471 -32.94 -9.55 1.45
C ARG B 471 -34.18 -9.81 0.60
N LYS B 472 -34.40 -11.08 0.27
CA LYS B 472 -35.62 -11.51 -0.40
C LYS B 472 -36.79 -11.61 0.56
N SER B 473 -36.53 -11.75 1.86
CA SER B 473 -37.58 -11.76 2.87
C SER B 473 -36.95 -11.37 4.20
N GLU B 474 -37.77 -10.75 5.06
CA GLU B 474 -37.29 -10.25 6.35
C GLU B 474 -37.30 -11.38 7.37
N GLU B 475 -36.13 -12.00 7.56
CA GLU B 475 -35.95 -13.01 8.58
C GLU B 475 -34.46 -13.25 8.77
N THR B 476 -34.12 -13.85 9.91
CA THR B 476 -32.73 -14.07 10.26
C THR B 476 -32.06 -14.97 9.23
N ILE B 477 -30.86 -14.58 8.80
CA ILE B 477 -30.09 -15.37 7.84
C ILE B 477 -29.29 -16.43 8.59
N THR B 478 -29.32 -17.65 8.09
CA THR B 478 -28.51 -18.75 8.61
C THR B 478 -27.68 -19.30 7.46
N PRO B 479 -26.69 -20.17 7.72
CA PRO B 479 -25.97 -20.80 6.61
C PRO B 479 -26.87 -21.64 5.73
N TRP B 480 -28.02 -22.09 6.24
CA TRP B 480 -28.88 -23.03 5.53
C TRP B 480 -30.00 -22.38 4.73
N ASN B 481 -30.43 -21.17 5.11
CA ASN B 481 -31.46 -20.45 4.37
C ASN B 481 -30.87 -19.28 3.57
N PHE B 482 -29.55 -19.18 3.49
CA PHE B 482 -28.89 -18.02 2.89
C PHE B 482 -29.38 -17.79 1.47
N GLU B 483 -29.36 -18.82 0.63
CA GLU B 483 -29.76 -18.67 -0.76
C GLU B 483 -31.20 -18.19 -0.89
N GLU B 484 -32.06 -18.55 0.06
CA GLU B 484 -33.46 -18.20 0.00
C GLU B 484 -33.77 -16.83 0.61
N VAL B 485 -33.00 -16.41 1.61
CA VAL B 485 -33.29 -15.14 2.28
C VAL B 485 -32.52 -13.99 1.64
N VAL B 486 -31.25 -14.20 1.31
CA VAL B 486 -30.45 -13.14 0.69
C VAL B 486 -30.75 -13.10 -0.81
N ASP B 487 -30.92 -11.90 -1.33
CA ASP B 487 -31.06 -11.68 -2.77
C ASP B 487 -29.66 -11.55 -3.36
N LYS B 488 -29.05 -12.69 -3.68
CA LYS B 488 -27.66 -12.69 -4.13
C LYS B 488 -27.49 -11.89 -5.43
N GLY B 489 -28.41 -12.08 -6.38
CA GLY B 489 -28.32 -11.34 -7.63
C GLY B 489 -28.29 -9.85 -7.42
N ALA B 490 -29.28 -9.32 -6.69
CA ALA B 490 -29.32 -7.89 -6.42
C ALA B 490 -28.09 -7.45 -5.63
N SER B 491 -27.60 -8.31 -4.73
CA SER B 491 -26.47 -7.94 -3.90
C SER B 491 -25.18 -7.87 -4.71
N ALA B 492 -24.93 -8.90 -5.54
CA ALA B 492 -23.74 -8.89 -6.38
C ALA B 492 -23.73 -7.70 -7.32
N GLN B 493 -24.91 -7.27 -7.77
CA GLN B 493 -25.00 -6.12 -8.65
C GLN B 493 -24.68 -4.83 -7.90
N SER B 494 -25.22 -4.68 -6.69
CA SER B 494 -24.93 -3.49 -5.89
C SER B 494 -23.45 -3.42 -5.53
N PHE B 495 -22.84 -4.56 -5.25
CA PHE B 495 -21.41 -4.59 -4.95
C PHE B 495 -20.63 -3.79 -5.98
N ILE B 496 -20.93 -3.99 -7.26
CA ILE B 496 -20.22 -3.27 -8.32
C ILE B 496 -20.79 -1.88 -8.51
N GLU B 497 -22.12 -1.77 -8.65
CA GLU B 497 -22.71 -0.51 -9.10
C GLU B 497 -22.57 0.61 -8.07
N ARG B 498 -22.40 0.28 -6.78
CA ARG B 498 -22.12 1.32 -5.80
C ARG B 498 -20.72 1.89 -5.95
N MET B 499 -19.89 1.32 -6.82
CA MET B 499 -18.52 1.78 -7.00
C MET B 499 -18.23 2.34 -8.40
N THR B 500 -19.05 2.05 -9.39
CA THR B 500 -18.75 2.40 -10.78
C THR B 500 -19.26 3.80 -11.13
N ASN B 501 -18.55 4.44 -12.05
CA ASN B 501 -18.93 5.76 -12.52
C ASN B 501 -20.23 5.73 -13.31
N PHE B 502 -20.97 6.82 -13.23
CA PHE B 502 -21.98 7.14 -14.24
C PHE B 502 -21.33 7.92 -15.37
N ASP B 503 -21.96 7.87 -16.54
CA ASP B 503 -21.48 8.64 -17.69
C ASP B 503 -21.59 10.13 -17.38
N LYS B 504 -20.45 10.83 -17.40
CA LYS B 504 -20.47 12.24 -17.04
C LYS B 504 -21.29 13.07 -18.02
N ASN B 505 -21.36 12.66 -19.29
CA ASN B 505 -22.14 13.39 -20.26
C ASN B 505 -23.63 13.15 -20.09
N LEU B 506 -24.02 11.98 -19.60
CA LEU B 506 -25.41 11.63 -19.31
C LEU B 506 -25.43 11.05 -17.90
N PRO B 507 -25.43 11.93 -16.88
CA PRO B 507 -25.15 11.46 -15.51
C PRO B 507 -26.11 10.40 -14.97
N ASN B 508 -27.25 10.18 -15.63
CA ASN B 508 -28.18 9.14 -15.20
C ASN B 508 -27.92 7.79 -15.85
N GLU B 509 -26.99 7.71 -16.80
CA GLU B 509 -26.77 6.49 -17.55
C GLU B 509 -25.57 5.74 -17.01
N LYS B 510 -25.71 4.42 -16.90
CA LYS B 510 -24.60 3.58 -16.49
C LYS B 510 -23.55 3.49 -17.60
N VAL B 511 -22.29 3.47 -17.17
CA VAL B 511 -21.18 3.26 -18.09
C VAL B 511 -21.21 1.84 -18.64
N LEU B 512 -20.77 1.67 -19.90
CA LEU B 512 -20.74 0.36 -20.53
C LEU B 512 -19.58 -0.49 -20.00
N PRO B 513 -19.70 -1.81 -20.07
CA PRO B 513 -18.52 -2.66 -19.81
C PRO B 513 -17.40 -2.30 -20.77
N LYS B 514 -16.17 -2.29 -20.24
CA LYS B 514 -14.99 -2.03 -21.08
C LYS B 514 -14.97 -2.96 -22.28
N HIS B 515 -15.37 -4.22 -22.10
CA HIS B 515 -15.26 -5.25 -23.12
C HIS B 515 -16.54 -5.42 -23.92
N SER B 516 -17.51 -4.52 -23.77
CA SER B 516 -18.71 -4.53 -24.60
C SER B 516 -18.35 -4.47 -26.08
N LEU B 517 -19.03 -5.29 -26.89
CA LEU B 517 -18.85 -5.25 -28.34
C LEU B 517 -19.10 -3.85 -28.88
N LEU B 518 -20.20 -3.23 -28.44
CA LEU B 518 -20.53 -1.88 -28.89
C LEU B 518 -19.46 -0.88 -28.49
N TYR B 519 -18.92 -1.00 -27.27
CA TYR B 519 -17.88 -0.09 -26.84
C TYR B 519 -16.63 -0.24 -27.69
N GLU B 520 -16.29 -1.47 -28.07
CA GLU B 520 -15.10 -1.68 -28.87
C GLU B 520 -15.32 -1.25 -30.32
N TYR B 521 -16.54 -1.36 -30.84
CA TYR B 521 -16.85 -0.75 -32.14
C TYR B 521 -16.62 0.76 -32.07
N PHE B 522 -17.17 1.42 -31.05
CA PHE B 522 -16.98 2.85 -30.89
C PHE B 522 -15.50 3.21 -30.89
N THR B 523 -14.70 2.46 -30.13
CA THR B 523 -13.30 2.86 -29.96
C THR B 523 -12.50 2.63 -31.25
N VAL B 524 -12.82 1.56 -31.99
CA VAL B 524 -12.14 1.32 -33.26
C VAL B 524 -12.52 2.39 -34.28
N TYR B 525 -13.82 2.66 -34.41
CA TYR B 525 -14.27 3.64 -35.40
C TYR B 525 -13.80 5.04 -35.06
N ASN B 526 -13.74 5.38 -33.77
CA ASN B 526 -13.26 6.70 -33.38
C ASN B 526 -11.81 6.92 -33.83
N GLU B 527 -10.98 5.89 -33.66
CA GLU B 527 -9.59 5.97 -34.11
C GLU B 527 -9.51 5.92 -35.63
N LEU B 528 -10.35 5.10 -36.26
CA LEU B 528 -10.27 4.89 -37.70
C LEU B 528 -10.61 6.17 -38.47
N THR B 529 -11.60 6.93 -37.99
CA THR B 529 -12.08 8.08 -38.77
C THR B 529 -11.02 9.15 -38.96
N LYS B 530 -9.98 9.16 -38.14
CA LYS B 530 -8.94 10.16 -38.24
C LYS B 530 -7.68 9.64 -38.90
N VAL B 531 -7.71 8.42 -39.45
CA VAL B 531 -6.67 7.98 -40.36
C VAL B 531 -6.80 8.73 -41.68
N LYS B 532 -5.66 9.09 -42.27
CA LYS B 532 -5.62 9.63 -43.62
C LYS B 532 -4.54 8.90 -44.41
N TYR B 533 -4.66 8.94 -45.72
CA TYR B 533 -3.72 8.27 -46.62
C TYR B 533 -3.46 9.16 -47.82
N VAL B 534 -2.30 8.95 -48.45
CA VAL B 534 -1.93 9.60 -49.71
C VAL B 534 -1.26 8.58 -50.61
N THR B 535 -1.46 8.74 -51.91
CA THR B 535 -0.71 8.05 -52.95
C THR B 535 -0.11 9.08 -53.90
N GLU B 536 0.62 8.58 -54.90
CA GLU B 536 1.27 9.44 -55.87
C GLU B 536 0.30 10.45 -56.47
N GLY B 537 -0.74 9.95 -57.15
CA GLY B 537 -1.62 10.81 -57.91
C GLY B 537 -2.26 11.92 -57.11
N MET B 538 -2.97 11.54 -56.04
CA MET B 538 -3.72 12.50 -55.25
C MET B 538 -2.83 13.62 -54.73
N ARG B 539 -3.37 14.84 -54.74
CA ARG B 539 -2.64 16.03 -54.35
C ARG B 539 -2.64 16.29 -52.85
N LYS B 540 -3.43 15.55 -52.08
CA LYS B 540 -3.60 15.83 -50.66
C LYS B 540 -4.07 14.57 -49.97
N PRO B 541 -3.65 14.29 -48.73
CA PRO B 541 -4.21 13.15 -48.01
C PRO B 541 -5.71 13.26 -47.84
N ALA B 542 -6.37 12.10 -47.86
CA ALA B 542 -7.82 12.03 -47.72
C ALA B 542 -8.21 11.15 -46.55
N PHE B 543 -9.31 11.51 -45.90
CA PHE B 543 -9.96 10.64 -44.95
C PHE B 543 -10.38 9.33 -45.61
N LEU B 544 -10.57 8.31 -44.77
CA LEU B 544 -11.30 7.12 -45.20
C LEU B 544 -12.78 7.45 -45.32
N SER B 545 -13.42 6.92 -46.37
CA SER B 545 -14.86 7.07 -46.50
C SER B 545 -15.58 6.03 -45.67
N GLY B 546 -16.90 6.19 -45.55
CA GLY B 546 -17.71 5.21 -44.85
C GLY B 546 -17.56 3.82 -45.43
N GLU B 547 -17.55 3.70 -46.76
CA GLU B 547 -17.40 2.39 -47.38
C GLU B 547 -16.00 1.83 -47.14
N GLN B 548 -14.98 2.70 -47.14
CA GLN B 548 -13.62 2.24 -46.87
C GLN B 548 -13.47 1.78 -45.44
N LYS B 549 -14.08 2.48 -44.49
CA LYS B 549 -13.98 2.09 -43.09
C LYS B 549 -14.69 0.77 -42.83
N LYS B 550 -15.90 0.59 -43.35
CA LYS B 550 -16.60 -0.67 -43.21
C LYS B 550 -15.78 -1.82 -43.81
N ALA B 551 -15.21 -1.59 -45.00
CA ALA B 551 -14.40 -2.63 -45.62
C ALA B 551 -13.20 -2.98 -44.75
N ILE B 552 -12.56 -1.97 -44.16
CA ILE B 552 -11.40 -2.23 -43.32
C ILE B 552 -11.79 -2.99 -42.05
N VAL B 553 -12.93 -2.62 -41.45
CA VAL B 553 -13.41 -3.33 -40.27
C VAL B 553 -13.74 -4.78 -40.62
N ASP B 554 -14.43 -4.99 -41.74
CA ASP B 554 -14.83 -6.35 -42.12
C ASP B 554 -13.61 -7.19 -42.50
N LEU B 555 -12.63 -6.61 -43.17
CA LEU B 555 -11.52 -7.37 -43.72
C LEU B 555 -10.38 -7.57 -42.74
N LEU B 556 -10.11 -6.59 -41.87
CA LEU B 556 -8.95 -6.65 -40.99
C LEU B 556 -9.35 -6.78 -39.52
N PHE B 557 -10.17 -5.85 -38.99
CA PHE B 557 -10.45 -5.88 -37.56
C PHE B 557 -11.28 -7.09 -37.16
N LYS B 558 -12.10 -7.61 -38.08
CA LYS B 558 -12.93 -8.78 -37.80
C LYS B 558 -12.26 -10.08 -38.24
N THR B 559 -11.00 -10.05 -38.66
CA THR B 559 -10.23 -11.24 -38.95
C THR B 559 -8.92 -11.32 -38.18
N ASN B 560 -8.47 -10.23 -37.55
CA ASN B 560 -7.26 -10.21 -36.75
C ASN B 560 -7.56 -9.52 -35.43
N ARG B 561 -7.06 -10.11 -34.33
CA ARG B 561 -7.18 -9.45 -33.04
C ARG B 561 -6.55 -8.07 -33.06
N LYS B 562 -5.41 -7.94 -33.73
CA LYS B 562 -4.71 -6.67 -33.89
C LYS B 562 -4.51 -6.36 -35.37
N VAL B 563 -4.52 -5.08 -35.69
CA VAL B 563 -4.39 -4.62 -37.07
C VAL B 563 -3.17 -3.70 -37.12
N THR B 564 -2.12 -4.14 -37.81
CA THR B 564 -0.92 -3.34 -37.99
C THR B 564 -1.07 -2.41 -39.20
N VAL B 565 -0.23 -1.38 -39.23
CA VAL B 565 -0.20 -0.50 -40.38
C VAL B 565 0.23 -1.27 -41.63
N LYS B 566 1.19 -2.19 -41.49
CA LYS B 566 1.59 -3.02 -42.61
C LYS B 566 0.40 -3.78 -43.19
N GLN B 567 -0.42 -4.36 -42.33
CA GLN B 567 -1.62 -5.06 -42.80
C GLN B 567 -2.57 -4.10 -43.50
N LEU B 568 -2.74 -2.90 -42.96
CA LEU B 568 -3.58 -1.92 -43.63
C LEU B 568 -3.06 -1.61 -45.02
N LYS B 569 -1.74 -1.43 -45.15
CA LYS B 569 -1.16 -1.11 -46.45
C LYS B 569 -1.30 -2.28 -47.42
N GLU B 570 -1.01 -3.49 -46.96
CA GLU B 570 -0.88 -4.64 -47.86
C GLU B 570 -2.20 -5.39 -48.04
N ASP B 571 -2.95 -5.60 -46.95
CA ASP B 571 -4.16 -6.39 -47.04
C ASP B 571 -5.39 -5.58 -47.39
N TYR B 572 -5.33 -4.25 -47.31
CA TYR B 572 -6.40 -3.40 -47.84
C TYR B 572 -5.94 -2.58 -49.03
N PHE B 573 -4.96 -1.68 -48.85
CA PHE B 573 -4.68 -0.72 -49.90
C PHE B 573 -4.09 -1.39 -51.14
N LYS B 574 -3.18 -2.34 -50.97
CA LYS B 574 -2.71 -3.11 -52.12
C LYS B 574 -3.83 -3.99 -52.68
N LYS B 575 -4.45 -4.80 -51.81
CA LYS B 575 -5.38 -5.82 -52.29
C LYS B 575 -6.64 -5.19 -52.88
N ILE B 576 -7.21 -4.18 -52.21
CA ILE B 576 -8.49 -3.62 -52.61
C ILE B 576 -8.31 -2.38 -53.49
N GLU B 577 -7.36 -1.51 -53.16
CA GLU B 577 -7.20 -0.26 -53.87
C GLU B 577 -6.08 -0.30 -54.92
N CYS B 578 -5.31 -1.39 -54.98
CA CYS B 578 -4.25 -1.56 -55.96
C CYS B 578 -3.15 -0.51 -55.80
N PHE B 579 -2.89 -0.07 -54.57
CA PHE B 579 -1.76 0.80 -54.27
C PHE B 579 -0.55 -0.06 -53.93
N ASP B 580 0.56 0.15 -54.65
CA ASP B 580 1.81 -0.49 -54.28
C ASP B 580 2.52 0.28 -53.16
N SER B 581 2.26 1.58 -53.05
CA SER B 581 2.82 2.40 -51.99
C SER B 581 1.74 3.35 -51.50
N VAL B 582 1.79 3.66 -50.20
CA VAL B 582 0.80 4.54 -49.60
C VAL B 582 1.35 5.00 -48.25
N GLU B 583 1.11 6.27 -47.94
CA GLU B 583 1.52 6.86 -46.68
C GLU B 583 0.31 7.05 -45.78
N ILE B 584 0.42 6.60 -44.52
CA ILE B 584 -0.67 6.60 -43.55
C ILE B 584 -0.28 7.54 -42.42
N SER B 585 -1.25 8.32 -41.92
CA SER B 585 -0.93 9.39 -40.99
C SER B 585 -1.59 9.29 -39.62
N GLY B 586 -2.73 8.63 -39.48
CA GLY B 586 -3.44 8.69 -38.22
C GLY B 586 -3.12 7.59 -37.20
N VAL B 587 -2.10 6.78 -37.44
CA VAL B 587 -1.83 5.62 -36.60
C VAL B 587 -0.36 5.25 -36.75
N GLU B 588 0.23 4.69 -35.69
CA GLU B 588 1.64 4.34 -35.65
C GLU B 588 1.77 2.85 -35.38
N ASP B 589 2.49 2.15 -36.26
CA ASP B 589 2.81 0.73 -36.11
C ASP B 589 1.57 -0.15 -36.15
N ARG B 590 0.63 0.07 -35.26
CA ARG B 590 -0.59 -0.73 -35.20
C ARG B 590 -1.69 0.08 -34.52
N PHE B 591 -2.93 -0.28 -34.81
CA PHE B 591 -4.06 0.39 -34.19
C PHE B 591 -4.10 0.09 -32.70
N ASN B 592 -4.40 1.12 -31.92
CA ASN B 592 -4.52 0.94 -30.47
C ASN B 592 -5.79 0.18 -30.12
N ALA B 593 -6.91 0.54 -30.74
CA ALA B 593 -8.18 -0.11 -30.49
C ALA B 593 -8.28 -1.40 -31.29
N SER B 594 -9.08 -2.33 -30.76
CA SER B 594 -9.24 -3.64 -31.39
C SER B 594 -10.59 -4.22 -30.99
N LEU B 595 -11.01 -5.24 -31.74
CA LEU B 595 -12.27 -5.94 -31.48
C LEU B 595 -12.00 -7.26 -30.77
N GLY B 596 -11.41 -7.13 -29.57
CA GLY B 596 -11.00 -8.31 -28.82
C GLY B 596 -12.18 -9.22 -28.46
N THR B 597 -13.28 -8.62 -28.01
CA THR B 597 -14.43 -9.43 -27.59
C THR B 597 -15.06 -10.14 -28.77
N TYR B 598 -15.15 -9.46 -29.92
CA TYR B 598 -15.64 -10.10 -31.13
C TYR B 598 -14.89 -11.40 -31.40
N HIS B 599 -13.56 -11.35 -31.31
CA HIS B 599 -12.77 -12.55 -31.56
C HIS B 599 -12.88 -13.56 -30.43
N ASP B 600 -13.04 -13.09 -29.19
CA ASP B 600 -13.30 -14.00 -28.08
C ASP B 600 -14.57 -14.81 -28.32
N LEU B 601 -15.66 -14.12 -28.69
CA LEU B 601 -16.94 -14.81 -28.86
C LEU B 601 -16.99 -15.60 -30.16
N LEU B 602 -16.26 -15.18 -31.20
CA LEU B 602 -16.19 -15.97 -32.41
C LEU B 602 -15.62 -17.35 -32.11
N LYS B 603 -14.59 -17.40 -31.27
CA LYS B 603 -14.00 -18.68 -30.89
C LYS B 603 -14.97 -19.51 -30.05
N ILE B 604 -15.76 -18.86 -29.19
CA ILE B 604 -16.65 -19.60 -28.31
C ILE B 604 -17.88 -20.09 -29.05
N ILE B 605 -18.55 -19.20 -29.79
CA ILE B 605 -19.83 -19.57 -30.41
C ILE B 605 -19.66 -20.05 -31.85
N LYS B 606 -18.55 -19.72 -32.51
CA LYS B 606 -18.24 -20.27 -33.84
C LYS B 606 -19.35 -19.98 -34.84
N ASP B 607 -19.86 -18.74 -34.82
CA ASP B 607 -20.97 -18.37 -35.70
C ASP B 607 -20.80 -16.88 -36.02
N LYS B 608 -19.95 -16.60 -37.00
CA LYS B 608 -19.68 -15.21 -37.40
C LYS B 608 -20.98 -14.49 -37.76
N ASP B 609 -21.84 -15.15 -38.54
CA ASP B 609 -23.09 -14.53 -38.97
C ASP B 609 -23.91 -14.06 -37.77
N PHE B 610 -23.90 -14.83 -36.67
CA PHE B 610 -24.63 -14.42 -35.48
C PHE B 610 -24.04 -13.15 -34.89
N LEU B 611 -22.70 -13.05 -34.85
CA LEU B 611 -22.05 -11.87 -34.30
C LEU B 611 -22.29 -10.65 -35.19
N ASP B 612 -22.34 -10.86 -36.51
CA ASP B 612 -22.51 -9.75 -37.45
C ASP B 612 -23.96 -9.33 -37.63
N ASN B 613 -24.92 -10.12 -37.14
CA ASN B 613 -26.32 -9.81 -37.36
C ASN B 613 -26.78 -8.76 -36.34
N GLU B 614 -27.21 -7.60 -36.86
CA GLU B 614 -27.57 -6.49 -35.98
C GLU B 614 -28.69 -6.87 -35.02
N GLU B 615 -29.54 -7.82 -35.41
CA GLU B 615 -30.67 -8.20 -34.56
C GLU B 615 -30.22 -8.77 -33.23
N ASN B 616 -29.01 -9.31 -33.15
CA ASN B 616 -28.50 -9.94 -31.94
C ASN B 616 -27.73 -8.98 -31.04
N GLU B 617 -27.76 -7.68 -31.35
CA GLU B 617 -26.95 -6.72 -30.62
C GLU B 617 -27.35 -6.67 -29.14
N ASP B 618 -28.65 -6.61 -28.86
CA ASP B 618 -29.11 -6.54 -27.48
C ASP B 618 -28.68 -7.77 -26.68
N ILE B 619 -28.83 -8.95 -27.26
CA ILE B 619 -28.44 -10.19 -26.58
C ILE B 619 -26.95 -10.16 -26.26
N LEU B 620 -26.14 -9.77 -27.25
CA LEU B 620 -24.69 -9.81 -27.05
C LEU B 620 -24.23 -8.78 -26.02
N GLU B 621 -24.88 -7.61 -25.96
CA GLU B 621 -24.56 -6.65 -24.91
C GLU B 621 -24.90 -7.21 -23.54
N ASP B 622 -26.07 -7.85 -23.43
CA ASP B 622 -26.48 -8.41 -22.14
C ASP B 622 -25.56 -9.52 -21.68
N ILE B 623 -25.07 -10.34 -22.63
CA ILE B 623 -24.17 -11.42 -22.28
C ILE B 623 -22.87 -10.86 -21.70
N VAL B 624 -22.27 -9.89 -22.38
CA VAL B 624 -21.01 -9.33 -21.90
C VAL B 624 -21.23 -8.57 -20.60
N LEU B 625 -22.38 -7.94 -20.43
CA LEU B 625 -22.69 -7.29 -19.15
C LEU B 625 -22.71 -8.31 -18.02
N THR B 626 -23.38 -9.44 -18.24
CA THR B 626 -23.38 -10.51 -17.23
C THR B 626 -21.97 -10.99 -16.94
N LEU B 627 -21.18 -11.21 -17.99
CA LEU B 627 -19.79 -11.64 -17.83
C LEU B 627 -18.94 -10.61 -17.10
N THR B 628 -19.31 -9.33 -17.14
CA THR B 628 -18.54 -8.30 -16.47
C THR B 628 -19.04 -8.05 -15.04
N LEU B 629 -20.36 -7.99 -14.86
CA LEU B 629 -20.93 -7.63 -13.58
C LEU B 629 -20.66 -8.70 -12.53
N PHE B 630 -20.66 -9.96 -12.93
CA PHE B 630 -20.58 -11.08 -12.00
C PHE B 630 -19.29 -11.85 -12.20
N GLU B 631 -18.75 -12.37 -11.09
CA GLU B 631 -17.61 -13.28 -11.11
C GLU B 631 -17.99 -14.72 -10.83
N ASP B 632 -19.10 -14.96 -10.14
CA ASP B 632 -19.47 -16.29 -9.71
C ASP B 632 -20.06 -17.10 -10.87
N ARG B 633 -19.48 -18.26 -11.13
CA ARG B 633 -19.86 -19.06 -12.30
C ARG B 633 -21.32 -19.49 -12.23
N GLU B 634 -21.80 -19.87 -11.04
CA GLU B 634 -23.18 -20.31 -10.90
C GLU B 634 -24.14 -19.17 -11.23
N MET B 635 -23.90 -17.99 -10.66
CA MET B 635 -24.76 -16.85 -10.96
C MET B 635 -24.70 -16.46 -12.42
N ILE B 636 -23.50 -16.50 -13.02
CA ILE B 636 -23.38 -16.23 -14.45
C ILE B 636 -24.25 -17.19 -15.24
N GLU B 637 -24.13 -18.49 -14.95
CA GLU B 637 -24.90 -19.51 -15.67
C GLU B 637 -26.39 -19.27 -15.53
N GLU B 638 -26.84 -19.03 -14.30
CA GLU B 638 -28.25 -18.71 -14.07
C GLU B 638 -28.68 -17.50 -14.90
N ARG B 639 -27.79 -16.51 -15.01
CA ARG B 639 -28.08 -15.27 -15.73
C ARG B 639 -28.16 -15.49 -17.24
N LEU B 640 -27.41 -16.46 -17.76
CA LEU B 640 -27.35 -16.72 -19.19
C LEU B 640 -28.41 -17.71 -19.67
N LYS B 641 -29.24 -18.22 -18.76
CA LYS B 641 -30.17 -19.29 -19.13
C LYS B 641 -31.18 -18.86 -20.18
N THR B 642 -31.59 -17.59 -20.17
CA THR B 642 -32.55 -17.13 -21.18
C THR B 642 -32.07 -17.38 -22.60
N TYR B 643 -30.75 -17.52 -22.80
CA TYR B 643 -30.18 -17.71 -24.12
C TYR B 643 -29.75 -19.15 -24.38
N ALA B 644 -30.14 -20.08 -23.49
CA ALA B 644 -29.71 -21.47 -23.62
C ALA B 644 -30.18 -22.08 -24.94
N HIS B 645 -31.36 -21.69 -25.41
CA HIS B 645 -31.91 -22.24 -26.64
C HIS B 645 -31.17 -21.77 -27.89
N LEU B 646 -30.32 -20.75 -27.78
CA LEU B 646 -29.61 -20.21 -28.94
C LEU B 646 -28.27 -20.90 -29.20
N PHE B 647 -27.75 -21.66 -28.24
CA PHE B 647 -26.40 -22.20 -28.33
C PHE B 647 -26.39 -23.67 -27.94
N ASP B 648 -25.35 -24.37 -28.38
CA ASP B 648 -25.12 -25.73 -27.92
C ASP B 648 -24.71 -25.72 -26.45
N ASP B 649 -25.02 -26.82 -25.75
CA ASP B 649 -24.64 -26.92 -24.35
C ASP B 649 -23.14 -26.79 -24.19
N LYS B 650 -22.37 -27.30 -25.15
CA LYS B 650 -20.92 -27.11 -25.14
C LYS B 650 -20.58 -25.62 -25.17
N VAL B 651 -21.22 -24.87 -26.07
CA VAL B 651 -20.95 -23.44 -26.20
C VAL B 651 -21.29 -22.72 -24.89
N MET B 652 -22.48 -22.98 -24.35
CA MET B 652 -22.88 -22.38 -23.09
C MET B 652 -21.81 -22.60 -22.01
N LYS B 653 -21.30 -23.82 -21.91
CA LYS B 653 -20.31 -24.13 -20.89
C LYS B 653 -19.04 -23.29 -21.08
N GLN B 654 -18.67 -23.02 -22.33
CA GLN B 654 -17.52 -22.15 -22.58
C GLN B 654 -17.86 -20.69 -22.31
N LEU B 655 -19.10 -20.28 -22.63
CA LEU B 655 -19.51 -18.91 -22.31
C LEU B 655 -19.45 -18.66 -20.81
N LYS B 656 -19.82 -19.66 -20.01
CA LYS B 656 -19.71 -19.56 -18.56
C LYS B 656 -18.32 -19.11 -18.14
N ARG B 657 -17.29 -19.75 -18.70
CA ARG B 657 -15.91 -19.53 -18.24
C ARG B 657 -15.33 -18.22 -18.73
N ARG B 658 -15.87 -17.66 -19.81
CA ARG B 658 -15.43 -16.37 -20.29
C ARG B 658 -15.76 -15.31 -19.25
N ARG B 659 -14.75 -14.59 -18.77
CA ARG B 659 -14.98 -13.54 -17.80
C ARG B 659 -14.22 -12.28 -18.19
N TYR B 660 -14.83 -11.15 -17.86
CA TYR B 660 -14.29 -9.84 -18.14
C TYR B 660 -14.40 -8.98 -16.89
N THR B 661 -13.50 -8.03 -16.79
CA THR B 661 -13.54 -7.04 -15.70
C THR B 661 -13.30 -5.66 -16.29
N GLY B 662 -13.85 -4.67 -15.66
CA GLY B 662 -13.53 -3.31 -16.05
C GLY B 662 -14.70 -2.65 -16.75
N TRP B 663 -14.74 -1.33 -16.65
CA TRP B 663 -15.83 -0.52 -17.17
C TRP B 663 -15.26 0.61 -18.00
N GLY B 664 -15.96 0.93 -19.09
CA GLY B 664 -15.60 2.07 -19.89
C GLY B 664 -16.01 3.35 -19.21
N ARG B 665 -15.87 4.45 -19.95
CA ARG B 665 -16.20 5.76 -19.44
C ARG B 665 -17.40 6.40 -20.15
N LEU B 666 -18.04 5.68 -21.07
CA LEU B 666 -19.18 6.18 -21.80
C LEU B 666 -20.32 5.18 -21.71
N SER B 667 -21.54 5.68 -21.88
CA SER B 667 -22.75 4.86 -21.81
C SER B 667 -23.22 4.47 -23.20
N ARG B 668 -24.02 3.41 -23.25
CA ARG B 668 -24.61 3.00 -24.51
C ARG B 668 -25.46 4.12 -25.12
N LYS B 669 -26.20 4.83 -24.28
CA LYS B 669 -27.10 5.87 -24.76
C LYS B 669 -26.35 6.99 -25.45
N LEU B 670 -25.21 7.41 -24.87
CA LEU B 670 -24.39 8.43 -25.50
C LEU B 670 -23.80 7.93 -26.81
N ILE B 671 -23.31 6.68 -26.81
CA ILE B 671 -22.55 6.15 -27.94
C ILE B 671 -23.47 5.86 -29.12
N ASN B 672 -24.64 5.26 -28.86
CA ASN B 672 -25.47 4.75 -29.94
C ASN B 672 -26.96 4.80 -29.58
N GLY B 673 -27.37 5.81 -28.81
CA GLY B 673 -28.76 5.98 -28.44
C GLY B 673 -29.29 7.35 -28.80
N ILE B 674 -28.69 8.38 -28.22
CA ILE B 674 -29.07 9.75 -28.58
C ILE B 674 -28.78 9.98 -30.06
N ARG B 675 -29.69 10.67 -30.73
CA ARG B 675 -29.61 10.90 -32.16
C ARG B 675 -29.62 12.39 -32.45
N ASP B 676 -28.87 12.79 -33.48
CA ASP B 676 -28.93 14.17 -33.94
C ASP B 676 -30.26 14.42 -34.65
N LYS B 677 -30.86 15.58 -34.35
CA LYS B 677 -32.21 15.87 -34.80
C LYS B 677 -32.30 15.87 -36.32
N GLN B 678 -31.45 16.66 -36.97
CA GLN B 678 -31.55 16.83 -38.42
C GLN B 678 -31.27 15.53 -39.16
N SER B 679 -30.23 14.81 -38.75
CA SER B 679 -29.81 13.62 -39.48
C SER B 679 -30.46 12.34 -38.97
N GLY B 680 -30.88 12.30 -37.71
CA GLY B 680 -31.35 11.06 -37.13
C GLY B 680 -30.26 10.04 -36.88
N LYS B 681 -29.01 10.50 -36.74
CA LYS B 681 -27.86 9.61 -36.59
C LYS B 681 -27.31 9.69 -35.18
N THR B 682 -26.93 8.55 -34.64
CA THR B 682 -26.25 8.47 -33.36
C THR B 682 -24.79 8.91 -33.51
N ILE B 683 -24.09 8.96 -32.39
CA ILE B 683 -22.64 9.20 -32.43
C ILE B 683 -21.96 8.14 -33.28
N LEU B 684 -22.25 6.87 -33.00
CA LEU B 684 -21.60 5.79 -33.73
C LEU B 684 -21.91 5.87 -35.21
N ASP B 685 -23.14 6.24 -35.57
CA ASP B 685 -23.48 6.46 -36.98
C ASP B 685 -22.52 7.43 -37.63
N PHE B 686 -22.22 8.54 -36.93
CA PHE B 686 -21.30 9.54 -37.50
C PHE B 686 -19.88 8.99 -37.60
N LEU B 687 -19.45 8.20 -36.62
CA LEU B 687 -18.11 7.62 -36.68
C LEU B 687 -17.97 6.68 -37.86
N LYS B 688 -19.04 5.95 -38.20
CA LYS B 688 -19.00 5.06 -39.34
C LYS B 688 -19.05 5.83 -40.66
N SER B 689 -19.76 6.95 -40.71
CA SER B 689 -19.86 7.72 -41.95
C SER B 689 -20.26 9.15 -41.63
N ASP B 690 -19.43 10.11 -42.04
CA ASP B 690 -19.67 11.53 -41.79
C ASP B 690 -19.19 12.35 -42.98
N GLY B 691 -19.82 12.14 -44.13
CA GLY B 691 -19.44 12.85 -45.35
C GLY B 691 -17.96 12.79 -45.63
N PHE B 692 -17.33 13.96 -45.71
CA PHE B 692 -15.88 14.06 -45.88
C PHE B 692 -15.22 14.81 -44.73
N ALA B 693 -15.94 15.04 -43.62
CA ALA B 693 -15.39 15.71 -42.45
C ALA B 693 -14.90 14.73 -41.38
N ASN B 694 -15.48 13.53 -41.29
CA ASN B 694 -15.02 12.48 -40.40
C ASN B 694 -14.85 12.98 -38.97
N ARG B 695 -15.89 13.63 -38.45
CA ARG B 695 -15.83 14.12 -37.08
C ARG B 695 -15.70 12.95 -36.11
N ASN B 696 -14.80 13.09 -35.14
CA ASN B 696 -14.66 12.08 -34.10
C ASN B 696 -15.47 12.49 -32.87
N PHE B 697 -15.37 11.68 -31.82
CA PHE B 697 -16.26 11.84 -30.66
C PHE B 697 -16.12 13.23 -30.05
N MET B 698 -14.89 13.72 -29.86
CA MET B 698 -14.72 15.05 -29.31
C MET B 698 -15.41 16.11 -30.16
N GLN B 699 -15.30 15.99 -31.48
CA GLN B 699 -15.92 16.97 -32.37
C GLN B 699 -17.44 16.86 -32.34
N LEU B 700 -17.97 15.65 -32.49
CA LEU B 700 -19.41 15.45 -32.45
C LEU B 700 -20.01 16.10 -31.21
N ILE B 701 -19.40 15.86 -30.06
CA ILE B 701 -19.95 16.30 -28.77
C ILE B 701 -19.86 17.81 -28.59
N HIS B 702 -19.02 18.50 -29.36
CA HIS B 702 -18.82 19.93 -29.19
C HIS B 702 -19.28 20.75 -30.40
N ASP B 703 -19.92 20.12 -31.38
CA ASP B 703 -20.25 20.79 -32.63
C ASP B 703 -21.62 21.47 -32.53
N ASP B 704 -21.62 22.79 -32.69
CA ASP B 704 -22.86 23.55 -32.51
C ASP B 704 -23.88 23.29 -33.62
N SER B 705 -23.46 22.77 -34.77
CA SER B 705 -24.40 22.47 -35.84
C SER B 705 -25.09 21.11 -35.65
N LEU B 706 -24.71 20.36 -34.62
CA LEU B 706 -25.43 19.16 -34.22
C LEU B 706 -26.05 19.40 -32.84
N THR B 707 -26.98 18.53 -32.48
CA THR B 707 -27.70 18.68 -31.22
C THR B 707 -27.20 17.75 -30.13
N PHE B 708 -26.06 17.09 -30.33
CA PHE B 708 -25.47 16.30 -29.26
C PHE B 708 -25.09 17.19 -28.08
N LYS B 709 -24.39 18.29 -28.37
CA LYS B 709 -23.98 19.22 -27.31
C LYS B 709 -25.19 19.73 -26.54
N GLU B 710 -26.27 20.05 -27.24
CA GLU B 710 -27.47 20.56 -26.59
C GLU B 710 -28.05 19.53 -25.62
N ASP B 711 -28.19 18.29 -26.09
CA ASP B 711 -28.80 17.25 -25.26
C ASP B 711 -27.92 16.90 -24.06
N ILE B 712 -26.60 17.04 -24.19
CA ILE B 712 -25.73 16.77 -23.06
C ILE B 712 -25.88 17.85 -21.99
N GLN B 713 -25.89 19.12 -22.41
CA GLN B 713 -26.17 20.21 -21.49
C GLN B 713 -27.50 19.98 -20.77
N LYS B 714 -28.53 19.62 -21.53
CA LYS B 714 -29.85 19.36 -20.96
C LYS B 714 -29.79 18.28 -19.89
N ALA B 715 -29.09 17.18 -20.18
CA ALA B 715 -29.07 16.02 -19.29
C ALA B 715 -28.29 16.26 -18.00
N GLN B 716 -27.56 17.36 -17.90
CA GLN B 716 -26.74 17.59 -16.72
C GLN B 716 -27.62 17.75 -15.48
N VAL B 717 -27.10 17.29 -14.34
CA VAL B 717 -27.80 17.37 -13.07
C VAL B 717 -27.28 18.56 -12.27
N ASP B 722 -21.56 19.45 -1.29
CA ASP B 722 -20.30 19.03 -0.69
C ASP B 722 -19.73 20.12 0.20
N SER B 723 -19.59 19.81 1.49
CA SER B 723 -18.90 20.72 2.40
C SER B 723 -17.42 20.78 2.06
N LEU B 724 -16.72 21.73 2.68
CA LEU B 724 -15.27 21.82 2.51
C LEU B 724 -14.60 20.52 2.91
N HIS B 725 -14.92 20.01 4.10
CA HIS B 725 -14.30 18.78 4.57
C HIS B 725 -14.63 17.60 3.68
N GLU B 726 -15.91 17.47 3.30
CA GLU B 726 -16.30 16.38 2.40
C GLU B 726 -15.56 16.50 1.07
N HIS B 727 -15.51 17.71 0.50
CA HIS B 727 -14.81 17.90 -0.76
C HIS B 727 -13.38 17.40 -0.68
N ILE B 728 -12.65 17.79 0.38
CA ILE B 728 -11.25 17.42 0.51
C ILE B 728 -11.12 15.93 0.75
N ALA B 729 -11.98 15.37 1.61
CA ALA B 729 -11.93 13.92 1.86
C ALA B 729 -12.12 13.13 0.59
N ASN B 730 -12.93 13.63 -0.35
CA ASN B 730 -13.20 12.91 -1.59
C ASN B 730 -12.11 13.06 -2.64
N LEU B 731 -11.15 13.97 -2.44
CA LEU B 731 -10.05 14.07 -3.38
C LEU B 731 -9.26 12.76 -3.42
N ALA B 732 -8.60 12.52 -4.55
CA ALA B 732 -7.71 11.39 -4.68
C ALA B 732 -6.30 11.81 -4.24
N GLY B 733 -5.74 11.07 -3.30
CA GLY B 733 -4.46 11.42 -2.73
C GLY B 733 -4.30 10.77 -1.37
N SER B 734 -3.09 10.93 -0.83
CA SER B 734 -2.81 10.34 0.47
C SER B 734 -3.60 11.07 1.54
N PRO B 735 -4.26 10.34 2.45
CA PRO B 735 -4.85 11.03 3.62
C PRO B 735 -3.83 11.88 4.36
N ALA B 736 -2.54 11.59 4.23
CA ALA B 736 -1.52 12.42 4.85
C ALA B 736 -1.54 13.84 4.28
N ILE B 737 -1.44 13.96 2.94
CA ILE B 737 -1.42 15.30 2.35
C ILE B 737 -2.77 15.97 2.51
N LYS B 738 -3.86 15.20 2.45
CA LYS B 738 -5.19 15.81 2.56
C LYS B 738 -5.38 16.47 3.92
N LYS B 739 -4.68 16.01 4.95
CA LYS B 739 -4.72 16.69 6.24
C LYS B 739 -4.09 18.08 6.14
N GLY B 740 -2.96 18.18 5.46
CA GLY B 740 -2.34 19.48 5.26
C GLY B 740 -3.20 20.42 4.44
N ILE B 741 -4.00 19.88 3.52
CA ILE B 741 -4.84 20.71 2.67
C ILE B 741 -5.92 21.39 3.49
N LEU B 742 -6.66 20.62 4.29
CA LEU B 742 -7.70 21.21 5.13
C LEU B 742 -7.11 22.25 6.07
N GLN B 743 -5.97 21.93 6.70
CA GLN B 743 -5.35 22.88 7.62
C GLN B 743 -4.94 24.14 6.89
N THR B 744 -4.47 24.01 5.64
CA THR B 744 -4.08 25.19 4.86
C THR B 744 -5.27 26.12 4.66
N VAL B 745 -6.43 25.57 4.34
CA VAL B 745 -7.61 26.41 4.13
C VAL B 745 -7.98 27.14 5.42
N LYS B 746 -7.89 26.46 6.56
CA LYS B 746 -8.23 27.10 7.83
C LYS B 746 -7.22 28.17 8.22
N VAL B 747 -5.94 27.97 7.90
CA VAL B 747 -4.95 29.01 8.15
C VAL B 747 -5.28 30.26 7.34
N VAL B 748 -5.61 30.07 6.05
CA VAL B 748 -5.93 31.21 5.20
C VAL B 748 -7.15 31.94 5.73
N ASP B 749 -8.19 31.20 6.12
CA ASP B 749 -9.37 31.83 6.70
C ASP B 749 -9.01 32.71 7.87
N GLU B 750 -8.15 32.22 8.77
CA GLU B 750 -7.79 33.03 9.94
C GLU B 750 -6.97 34.24 9.55
N LEU B 751 -6.03 34.08 8.60
CA LEU B 751 -5.18 35.21 8.22
C LEU B 751 -6.00 36.33 7.57
N VAL B 752 -6.96 35.96 6.71
CA VAL B 752 -7.84 36.97 6.12
C VAL B 752 -8.60 37.71 7.21
N LYS B 753 -9.10 36.98 8.21
CA LYS B 753 -9.75 37.61 9.35
C LYS B 753 -8.78 38.53 10.09
N VAL B 754 -7.51 38.10 10.23
CA VAL B 754 -6.52 38.91 10.93
C VAL B 754 -6.31 40.23 10.22
N MET B 755 -6.32 40.21 8.89
CA MET B 755 -6.15 41.43 8.10
C MET B 755 -7.45 42.19 7.92
N GLY B 756 -8.37 42.05 8.86
CA GLY B 756 -9.61 42.81 8.85
C GLY B 756 -10.54 42.46 7.70
N ARG B 757 -10.58 41.19 7.31
CA ARG B 757 -11.47 40.68 6.27
C ARG B 757 -11.11 41.19 4.88
N HIS B 758 -9.97 41.87 4.73
CA HIS B 758 -9.49 42.22 3.40
C HIS B 758 -8.80 41.01 2.78
N LYS B 759 -9.04 40.80 1.52
CA LYS B 759 -8.47 39.64 0.86
C LYS B 759 -7.07 39.93 0.34
N PRO B 760 -6.21 38.93 0.27
CA PRO B 760 -4.87 39.13 -0.27
C PRO B 760 -4.89 39.42 -1.76
N GLU B 761 -3.84 40.08 -2.23
CA GLU B 761 -3.62 40.22 -3.66
C GLU B 761 -3.29 38.87 -4.29
N ASN B 762 -2.34 38.16 -3.70
CA ASN B 762 -1.88 36.87 -4.22
C ASN B 762 -1.80 35.88 -3.07
N ILE B 763 -1.99 34.61 -3.42
CA ILE B 763 -1.70 33.48 -2.53
C ILE B 763 -0.76 32.56 -3.29
N VAL B 764 0.42 32.31 -2.73
CA VAL B 764 1.43 31.47 -3.35
C VAL B 764 1.52 30.19 -2.54
N ILE B 765 1.33 29.05 -3.21
CA ILE B 765 1.34 27.76 -2.56
C ILE B 765 2.44 26.91 -3.18
N GLU B 766 3.19 26.23 -2.32
CA GLU B 766 4.12 25.19 -2.72
C GLU B 766 3.79 23.95 -1.92
N MET B 767 3.75 22.80 -2.58
CA MET B 767 3.41 21.54 -1.94
C MET B 767 4.61 20.63 -1.95
N ALA B 768 4.99 20.13 -0.78
CA ALA B 768 6.15 19.26 -0.68
C ALA B 768 5.94 18.00 -1.51
N ARG B 769 7.00 17.56 -2.19
CA ARG B 769 6.97 16.33 -2.97
C ARG B 769 6.79 15.13 -2.04
N GLU B 770 6.04 14.14 -2.52
CA GLU B 770 5.83 12.90 -1.78
C GLU B 770 6.59 11.75 -2.45
N LYS B 779 7.27 -3.92 5.23
CA LYS B 779 6.64 -2.85 4.47
C LYS B 779 7.25 -2.77 3.06
N ASN B 780 8.10 -1.77 2.84
CA ASN B 780 8.78 -1.66 1.55
C ASN B 780 9.80 -2.77 1.37
N SER B 781 10.31 -3.33 2.46
CA SER B 781 11.28 -4.41 2.36
C SER B 781 10.65 -5.68 1.81
N ARG B 782 9.48 -6.06 2.36
CA ARG B 782 8.82 -7.28 1.89
C ARG B 782 8.56 -7.23 0.39
N GLU B 783 8.06 -6.09 -0.10
CA GLU B 783 7.72 -6.00 -1.52
C GLU B 783 8.96 -6.10 -2.40
N ARG B 784 10.11 -5.62 -1.92
CA ARG B 784 11.34 -5.73 -2.71
C ARG B 784 11.75 -7.19 -2.88
N MET B 785 11.67 -7.98 -1.82
CA MET B 785 11.95 -9.41 -1.95
C MET B 785 10.98 -10.08 -2.92
N LYS B 786 9.72 -9.64 -2.91
CA LYS B 786 8.72 -10.27 -3.77
C LYS B 786 9.04 -10.03 -5.23
N ARG B 787 9.35 -8.77 -5.60
CA ARG B 787 9.75 -8.48 -6.98
C ARG B 787 10.87 -9.42 -7.42
N ILE B 788 11.89 -9.57 -6.58
CA ILE B 788 13.08 -10.30 -6.98
C ILE B 788 12.82 -11.81 -7.00
N GLU B 789 12.07 -12.31 -6.02
CA GLU B 789 11.75 -13.73 -5.99
C GLU B 789 11.03 -14.15 -7.26
N GLU B 790 9.91 -13.50 -7.56
CA GLU B 790 9.13 -13.86 -8.73
C GLU B 790 9.84 -13.48 -10.03
N GLY B 791 10.62 -12.41 -10.01
CA GLY B 791 11.36 -12.03 -11.21
C GLY B 791 12.47 -13.02 -11.54
N ILE B 792 13.28 -13.38 -10.54
CA ILE B 792 14.37 -14.33 -10.76
C ILE B 792 13.81 -15.69 -11.18
N LYS B 793 12.67 -16.08 -10.61
CA LYS B 793 12.03 -17.33 -11.02
C LYS B 793 11.51 -17.25 -12.45
N GLU B 794 10.84 -16.15 -12.78
CA GLU B 794 10.45 -15.92 -14.18
C GLU B 794 11.66 -15.93 -15.10
N LEU B 795 12.82 -15.53 -14.57
CA LEU B 795 14.06 -15.53 -15.34
C LEU B 795 14.75 -16.89 -15.33
N GLY B 796 14.30 -17.82 -14.50
CA GLY B 796 14.96 -19.11 -14.38
C GLY B 796 16.36 -19.01 -13.84
N SER B 797 16.68 -17.93 -13.12
CA SER B 797 18.04 -17.69 -12.66
C SER B 797 18.28 -18.38 -11.32
N GLN B 798 19.55 -18.68 -11.06
CA GLN B 798 19.98 -19.35 -9.84
C GLN B 798 20.67 -18.38 -8.88
N ILE B 799 20.54 -17.08 -9.10
CA ILE B 799 21.37 -16.12 -8.38
C ILE B 799 20.96 -16.04 -6.91
N LEU B 800 19.68 -16.27 -6.60
CA LEU B 800 19.26 -16.22 -5.20
C LEU B 800 19.78 -17.41 -4.41
N LYS B 801 20.07 -18.53 -5.09
CA LYS B 801 20.64 -19.68 -4.41
C LYS B 801 22.15 -19.57 -4.27
N GLU B 802 22.81 -18.89 -5.21
CA GLU B 802 24.24 -18.62 -5.08
C GLU B 802 24.52 -17.42 -4.20
N HIS B 803 23.57 -16.50 -4.04
CA HIS B 803 23.75 -15.28 -3.25
C HIS B 803 22.49 -14.99 -2.47
N PRO B 804 22.31 -15.61 -1.30
CA PRO B 804 21.10 -15.39 -0.51
C PRO B 804 21.02 -13.97 0.05
N VAL B 805 19.78 -13.50 0.23
CA VAL B 805 19.52 -12.19 0.80
C VAL B 805 18.35 -12.29 1.78
N GLU B 806 18.20 -11.24 2.59
CA GLU B 806 17.03 -11.00 3.40
C GLU B 806 16.48 -9.63 3.06
N ASN B 807 15.15 -9.51 3.13
CA ASN B 807 14.47 -8.30 2.68
C ASN B 807 15.06 -7.03 3.29
N THR B 808 15.71 -7.11 4.45
CA THR B 808 16.25 -5.91 5.07
C THR B 808 17.46 -5.38 4.33
N GLN B 809 18.25 -6.27 3.70
CA GLN B 809 19.44 -5.83 2.98
C GLN B 809 19.08 -5.09 1.69
N LEU B 810 17.89 -5.32 1.14
CA LEU B 810 17.49 -4.69 -0.10
C LEU B 810 17.20 -3.21 0.04
N GLN B 811 17.30 -2.65 1.25
CA GLN B 811 17.22 -1.20 1.40
C GLN B 811 18.45 -0.52 0.84
N ASN B 812 19.57 -1.23 0.72
CA ASN B 812 20.72 -0.72 0.01
C ASN B 812 20.38 -0.59 -1.48
N GLU B 813 20.49 0.63 -2.00
CA GLU B 813 20.10 0.88 -3.39
C GLU B 813 20.90 0.02 -4.36
N LYS B 814 22.21 -0.10 -4.13
CA LYS B 814 23.08 -0.82 -5.06
C LYS B 814 22.83 -2.32 -5.01
N LEU B 815 22.55 -2.86 -3.83
CA LEU B 815 22.30 -4.29 -3.72
C LEU B 815 20.96 -4.65 -4.35
N TYR B 816 19.95 -3.81 -4.14
CA TYR B 816 18.66 -4.00 -4.79
C TYR B 816 18.81 -4.02 -6.31
N LEU B 817 19.57 -3.07 -6.86
CA LEU B 817 19.77 -3.02 -8.31
C LEU B 817 20.55 -4.22 -8.81
N TYR B 818 21.54 -4.69 -8.03
CA TYR B 818 22.29 -5.88 -8.43
C TYR B 818 21.35 -7.04 -8.70
N TYR B 819 20.39 -7.27 -7.80
CA TYR B 819 19.46 -8.39 -7.96
C TYR B 819 18.42 -8.11 -9.03
N LEU B 820 17.94 -6.87 -9.13
CA LEU B 820 16.97 -6.53 -10.17
C LEU B 820 17.56 -6.71 -11.55
N GLN B 821 18.88 -6.58 -11.68
CA GLN B 821 19.57 -6.75 -12.95
C GLN B 821 20.15 -8.15 -13.11
N ASN B 822 19.71 -9.09 -12.26
CA ASN B 822 20.20 -10.47 -12.30
C ASN B 822 21.73 -10.52 -12.23
N GLY B 823 22.30 -9.59 -11.46
CA GLY B 823 23.72 -9.57 -11.23
C GLY B 823 24.56 -9.17 -12.42
N ARG B 824 24.00 -8.44 -13.37
CA ARG B 824 24.71 -8.05 -14.59
C ARG B 824 24.79 -6.54 -14.69
N ASP B 825 25.77 -6.08 -15.48
CA ASP B 825 25.85 -4.66 -15.79
C ASP B 825 24.74 -4.30 -16.77
N MET B 826 24.05 -3.20 -16.51
CA MET B 826 22.92 -2.82 -17.35
C MET B 826 23.35 -2.21 -18.68
N TYR B 827 24.64 -1.90 -18.86
CA TYR B 827 25.11 -1.23 -20.07
C TYR B 827 26.15 -2.00 -20.88
N VAL B 828 26.63 -3.16 -20.42
CA VAL B 828 27.80 -3.78 -21.03
C VAL B 828 27.62 -5.26 -21.37
N ASP B 829 26.63 -5.96 -20.82
CA ASP B 829 26.46 -7.40 -21.06
C ASP B 829 27.60 -8.18 -20.42
N GLN B 830 27.76 -8.01 -19.11
CA GLN B 830 28.76 -8.72 -18.33
C GLN B 830 28.22 -8.88 -16.92
N GLU B 831 28.70 -9.90 -16.22
CA GLU B 831 28.34 -10.06 -14.82
C GLU B 831 29.02 -8.98 -13.98
N LEU B 832 28.34 -8.56 -12.91
CA LEU B 832 28.92 -7.73 -11.88
C LEU B 832 29.38 -8.62 -10.72
N ASP B 833 30.11 -8.01 -9.79
CA ASP B 833 30.63 -8.70 -8.61
C ASP B 833 29.94 -8.14 -7.36
N ILE B 834 29.24 -9.03 -6.64
CA ILE B 834 28.49 -8.59 -5.46
C ILE B 834 29.40 -7.91 -4.45
N ASN B 835 30.64 -8.38 -4.34
CA ASN B 835 31.56 -7.88 -3.33
C ASN B 835 32.24 -6.58 -3.74
N ARG B 836 31.87 -6.00 -4.88
CA ARG B 836 32.53 -4.83 -5.43
C ARG B 836 31.54 -3.73 -5.76
N LEU B 837 30.40 -3.70 -5.07
CA LEU B 837 29.39 -2.69 -5.38
C LEU B 837 29.87 -1.29 -5.05
N SER B 838 30.81 -1.15 -4.10
CA SER B 838 31.31 0.17 -3.74
C SER B 838 32.09 0.81 -4.89
N ASP B 839 32.66 0.01 -5.78
CA ASP B 839 33.38 0.53 -6.94
C ASP B 839 32.46 0.84 -8.12
N TYR B 840 31.23 0.33 -8.12
CA TYR B 840 30.32 0.50 -9.24
C TYR B 840 29.50 1.77 -9.09
N ASP B 841 28.91 2.20 -10.20
CA ASP B 841 28.14 3.44 -10.27
C ASP B 841 26.66 3.16 -10.37
N VAL B 842 25.86 3.99 -9.70
CA VAL B 842 24.43 4.09 -9.97
C VAL B 842 24.22 5.28 -10.89
N ASP B 843 23.53 5.06 -12.00
CA ASP B 843 23.41 6.05 -13.05
C ASP B 843 21.94 6.27 -13.39
N ALA B 844 21.60 7.52 -13.71
CA ALA B 844 20.25 7.88 -14.09
C ALA B 844 20.07 7.69 -15.59
N ILE B 845 18.98 7.03 -15.97
CA ILE B 845 18.77 6.70 -17.38
C ILE B 845 18.59 7.98 -18.21
N VAL B 846 17.58 8.77 -17.86
CA VAL B 846 17.46 10.13 -18.37
C VAL B 846 18.12 11.06 -17.35
N PRO B 847 19.19 11.79 -17.72
CA PRO B 847 20.01 12.44 -16.71
C PRO B 847 19.20 13.33 -15.78
N GLN B 848 19.64 13.38 -14.51
CA GLN B 848 18.94 14.14 -13.49
C GLN B 848 19.11 15.65 -13.62
N SER B 849 19.86 16.12 -14.62
CA SER B 849 19.82 17.52 -14.97
C SER B 849 18.49 17.87 -15.66
N PHE B 850 17.82 16.89 -16.26
CA PHE B 850 16.55 17.09 -16.93
C PHE B 850 15.38 16.59 -16.08
N LEU B 851 15.43 15.34 -15.64
CA LEU B 851 14.33 14.70 -14.91
C LEU B 851 14.79 14.44 -13.48
N LYS B 852 14.15 15.12 -12.53
CA LYS B 852 14.48 14.96 -11.11
C LYS B 852 13.80 13.70 -10.55
N ASP B 853 14.13 12.56 -11.16
CA ASP B 853 13.61 11.27 -10.74
C ASP B 853 14.68 10.54 -9.96
N ASP B 854 14.37 10.23 -8.69
CA ASP B 854 15.28 9.53 -7.80
C ASP B 854 14.98 8.03 -7.72
N SER B 855 13.89 7.57 -8.32
CA SER B 855 13.41 6.22 -8.09
C SER B 855 14.24 5.19 -8.84
N ILE B 856 14.10 3.93 -8.42
CA ILE B 856 14.63 2.79 -9.16
C ILE B 856 14.22 2.87 -10.62
N ASP B 857 13.07 3.47 -10.89
CA ASP B 857 12.53 3.50 -12.25
C ASP B 857 13.39 4.33 -13.20
N ASN B 858 14.28 5.17 -12.68
CA ASN B 858 15.19 5.96 -13.50
C ASN B 858 16.66 5.67 -13.18
N LYS B 859 16.95 4.60 -12.45
CA LYS B 859 18.30 4.34 -11.98
C LYS B 859 18.75 2.94 -12.40
N VAL B 860 20.06 2.76 -12.41
CA VAL B 860 20.68 1.59 -13.02
C VAL B 860 22.06 1.41 -12.42
N LEU B 861 22.45 0.16 -12.24
CA LEU B 861 23.77 -0.19 -11.71
C LEU B 861 24.67 -0.63 -12.85
N THR B 862 25.83 0.02 -12.97
CA THR B 862 26.77 -0.25 -14.04
C THR B 862 28.19 -0.14 -13.50
N ARG B 863 29.10 -0.90 -14.11
CA ARG B 863 30.50 -0.85 -13.70
C ARG B 863 31.01 0.59 -13.65
N SER B 864 30.78 1.34 -14.72
CA SER B 864 31.24 2.71 -14.82
C SER B 864 30.24 3.48 -15.69
N ASP B 865 29.77 4.62 -15.18
CA ASP B 865 28.78 5.40 -15.91
C ASP B 865 29.31 5.92 -17.24
N LYS B 866 30.63 5.89 -17.45
CA LYS B 866 31.19 6.24 -18.75
C LYS B 866 30.55 5.43 -19.87
N ASN B 867 30.26 4.16 -19.61
CA ASN B 867 29.80 3.25 -20.63
C ASN B 867 28.34 3.45 -21.01
N ARG B 868 27.63 4.37 -20.34
CA ARG B 868 26.30 4.76 -20.81
C ARG B 868 26.37 5.39 -22.19
N GLY B 869 27.49 6.01 -22.53
CA GLY B 869 27.60 6.83 -23.72
C GLY B 869 27.84 8.28 -23.33
N LYS B 870 27.29 9.21 -24.09
CA LYS B 870 27.38 10.62 -23.73
C LYS B 870 26.54 10.89 -22.50
N SER B 871 27.02 11.78 -21.64
CA SER B 871 26.29 12.17 -20.44
C SER B 871 25.18 13.17 -20.71
N ASP B 872 25.14 13.75 -21.91
CA ASP B 872 24.19 14.79 -22.24
C ASP B 872 22.82 14.26 -22.65
N ASN B 873 22.60 12.95 -22.62
CA ASN B 873 21.41 12.39 -23.21
C ASN B 873 21.06 11.06 -22.54
N VAL B 874 20.05 10.41 -23.09
CA VAL B 874 19.65 9.03 -22.78
C VAL B 874 20.78 8.12 -23.26
N PRO B 875 20.85 6.86 -22.82
CA PRO B 875 21.96 6.00 -23.26
C PRO B 875 22.02 5.87 -24.78
N SER B 876 23.24 5.76 -25.29
CA SER B 876 23.51 5.85 -26.72
C SER B 876 22.89 4.69 -27.48
N GLU B 877 22.77 4.88 -28.80
CA GLU B 877 22.24 3.83 -29.67
C GLU B 877 23.08 2.57 -29.59
N GLU B 878 24.40 2.71 -29.58
CA GLU B 878 25.29 1.55 -29.52
C GLU B 878 24.94 0.66 -28.33
N VAL B 879 24.71 1.28 -27.16
CA VAL B 879 24.36 0.50 -25.98
C VAL B 879 22.98 -0.13 -26.15
N VAL B 880 22.02 0.62 -26.67
CA VAL B 880 20.68 0.07 -26.90
C VAL B 880 20.78 -1.16 -27.80
N LYS B 881 21.57 -1.06 -28.86
CA LYS B 881 21.75 -2.19 -29.77
C LYS B 881 22.29 -3.41 -29.04
N LYS B 882 23.27 -3.20 -28.16
CA LYS B 882 23.90 -4.31 -27.46
C LYS B 882 22.97 -4.94 -26.43
N MET B 883 22.19 -4.12 -25.74
CA MET B 883 21.54 -4.53 -24.49
C MET B 883 20.04 -4.68 -24.57
N LYS B 884 19.41 -4.26 -25.68
CA LYS B 884 17.95 -4.21 -25.72
C LYS B 884 17.33 -5.59 -25.46
N ASN B 885 17.93 -6.65 -26.00
CA ASN B 885 17.37 -7.98 -25.80
C ASN B 885 17.45 -8.40 -24.34
N TYR B 886 18.56 -8.11 -23.68
CA TYR B 886 18.69 -8.42 -22.25
C TYR B 886 17.73 -7.58 -21.42
N TRP B 887 17.55 -6.30 -21.79
CA TRP B 887 16.55 -5.47 -21.12
C TRP B 887 15.15 -6.07 -21.29
N ARG B 888 14.88 -6.68 -22.45
CA ARG B 888 13.56 -7.24 -22.71
C ARG B 888 13.23 -8.35 -21.73
N GLN B 889 14.19 -9.23 -21.46
CA GLN B 889 13.96 -10.29 -20.48
C GLN B 889 13.66 -9.70 -19.10
N LEU B 890 14.46 -8.73 -18.67
CA LEU B 890 14.16 -8.03 -17.42
C LEU B 890 12.75 -7.44 -17.46
N LEU B 891 12.36 -6.87 -18.60
CA LEU B 891 11.01 -6.35 -18.75
C LEU B 891 9.97 -7.45 -18.55
N ASN B 892 10.16 -8.58 -19.23
CA ASN B 892 9.20 -9.68 -19.12
C ASN B 892 9.25 -10.35 -17.75
N ALA B 893 10.33 -10.18 -17.01
CA ALA B 893 10.40 -10.67 -15.63
C ALA B 893 9.92 -9.64 -14.62
N LYS B 894 9.46 -8.48 -15.07
CA LYS B 894 8.97 -7.41 -14.19
C LYS B 894 10.08 -6.91 -13.26
N LEU B 895 11.34 -7.19 -13.59
CA LEU B 895 12.46 -6.64 -12.83
C LEU B 895 12.83 -5.24 -13.29
N ILE B 896 12.44 -4.87 -14.51
CA ILE B 896 12.33 -3.47 -14.90
C ILE B 896 10.91 -3.25 -15.39
N THR B 897 10.57 -1.96 -15.51
CA THR B 897 9.21 -1.55 -15.81
C THR B 897 9.17 -0.97 -17.21
N GLN B 898 7.97 -0.96 -17.80
CA GLN B 898 7.83 -0.48 -19.18
C GLN B 898 8.35 0.95 -19.31
N ARG B 899 8.03 1.81 -18.34
CA ARG B 899 8.57 3.17 -18.33
C ARG B 899 10.09 3.17 -18.39
N LYS B 900 10.71 2.31 -17.59
CA LYS B 900 12.18 2.24 -17.53
C LYS B 900 12.75 1.69 -18.83
N PHE B 901 12.08 0.68 -19.40
CA PHE B 901 12.52 0.13 -20.68
C PHE B 901 12.44 1.18 -21.79
N ASP B 902 11.34 1.95 -21.82
CA ASP B 902 11.16 2.93 -22.88
C ASP B 902 12.23 4.02 -22.80
N ASN B 903 12.62 4.43 -21.60
CA ASN B 903 13.67 5.43 -21.47
C ASN B 903 15.04 4.85 -21.81
N LEU B 904 15.30 3.60 -21.41
CA LEU B 904 16.57 2.97 -21.76
C LEU B 904 16.76 2.88 -23.26
N THR B 905 15.67 2.67 -24.00
CA THR B 905 15.73 2.44 -25.44
C THR B 905 15.46 3.69 -26.26
N LYS B 906 15.35 4.86 -25.62
CA LYS B 906 14.88 6.04 -26.33
C LYS B 906 15.82 6.47 -27.46
N ALA B 907 17.10 6.10 -27.40
CA ALA B 907 18.04 6.56 -28.42
C ALA B 907 17.71 6.01 -29.81
N GLU B 908 17.09 4.83 -29.89
CA GLU B 908 16.67 4.30 -31.17
C GLU B 908 15.41 4.98 -31.69
N ARG B 909 14.82 5.90 -30.92
CA ARG B 909 13.70 6.71 -31.35
C ARG B 909 14.08 8.19 -31.41
N GLY B 910 15.37 8.47 -31.58
CA GLY B 910 15.86 9.83 -31.65
C GLY B 910 16.43 10.38 -30.37
N GLY B 911 16.39 9.62 -29.28
CA GLY B 911 16.89 10.11 -28.02
C GLY B 911 16.06 11.28 -27.51
N LEU B 912 16.74 12.21 -26.83
CA LEU B 912 16.09 13.39 -26.26
C LEU B 912 16.19 14.54 -27.25
N SER B 913 15.08 14.86 -27.91
CA SER B 913 15.05 16.01 -28.80
C SER B 913 15.23 17.29 -27.99
N GLU B 914 15.50 18.39 -28.69
CA GLU B 914 15.58 19.68 -28.03
C GLU B 914 14.24 20.06 -27.44
N LEU B 915 13.14 19.60 -28.03
CA LEU B 915 11.82 19.83 -27.46
C LEU B 915 11.66 19.07 -26.15
N ASP B 916 12.11 17.82 -26.10
CA ASP B 916 12.07 17.05 -24.86
C ASP B 916 12.83 17.75 -23.75
N LYS B 917 14.02 18.27 -24.07
CA LYS B 917 14.83 18.95 -23.07
C LYS B 917 14.12 20.18 -22.52
N ALA B 918 13.59 21.02 -23.41
CA ALA B 918 12.85 22.20 -22.97
C ALA B 918 11.68 21.81 -22.08
N GLY B 919 10.96 20.76 -22.45
CA GLY B 919 9.87 20.29 -21.61
C GLY B 919 10.32 19.98 -20.20
N PHE B 920 11.42 19.22 -20.06
CA PHE B 920 11.88 18.82 -18.73
C PHE B 920 12.26 20.03 -17.88
N ILE B 921 12.81 21.08 -18.49
CA ILE B 921 13.25 22.23 -17.70
C ILE B 921 12.05 23.02 -17.18
N LYS B 922 11.03 23.23 -18.02
CA LYS B 922 9.86 23.94 -17.53
C LYS B 922 9.06 23.08 -16.56
N ARG B 923 9.12 21.75 -16.72
CA ARG B 923 8.51 20.86 -15.74
C ARG B 923 9.13 21.01 -14.37
N GLN B 924 10.43 21.34 -14.31
CA GLN B 924 11.08 21.59 -13.03
C GLN B 924 10.57 22.85 -12.34
N LEU B 925 9.91 23.73 -13.08
CA LEU B 925 9.44 25.00 -12.55
C LEU B 925 7.93 25.12 -12.49
N VAL B 926 7.20 24.48 -13.40
CA VAL B 926 5.75 24.59 -13.48
C VAL B 926 5.13 23.34 -12.87
N GLU B 927 4.41 23.52 -11.77
CA GLU B 927 3.75 22.42 -11.08
C GLU B 927 2.60 21.88 -11.92
N THR B 928 2.54 20.55 -12.09
CA THR B 928 1.46 19.91 -12.83
C THR B 928 0.72 18.83 -12.05
N ARG B 929 1.07 18.59 -10.78
CA ARG B 929 0.36 17.56 -10.03
C ARG B 929 -1.10 17.93 -9.87
N GLN B 930 -1.98 16.94 -10.11
CA GLN B 930 -3.41 17.16 -9.95
C GLN B 930 -3.74 17.63 -8.54
N ILE B 931 -3.07 17.06 -7.53
CA ILE B 931 -3.46 17.36 -6.15
C ILE B 931 -3.18 18.83 -5.83
N THR B 932 -2.11 19.40 -6.39
CA THR B 932 -1.82 20.81 -6.14
C THR B 932 -2.82 21.70 -6.85
N LYS B 933 -3.23 21.31 -8.07
CA LYS B 933 -4.27 22.06 -8.77
C LYS B 933 -5.57 22.08 -7.97
N HIS B 934 -5.89 20.97 -7.30
CA HIS B 934 -7.10 20.93 -6.48
C HIS B 934 -7.01 21.94 -5.34
N VAL B 935 -5.85 22.04 -4.68
CA VAL B 935 -5.68 23.04 -3.63
C VAL B 935 -5.85 24.44 -4.20
N ALA B 936 -5.25 24.70 -5.36
CA ALA B 936 -5.38 26.02 -5.97
C ALA B 936 -6.84 26.30 -6.33
N GLN B 937 -7.53 25.32 -6.90
CA GLN B 937 -8.94 25.48 -7.21
C GLN B 937 -9.74 25.80 -5.96
N ILE B 938 -9.52 25.06 -4.87
CA ILE B 938 -10.27 25.28 -3.64
C ILE B 938 -10.07 26.71 -3.14
N LEU B 939 -8.81 27.16 -3.09
CA LEU B 939 -8.54 28.51 -2.63
C LEU B 939 -9.10 29.55 -3.59
N ASP B 940 -8.99 29.28 -4.89
CA ASP B 940 -9.48 30.25 -5.87
C ASP B 940 -11.00 30.42 -5.77
N SER B 941 -11.73 29.30 -5.68
CA SER B 941 -13.18 29.39 -5.63
C SER B 941 -13.68 29.92 -4.29
N ARG B 942 -12.87 29.85 -3.24
CA ARG B 942 -13.26 30.46 -1.97
C ARG B 942 -13.00 31.95 -1.95
N MET B 943 -11.97 32.41 -2.64
CA MET B 943 -11.61 33.83 -2.65
C MET B 943 -12.36 34.62 -3.72
N ASN B 944 -12.60 34.02 -4.88
CA ASN B 944 -13.14 34.73 -6.05
C ASN B 944 -14.58 34.27 -6.29
N THR B 945 -15.55 35.11 -5.92
CA THR B 945 -16.95 34.74 -5.95
C THR B 945 -17.83 35.67 -6.78
N LYS B 946 -17.31 36.80 -7.25
CA LYS B 946 -18.13 37.78 -7.97
C LYS B 946 -17.88 37.70 -9.47
N TYR B 947 -18.92 38.06 -10.23
CA TYR B 947 -18.88 38.01 -11.69
C TYR B 947 -19.11 39.39 -12.27
N ASP B 948 -18.55 39.63 -13.45
CA ASP B 948 -18.58 40.94 -14.06
C ASP B 948 -19.76 41.04 -15.03
N GLU B 949 -19.78 42.12 -15.83
CA GLU B 949 -20.94 42.40 -16.69
C GLU B 949 -21.11 41.38 -17.80
N ASN B 950 -20.06 40.63 -18.14
CA ASN B 950 -20.14 39.57 -19.13
C ASN B 950 -20.30 38.20 -18.48
N ASP B 951 -20.69 38.16 -17.21
CA ASP B 951 -20.92 36.91 -16.48
C ASP B 951 -19.65 36.08 -16.37
N LYS B 952 -18.50 36.74 -16.30
CA LYS B 952 -17.21 36.08 -16.16
C LYS B 952 -16.64 36.35 -14.77
N LEU B 953 -16.01 35.32 -14.20
CA LEU B 953 -15.51 35.42 -12.83
C LEU B 953 -14.53 36.57 -12.69
N ILE B 954 -14.62 37.28 -11.58
CA ILE B 954 -13.67 38.35 -11.24
C ILE B 954 -12.62 37.75 -10.32
N ARG B 955 -11.37 37.76 -10.77
CA ARG B 955 -10.26 37.16 -10.02
C ARG B 955 -9.57 38.28 -9.25
N GLU B 956 -10.10 38.57 -8.05
CA GLU B 956 -9.46 39.54 -7.17
C GLU B 956 -8.18 38.97 -6.59
N VAL B 957 -8.14 37.67 -6.37
CA VAL B 957 -7.02 36.99 -5.73
C VAL B 957 -6.38 36.08 -6.76
N LYS B 958 -5.09 36.27 -7.00
CA LYS B 958 -4.32 35.38 -7.87
C LYS B 958 -3.74 34.26 -7.01
N VAL B 959 -4.09 33.02 -7.34
CA VAL B 959 -3.54 31.85 -6.66
C VAL B 959 -2.39 31.33 -7.52
N ILE B 960 -1.17 31.44 -6.98
CA ILE B 960 0.06 31.07 -7.67
C ILE B 960 0.58 29.78 -7.06
N THR B 961 1.02 28.85 -7.91
CA THR B 961 1.62 27.60 -7.46
C THR B 961 3.05 27.52 -7.98
N LEU B 962 4.00 27.32 -7.07
CA LEU B 962 5.40 27.14 -7.42
C LEU B 962 5.86 25.74 -7.01
N LYS B 963 6.88 25.25 -7.69
CA LYS B 963 7.58 24.04 -7.27
C LYS B 963 8.70 24.41 -6.31
N SER B 964 9.01 23.47 -5.41
CA SER B 964 9.97 23.73 -4.35
C SER B 964 11.33 24.17 -4.90
N LYS B 965 11.66 23.77 -6.14
CA LYS B 965 12.98 24.06 -6.68
C LYS B 965 13.24 25.56 -6.77
N LEU B 966 12.21 26.36 -7.08
CA LEU B 966 12.42 27.79 -7.27
C LEU B 966 12.96 28.44 -6.00
N VAL B 967 12.28 28.26 -4.87
CA VAL B 967 12.76 28.83 -3.62
C VAL B 967 14.05 28.17 -3.19
N SER B 968 14.20 26.87 -3.46
CA SER B 968 15.42 26.17 -3.09
C SER B 968 16.65 26.78 -3.77
N ASP B 969 16.56 27.00 -5.08
CA ASP B 969 17.66 27.63 -5.81
C ASP B 969 17.85 29.07 -5.35
N PHE B 970 16.76 29.77 -5.04
CA PHE B 970 16.86 31.11 -4.51
C PHE B 970 17.67 31.14 -3.23
N ARG B 971 17.36 30.22 -2.30
CA ARG B 971 18.09 30.17 -1.03
C ARG B 971 19.58 29.99 -1.26
N LYS B 972 19.96 29.12 -2.20
CA LYS B 972 21.38 28.81 -2.41
C LYS B 972 22.10 29.94 -3.12
N ASP B 973 21.48 30.51 -4.17
CA ASP B 973 22.16 31.54 -4.95
C ASP B 973 22.42 32.79 -4.13
N PHE B 974 21.56 33.10 -3.16
CA PHE B 974 21.71 34.30 -2.35
C PHE B 974 21.97 33.99 -0.88
N GLN B 975 22.30 32.74 -0.56
CA GLN B 975 22.79 32.35 0.76
C GLN B 975 21.78 32.65 1.86
N PHE B 976 20.54 32.22 1.63
CA PHE B 976 19.53 32.12 2.68
C PHE B 976 19.36 30.64 3.00
N TYR B 977 20.41 30.06 3.57
CA TYR B 977 20.53 28.61 3.68
C TYR B 977 19.53 28.03 4.67
N LYS B 978 19.09 26.81 4.38
CA LYS B 978 18.17 26.07 5.23
C LYS B 978 18.94 24.95 5.93
N VAL B 979 18.85 24.92 7.27
CA VAL B 979 19.33 23.80 8.05
C VAL B 979 18.15 23.34 8.93
N ARG B 980 17.57 22.20 8.56
CA ARG B 980 16.26 21.81 9.08
C ARG B 980 16.30 21.54 10.58
N GLU B 981 17.38 20.95 11.08
CA GLU B 981 17.38 20.42 12.44
C GLU B 981 17.68 21.46 13.50
N ILE B 982 17.87 22.72 13.13
CA ILE B 982 18.13 23.76 14.14
C ILE B 982 16.84 24.10 14.88
N ASN B 983 15.72 24.15 14.17
CA ASN B 983 14.41 24.42 14.75
C ASN B 983 13.38 24.24 13.64
N ASN B 984 12.14 24.62 13.90
CA ASN B 984 11.06 24.47 12.94
C ASN B 984 10.80 25.75 12.12
N TYR B 985 11.66 26.76 12.24
CA TYR B 985 11.42 28.01 11.54
C TYR B 985 11.48 27.86 10.03
N HIS B 986 12.18 26.85 9.51
CA HIS B 986 12.38 26.74 8.08
C HIS B 986 11.06 26.54 7.34
N HIS B 987 10.09 25.87 7.98
CA HIS B 987 8.76 25.75 7.38
C HIS B 987 8.16 27.12 7.12
N ALA B 988 8.26 28.02 8.09
CA ALA B 988 7.70 29.36 7.95
C ALA B 988 8.53 30.20 6.97
N HIS B 989 9.86 30.06 7.03
CA HIS B 989 10.71 30.77 6.08
C HIS B 989 10.44 30.33 4.65
N ASP B 990 10.18 29.03 4.46
CA ASP B 990 9.82 28.54 3.12
C ASP B 990 8.58 29.28 2.60
N ALA B 991 7.56 29.41 3.45
CA ALA B 991 6.32 30.06 3.00
C ALA B 991 6.55 31.53 2.69
N TYR B 992 7.34 32.22 3.51
CA TYR B 992 7.69 33.60 3.21
C TYR B 992 8.39 33.70 1.85
N LEU B 993 9.41 32.88 1.64
CA LEU B 993 10.15 32.94 0.38
C LEU B 993 9.25 32.60 -0.80
N ASN B 994 8.31 31.67 -0.61
CA ASN B 994 7.33 31.39 -1.65
C ASN B 994 6.57 32.65 -2.03
N ALA B 995 6.09 33.40 -1.02
CA ALA B 995 5.35 34.63 -1.30
C ALA B 995 6.23 35.66 -2.00
N VAL B 996 7.48 35.80 -1.57
CA VAL B 996 8.37 36.79 -2.15
C VAL B 996 8.68 36.44 -3.61
N VAL B 997 9.24 35.26 -3.82
CA VAL B 997 9.64 34.84 -5.17
C VAL B 997 8.42 34.76 -6.08
N GLY B 998 7.29 34.30 -5.55
CA GLY B 998 6.12 34.12 -6.39
C GLY B 998 5.54 35.43 -6.89
N THR B 999 5.38 36.41 -5.99
CA THR B 999 4.81 37.68 -6.39
C THR B 999 5.77 38.45 -7.30
N ALA B 1000 7.07 38.39 -7.01
CA ALA B 1000 8.04 39.07 -7.87
C ALA B 1000 8.11 38.45 -9.25
N LEU B 1001 7.91 37.13 -9.34
CA LEU B 1001 7.99 36.45 -10.63
C LEU B 1001 6.90 36.95 -11.57
N ILE B 1002 5.64 36.92 -11.14
CA ILE B 1002 4.56 37.32 -12.03
C ILE B 1002 4.58 38.84 -12.23
N LYS B 1003 5.09 39.58 -11.25
CA LYS B 1003 5.28 41.02 -11.45
C LYS B 1003 6.28 41.28 -12.57
N LYS B 1004 7.34 40.48 -12.63
CA LYS B 1004 8.36 40.66 -13.67
C LYS B 1004 7.85 40.19 -15.02
N TYR B 1005 7.12 39.08 -15.05
CA TYR B 1005 6.66 38.45 -16.29
C TYR B 1005 5.17 38.15 -16.18
N PRO B 1006 4.32 39.16 -16.36
CA PRO B 1006 2.87 38.91 -16.24
C PRO B 1006 2.34 37.94 -17.27
N LYS B 1007 3.08 37.72 -18.36
CA LYS B 1007 2.66 36.75 -19.36
C LYS B 1007 2.70 35.33 -18.82
N LEU B 1008 3.54 35.08 -17.81
CA LEU B 1008 3.64 33.76 -17.20
C LEU B 1008 2.45 33.41 -16.33
N GLU B 1009 1.50 34.32 -16.14
CA GLU B 1009 0.31 34.00 -15.37
C GLU B 1009 -0.38 32.74 -15.90
N SER B 1010 -0.34 32.53 -17.21
CA SER B 1010 -0.98 31.35 -17.79
C SER B 1010 -0.47 30.07 -17.15
N GLU B 1011 0.84 29.99 -16.89
CA GLU B 1011 1.44 28.78 -16.34
C GLU B 1011 1.39 28.70 -14.82
N PHE B 1012 1.34 29.84 -14.13
CA PHE B 1012 1.52 29.86 -12.69
C PHE B 1012 0.28 30.25 -11.89
N VAL B 1013 -0.71 30.89 -12.52
CA VAL B 1013 -1.89 31.39 -11.82
C VAL B 1013 -3.07 30.52 -12.20
N TYR B 1014 -3.79 30.02 -11.19
CA TYR B 1014 -4.96 29.20 -11.45
C TYR B 1014 -6.02 30.00 -12.21
N GLY B 1015 -6.65 29.35 -13.17
CA GLY B 1015 -7.76 29.93 -13.90
C GLY B 1015 -7.51 29.95 -15.40
N ASP B 1016 -8.57 30.27 -16.12
CA ASP B 1016 -8.50 30.45 -17.57
C ASP B 1016 -8.22 31.92 -17.90
N GLY B 1034 13.78 24.28 -33.27
CA GLY B 1034 14.07 25.69 -33.50
C GLY B 1034 13.63 26.57 -32.33
N LYS B 1035 12.31 26.71 -32.18
CA LYS B 1035 11.77 27.46 -31.06
C LYS B 1035 12.00 26.75 -29.73
N ALA B 1036 12.22 25.44 -29.76
CA ALA B 1036 12.45 24.70 -28.52
C ALA B 1036 13.75 25.11 -27.84
N THR B 1037 14.71 25.63 -28.60
CA THR B 1037 15.94 26.14 -27.98
C THR B 1037 15.66 27.43 -27.21
N ALA B 1038 14.89 28.35 -27.82
CA ALA B 1038 14.54 29.58 -27.14
C ALA B 1038 13.74 29.29 -25.86
N LYS B 1039 12.76 28.40 -25.96
CA LYS B 1039 11.98 28.03 -24.78
C LYS B 1039 12.84 27.34 -23.75
N TYR B 1040 13.74 26.46 -24.19
CA TYR B 1040 14.71 25.86 -23.27
C TYR B 1040 15.54 26.95 -22.58
N PHE B 1041 16.03 27.91 -23.36
CA PHE B 1041 16.84 28.98 -22.81
C PHE B 1041 16.03 29.87 -21.88
N PHE B 1042 14.76 30.12 -22.22
CA PHE B 1042 13.93 31.02 -21.43
C PHE B 1042 13.73 30.48 -20.01
N TYR B 1043 13.13 29.29 -19.89
CA TYR B 1043 12.85 28.74 -18.58
C TYR B 1043 14.13 28.43 -17.80
N SER B 1044 15.23 28.19 -18.51
CA SER B 1044 16.50 27.97 -17.83
C SER B 1044 17.08 29.25 -17.23
N ASN B 1045 16.62 30.41 -17.71
CA ASN B 1045 17.13 31.71 -17.25
C ASN B 1045 16.03 32.57 -16.65
N ILE B 1046 14.93 31.95 -16.23
CA ILE B 1046 13.76 32.71 -15.82
C ILE B 1046 14.01 33.51 -14.54
N MET B 1047 14.92 33.03 -13.70
CA MET B 1047 15.16 33.66 -12.40
C MET B 1047 16.39 34.54 -12.38
N ASN B 1048 17.00 34.82 -13.54
CA ASN B 1048 18.23 35.60 -13.56
C ASN B 1048 18.01 37.05 -13.17
N PHE B 1049 16.79 37.55 -13.26
CA PHE B 1049 16.55 38.98 -12.98
C PHE B 1049 16.80 39.32 -11.51
N PHE B 1050 16.87 38.33 -10.62
CA PHE B 1050 17.31 38.61 -9.27
C PHE B 1050 18.80 38.91 -9.19
N LYS B 1051 19.57 38.54 -10.20
CA LYS B 1051 21.02 38.54 -10.13
C LYS B 1051 21.61 39.83 -10.68
N THR B 1052 22.83 40.10 -10.25
CA THR B 1052 23.59 41.26 -10.72
C THR B 1052 24.54 40.91 -11.86
N GLU B 1053 25.05 39.67 -11.91
CA GLU B 1053 25.86 39.23 -13.04
C GLU B 1053 25.59 37.76 -13.31
N ILE B 1054 25.68 37.39 -14.58
CA ILE B 1054 25.44 36.01 -15.02
C ILE B 1054 26.70 35.48 -15.71
N LYS B 1063 25.16 40.85 -17.06
CA LYS B 1063 25.14 41.97 -16.13
C LYS B 1063 23.82 42.72 -16.22
N ARG B 1064 23.19 42.94 -15.07
CA ARG B 1064 21.87 43.53 -14.99
C ARG B 1064 21.87 44.71 -14.04
N PRO B 1065 20.85 45.57 -14.12
CA PRO B 1065 20.81 46.76 -13.26
C PRO B 1065 20.54 46.38 -11.81
N LEU B 1066 20.79 47.37 -10.95
CA LEU B 1066 20.49 47.23 -9.53
C LEU B 1066 18.99 47.14 -9.27
N ILE B 1067 18.19 47.80 -10.10
CA ILE B 1067 16.75 47.85 -9.93
C ILE B 1067 16.09 47.19 -11.15
N GLU B 1068 15.22 46.23 -10.89
CA GLU B 1068 14.47 45.54 -11.93
C GLU B 1068 13.05 46.11 -12.00
N THR B 1069 12.54 46.23 -13.22
CA THR B 1069 11.24 46.83 -13.45
C THR B 1069 10.44 45.95 -14.38
N ASN B 1070 9.13 46.14 -14.38
CA ASN B 1070 8.29 45.57 -15.43
C ASN B 1070 8.39 46.46 -16.66
N GLY B 1071 8.74 45.85 -17.80
CA GLY B 1071 9.06 46.64 -18.97
C GLY B 1071 7.92 47.52 -19.44
N GLU B 1072 6.69 47.04 -19.33
CA GLU B 1072 5.53 47.76 -19.83
C GLU B 1072 4.99 48.75 -18.80
N THR B 1073 4.63 48.25 -17.61
CA THR B 1073 4.01 49.11 -16.60
C THR B 1073 4.97 50.13 -16.02
N GLY B 1074 6.28 49.89 -16.13
CA GLY B 1074 7.24 50.74 -15.46
C GLY B 1074 7.19 50.63 -13.95
N GLU B 1075 6.78 49.48 -13.43
CA GLU B 1075 6.64 49.26 -12.01
C GLU B 1075 7.87 48.52 -11.48
N ILE B 1076 8.32 48.94 -10.30
CA ILE B 1076 9.49 48.34 -9.67
C ILE B 1076 9.10 46.99 -9.07
N VAL B 1077 9.82 45.93 -9.46
CA VAL B 1077 9.54 44.58 -8.98
C VAL B 1077 10.59 44.11 -7.99
N TRP B 1078 11.86 44.47 -8.19
CA TRP B 1078 12.92 44.00 -7.31
C TRP B 1078 14.03 45.05 -7.26
N ASP B 1079 14.46 45.37 -6.04
CA ASP B 1079 15.54 46.32 -5.79
C ASP B 1079 16.65 45.55 -5.08
N LYS B 1080 17.70 45.22 -5.82
CA LYS B 1080 18.80 44.42 -5.24
C LYS B 1080 19.52 45.15 -4.12
N GLY B 1081 19.28 46.44 -3.93
CA GLY B 1081 19.96 47.21 -2.91
C GLY B 1081 19.27 47.30 -1.58
N ARG B 1082 18.05 46.75 -1.45
CA ARG B 1082 17.35 46.81 -0.17
C ARG B 1082 16.30 45.73 -0.03
N ASP B 1083 15.89 45.08 -1.13
CA ASP B 1083 14.94 43.98 -1.02
C ASP B 1083 15.61 42.72 -0.49
N PHE B 1084 16.85 42.46 -0.89
CA PHE B 1084 17.60 41.35 -0.29
C PHE B 1084 17.80 41.58 1.20
N ALA B 1085 18.10 42.83 1.59
CA ALA B 1085 18.28 43.12 3.01
C ALA B 1085 17.00 42.84 3.79
N THR B 1086 15.85 43.16 3.21
CA THR B 1086 14.59 42.92 3.88
C THR B 1086 14.34 41.44 4.08
N VAL B 1087 14.58 40.63 3.05
CA VAL B 1087 14.50 39.17 3.20
C VAL B 1087 15.40 38.73 4.35
N ARG B 1088 16.63 39.23 4.37
CA ARG B 1088 17.58 38.85 5.41
C ARG B 1088 17.04 39.21 6.80
N LYS B 1089 16.36 40.36 6.91
CA LYS B 1089 15.78 40.73 8.19
C LYS B 1089 14.65 39.79 8.59
N VAL B 1090 13.83 39.38 7.62
CA VAL B 1090 12.73 38.45 7.92
C VAL B 1090 13.27 37.15 8.47
N LEU B 1091 14.23 36.54 7.75
CA LEU B 1091 14.77 35.26 8.20
C LEU B 1091 15.48 35.37 9.55
N SER B 1092 15.93 36.56 9.93
CA SER B 1092 16.60 36.76 11.21
C SER B 1092 15.65 36.96 12.38
N MET B 1093 14.37 37.18 12.12
CA MET B 1093 13.43 37.52 13.18
C MET B 1093 13.35 36.37 14.19
N PRO B 1094 13.49 36.63 15.51
CA PRO B 1094 13.49 35.53 16.48
C PRO B 1094 12.12 34.96 16.78
N GLN B 1095 11.07 35.78 16.76
CA GLN B 1095 9.75 35.31 17.17
C GLN B 1095 8.98 34.87 15.92
N VAL B 1096 8.71 33.58 15.84
CA VAL B 1096 8.00 32.95 14.73
C VAL B 1096 6.93 32.06 15.35
N ASN B 1097 5.70 32.16 14.84
CA ASN B 1097 4.55 31.51 15.47
C ASN B 1097 4.52 30.03 15.09
N ILE B 1098 5.27 29.23 15.83
CA ILE B 1098 5.27 27.78 15.65
C ILE B 1098 4.23 27.20 16.59
N VAL B 1099 3.22 26.53 16.03
CA VAL B 1099 2.11 25.98 16.80
C VAL B 1099 2.01 24.49 16.52
N LYS B 1100 2.12 23.68 17.58
CA LYS B 1100 1.89 22.24 17.50
C LYS B 1100 0.41 21.98 17.75
N LYS B 1101 -0.28 21.47 16.74
CA LYS B 1101 -1.71 21.21 16.81
C LYS B 1101 -2.03 20.25 17.94
N THR B 1102 -2.81 20.71 18.92
CA THR B 1102 -3.26 19.83 19.99
C THR B 1102 -4.31 18.86 19.46
N GLU B 1103 -4.22 17.60 19.88
CA GLU B 1103 -5.06 16.57 19.30
C GLU B 1103 -5.40 15.51 20.34
N VAL B 1104 -6.70 15.24 20.47
CA VAL B 1104 -7.15 14.06 21.21
C VAL B 1104 -6.57 12.82 20.54
N GLN B 1105 -6.08 11.89 21.36
CA GLN B 1105 -5.51 10.65 20.85
C GLN B 1105 -6.62 9.62 20.69
N THR B 1106 -6.61 8.93 19.55
CA THR B 1106 -7.60 7.93 19.19
C THR B 1106 -6.87 6.66 18.78
N GLY B 1107 -7.64 5.58 18.60
CA GLY B 1107 -7.11 4.33 18.09
C GLY B 1107 -7.24 3.20 19.10
N GLY B 1108 -6.25 2.31 19.10
CA GLY B 1108 -6.30 1.16 19.98
C GLY B 1108 -6.26 1.54 21.45
N PHE B 1109 -7.00 0.79 22.27
CA PHE B 1109 -7.05 1.08 23.70
C PHE B 1109 -5.66 1.08 24.32
N SER B 1110 -4.81 0.15 23.91
CA SER B 1110 -3.54 -0.08 24.60
C SER B 1110 -2.65 -0.92 23.69
N LYS B 1111 -1.44 -1.21 24.18
CA LYS B 1111 -0.66 -2.27 23.58
C LYS B 1111 -1.49 -3.55 23.54
N GLU B 1112 -1.34 -4.31 22.45
CA GLU B 1112 -2.14 -5.50 22.25
C GLU B 1112 -1.63 -6.71 23.03
N SER B 1113 -0.44 -6.63 23.60
CA SER B 1113 0.15 -7.78 24.28
C SER B 1113 -0.78 -8.29 25.37
N ILE B 1114 -1.04 -9.59 25.38
CA ILE B 1114 -1.85 -10.23 26.40
C ILE B 1114 -0.86 -10.80 27.41
N LEU B 1115 -0.69 -10.08 28.53
CA LEU B 1115 0.36 -10.35 29.50
C LEU B 1115 -0.08 -11.40 30.51
N PRO B 1116 0.87 -12.16 31.06
CA PRO B 1116 0.51 -13.10 32.13
C PRO B 1116 0.10 -12.37 33.39
N LYS B 1117 -0.55 -13.11 34.29
CA LYS B 1117 -1.03 -12.51 35.52
C LYS B 1117 0.12 -11.92 36.33
N ARG B 1118 -0.18 -10.84 37.04
CA ARG B 1118 0.83 -10.10 37.78
C ARG B 1118 0.14 -9.37 38.92
N ASN B 1119 0.90 -9.11 39.98
CA ASN B 1119 0.41 -8.30 41.10
C ASN B 1119 0.72 -6.84 40.80
N SER B 1120 -0.10 -6.26 39.92
CA SER B 1120 0.09 -4.88 39.50
C SER B 1120 -1.27 -4.31 39.11
N ASP B 1121 -1.60 -3.14 39.65
CA ASP B 1121 -2.85 -2.48 39.29
C ASP B 1121 -2.78 -1.79 37.94
N LYS B 1122 -1.65 -1.88 37.24
CA LYS B 1122 -1.59 -1.43 35.85
C LYS B 1122 -2.24 -2.40 34.89
N LEU B 1123 -2.44 -3.65 35.31
CA LEU B 1123 -3.06 -4.65 34.45
C LEU B 1123 -4.53 -4.33 34.24
N ILE B 1124 -5.03 -4.62 33.04
CA ILE B 1124 -6.40 -4.30 32.64
C ILE B 1124 -7.10 -5.58 32.25
N ALA B 1125 -8.32 -5.76 32.77
CA ALA B 1125 -9.08 -6.99 32.53
C ALA B 1125 -9.47 -7.12 31.07
N ARG B 1126 -9.32 -8.34 30.55
CA ARG B 1126 -9.68 -8.63 29.16
C ARG B 1126 -11.17 -8.89 29.00
N LYS B 1127 -11.86 -9.20 30.10
CA LYS B 1127 -13.30 -9.36 30.14
C LYS B 1127 -13.75 -8.93 31.53
N LYS B 1128 -15.02 -8.53 31.64
CA LYS B 1128 -15.53 -7.92 32.87
C LYS B 1128 -15.06 -8.65 34.14
N ASP B 1129 -15.24 -9.97 34.18
CA ASP B 1129 -15.02 -10.74 35.41
C ASP B 1129 -13.69 -11.49 35.40
N TRP B 1130 -12.74 -11.10 34.54
CA TRP B 1130 -11.43 -11.76 34.46
C TRP B 1130 -10.42 -10.92 35.23
N ASP B 1131 -10.51 -11.00 36.56
CA ASP B 1131 -9.58 -10.35 37.47
C ASP B 1131 -8.16 -10.56 36.99
N PRO B 1132 -7.46 -9.51 36.54
CA PRO B 1132 -6.13 -9.72 35.93
C PRO B 1132 -5.10 -10.32 36.88
N LYS B 1133 -5.28 -10.17 38.19
CA LYS B 1133 -4.38 -10.85 39.11
C LYS B 1133 -4.47 -12.37 38.98
N LYS B 1134 -5.56 -12.88 38.42
CA LYS B 1134 -5.71 -14.31 38.17
C LYS B 1134 -5.52 -14.68 36.70
N TYR B 1135 -5.80 -13.76 35.77
CA TYR B 1135 -5.93 -14.10 34.36
C TYR B 1135 -4.97 -13.35 33.44
N GLY B 1136 -4.19 -12.41 33.96
CA GLY B 1136 -3.41 -11.54 33.10
C GLY B 1136 -4.33 -10.52 32.42
N GLY B 1137 -3.77 -9.87 31.41
CA GLY B 1137 -4.52 -8.86 30.66
C GLY B 1137 -3.59 -7.89 29.96
N PHE B 1138 -4.10 -6.68 29.74
CA PHE B 1138 -3.36 -5.63 29.07
C PHE B 1138 -2.75 -4.66 30.08
N ASP B 1139 -1.76 -3.90 29.60
CA ASP B 1139 -1.37 -2.65 30.25
C ASP B 1139 -0.99 -1.66 29.16
N SER B 1140 -0.46 -0.51 29.57
CA SER B 1140 0.00 0.52 28.66
C SER B 1140 -1.14 1.06 27.80
N PRO B 1141 -2.20 1.59 28.41
CA PRO B 1141 -3.26 2.22 27.61
C PRO B 1141 -2.80 3.59 27.10
N THR B 1142 -3.39 3.99 25.99
CA THR B 1142 -3.16 5.32 25.44
C THR B 1142 -4.14 6.29 26.09
N VAL B 1143 -3.63 7.45 26.51
CA VAL B 1143 -4.47 8.49 27.09
C VAL B 1143 -5.10 9.30 25.96
N ALA B 1144 -6.43 9.33 25.94
CA ALA B 1144 -7.14 10.15 24.96
C ALA B 1144 -6.86 11.63 25.19
N TYR B 1145 -7.09 12.10 26.41
CA TYR B 1145 -6.69 13.44 26.82
C TYR B 1145 -6.63 13.44 28.35
N SER B 1146 -5.97 14.46 28.88
CA SER B 1146 -5.86 14.65 30.31
C SER B 1146 -6.91 15.65 30.79
N VAL B 1147 -7.17 15.61 32.10
CA VAL B 1147 -8.18 16.46 32.70
C VAL B 1147 -7.61 17.02 34.00
N LEU B 1148 -7.68 18.34 34.16
CA LEU B 1148 -7.30 18.99 35.42
C LEU B 1148 -8.44 18.83 36.41
N VAL B 1149 -8.16 18.17 37.53
CA VAL B 1149 -9.14 17.94 38.58
C VAL B 1149 -8.71 18.70 39.83
N VAL B 1150 -9.58 19.56 40.32
CA VAL B 1150 -9.42 20.20 41.61
C VAL B 1150 -10.54 19.67 42.49
N ALA B 1151 -10.18 18.91 43.51
CA ALA B 1151 -11.15 18.16 44.30
C ALA B 1151 -10.50 17.81 45.63
N LYS B 1152 -11.07 16.82 46.32
CA LYS B 1152 -10.52 16.31 47.56
C LYS B 1152 -10.48 14.80 47.50
N VAL B 1153 -9.48 14.22 48.17
CA VAL B 1153 -9.31 12.77 48.21
C VAL B 1153 -9.21 12.32 49.67
N GLU B 1154 -9.72 11.13 49.94
CA GLU B 1154 -9.64 10.55 51.27
C GLU B 1154 -8.22 10.13 51.59
N LYS B 1155 -7.78 10.45 52.80
CA LYS B 1155 -6.41 10.12 53.24
C LYS B 1155 -6.45 9.34 54.54
N GLY B 1156 -5.77 8.20 54.55
CA GLY B 1156 -5.56 7.44 55.76
C GLY B 1156 -6.75 6.58 56.14
N LYS B 1157 -6.56 5.84 57.24
CA LYS B 1157 -7.62 4.99 57.76
C LYS B 1157 -8.89 5.79 58.03
N SER B 1158 -8.75 6.97 58.63
CA SER B 1158 -9.90 7.81 58.97
C SER B 1158 -10.51 8.49 57.75
N LYS B 1159 -9.85 8.44 56.59
CA LYS B 1159 -10.39 9.00 55.36
C LYS B 1159 -10.63 10.51 55.50
N LYS B 1160 -9.65 11.21 56.06
CA LYS B 1160 -9.72 12.66 56.10
C LYS B 1160 -9.62 13.23 54.70
N LEU B 1161 -10.47 14.22 54.41
CA LEU B 1161 -10.53 14.80 53.07
C LEU B 1161 -9.41 15.82 52.90
N LYS B 1162 -8.59 15.63 51.87
CA LYS B 1162 -7.47 16.50 51.57
C LYS B 1162 -7.64 17.10 50.18
N SER B 1163 -7.46 18.41 50.07
CA SER B 1163 -7.59 19.09 48.80
C SER B 1163 -6.43 18.73 47.87
N VAL B 1164 -6.75 18.46 46.61
CA VAL B 1164 -5.74 18.10 45.61
C VAL B 1164 -6.02 18.86 44.31
N LYS B 1165 -4.96 18.99 43.52
CA LYS B 1165 -5.02 19.53 42.17
C LYS B 1165 -4.07 18.69 41.33
N GLU B 1166 -4.61 17.92 40.37
CA GLU B 1166 -3.79 16.99 39.63
C GLU B 1166 -4.35 16.77 38.24
N LEU B 1167 -3.49 16.24 37.37
CA LEU B 1167 -3.88 15.81 36.03
C LEU B 1167 -4.24 14.33 36.07
N LEU B 1168 -5.43 14.01 35.56
CA LEU B 1168 -5.86 12.63 35.41
C LEU B 1168 -5.92 12.30 33.92
N GLY B 1169 -5.23 11.26 33.50
CA GLY B 1169 -5.30 10.81 32.13
C GLY B 1169 -6.56 9.99 31.85
N ILE B 1170 -7.40 10.47 30.94
CA ILE B 1170 -8.58 9.74 30.49
C ILE B 1170 -8.15 8.86 29.33
N THR B 1171 -8.15 7.55 29.54
CA THR B 1171 -7.74 6.63 28.49
C THR B 1171 -8.80 6.57 27.39
N ILE B 1172 -8.40 6.07 26.22
CA ILE B 1172 -9.32 5.96 25.11
C ILE B 1172 -10.50 5.07 25.49
N MET B 1173 -10.25 4.00 26.24
CA MET B 1173 -11.33 3.12 26.64
C MET B 1173 -12.28 3.80 27.63
N GLU B 1174 -11.75 4.70 28.47
CA GLU B 1174 -12.57 5.36 29.48
C GLU B 1174 -13.34 6.56 28.93
N ARG B 1175 -13.06 6.99 27.70
CA ARG B 1175 -13.52 8.30 27.26
C ARG B 1175 -15.04 8.41 27.27
N SER B 1176 -15.74 7.44 26.64
CA SER B 1176 -17.20 7.54 26.55
C SER B 1176 -17.83 7.61 27.93
N SER B 1177 -17.35 6.79 28.87
CA SER B 1177 -17.90 6.80 30.22
C SER B 1177 -17.66 8.13 30.90
N PHE B 1178 -16.46 8.69 30.74
CA PHE B 1178 -16.14 9.96 31.38
C PHE B 1178 -16.99 11.10 30.82
N GLU B 1179 -17.20 11.12 29.50
CA GLU B 1179 -17.97 12.21 28.90
C GLU B 1179 -19.47 12.04 29.15
N LYS B 1180 -19.96 10.81 29.30
CA LYS B 1180 -21.37 10.60 29.62
C LYS B 1180 -21.74 11.34 30.91
N ASN B 1181 -21.02 11.07 32.00
CA ASN B 1181 -21.19 11.80 33.25
C ASN B 1181 -19.83 11.99 33.90
N PRO B 1182 -19.19 13.16 33.71
CA PRO B 1182 -17.84 13.35 34.28
C PRO B 1182 -17.78 13.23 35.79
N ILE B 1183 -18.75 13.78 36.52
CA ILE B 1183 -18.68 13.78 37.98
C ILE B 1183 -18.73 12.35 38.51
N ASP B 1184 -19.67 11.55 38.02
CA ASP B 1184 -19.76 10.17 38.46
C ASP B 1184 -18.47 9.41 38.16
N PHE B 1185 -17.91 9.62 36.97
CA PHE B 1185 -16.65 8.97 36.62
C PHE B 1185 -15.55 9.35 37.60
N LEU B 1186 -15.47 10.64 37.95
CA LEU B 1186 -14.40 11.10 38.82
C LEU B 1186 -14.60 10.61 40.24
N GLU B 1187 -15.84 10.65 40.74
CA GLU B 1187 -16.10 10.15 42.08
C GLU B 1187 -15.80 8.67 42.19
N ALA B 1188 -16.04 7.90 41.11
CA ALA B 1188 -15.68 6.50 41.11
C ALA B 1188 -14.17 6.31 41.18
N LYS B 1189 -13.40 7.28 40.70
CA LYS B 1189 -11.94 7.23 40.82
C LYS B 1189 -11.45 7.60 42.20
N GLY B 1190 -12.31 8.13 43.07
CA GLY B 1190 -11.94 8.51 44.42
C GLY B 1190 -12.01 9.99 44.71
N TYR B 1191 -12.27 10.84 43.71
CA TYR B 1191 -12.34 12.28 43.92
C TYR B 1191 -13.70 12.66 44.52
N LYS B 1192 -13.67 13.64 45.43
CA LYS B 1192 -14.88 14.13 46.07
C LYS B 1192 -14.93 15.65 46.02
N GLU B 1193 -16.14 16.19 45.96
CA GLU B 1193 -16.37 17.62 45.89
C GLU B 1193 -15.59 18.24 44.73
N VAL B 1194 -15.67 17.59 43.57
CA VAL B 1194 -14.96 18.10 42.40
C VAL B 1194 -15.56 19.44 42.00
N LYS B 1195 -14.69 20.38 41.68
CA LYS B 1195 -15.11 21.68 41.16
C LYS B 1195 -15.41 21.49 39.67
N LYS B 1196 -16.67 21.18 39.37
CA LYS B 1196 -17.05 20.82 38.01
C LYS B 1196 -16.68 21.92 37.02
N ASP B 1197 -16.88 23.18 37.39
CA ASP B 1197 -16.62 24.28 36.48
C ASP B 1197 -15.14 24.53 36.24
N LEU B 1198 -14.25 23.95 37.05
CA LEU B 1198 -12.82 24.14 36.88
C LEU B 1198 -12.16 23.01 36.11
N ILE B 1199 -12.91 21.99 35.69
CA ILE B 1199 -12.31 20.91 34.91
C ILE B 1199 -11.85 21.48 33.57
N ILE B 1200 -10.63 21.14 33.18
CA ILE B 1200 -10.04 21.59 31.93
C ILE B 1200 -9.63 20.36 31.13
N LYS B 1201 -10.11 20.27 29.88
CA LYS B 1201 -9.69 19.20 28.99
C LYS B 1201 -8.35 19.57 28.37
N LEU B 1202 -7.35 18.68 28.53
CA LEU B 1202 -5.98 18.95 28.12
C LEU B 1202 -5.51 17.86 27.16
N PRO B 1203 -5.70 18.03 25.87
CA PRO B 1203 -5.25 17.02 24.91
C PRO B 1203 -3.74 17.02 24.78
N LYS B 1204 -3.23 16.03 24.05
CA LYS B 1204 -1.80 15.95 23.81
C LYS B 1204 -1.30 17.24 23.17
N TYR B 1205 -0.13 17.68 23.61
CA TYR B 1205 0.60 18.87 23.14
C TYR B 1205 0.05 20.17 23.74
N SER B 1206 -0.84 20.11 24.73
CA SER B 1206 -1.24 21.32 25.43
C SER B 1206 -0.01 22.06 25.93
N LEU B 1207 -0.02 23.39 25.77
CA LEU B 1207 1.16 24.23 25.95
C LEU B 1207 1.11 24.96 27.29
N PHE B 1208 2.23 24.90 28.02
CA PHE B 1208 2.37 25.58 29.30
C PHE B 1208 3.66 26.39 29.30
N GLU B 1209 3.61 27.57 29.90
CA GLU B 1209 4.79 28.41 30.10
C GLU B 1209 5.06 28.55 31.59
N LEU B 1210 6.31 28.35 31.98
CA LEU B 1210 6.74 28.45 33.37
C LEU B 1210 7.63 29.67 33.52
N GLU B 1211 8.77 29.59 34.20
CA GLU B 1211 9.62 30.75 34.46
C GLU B 1211 10.66 30.91 33.36
N ASN B 1212 11.03 32.17 33.11
CA ASN B 1212 12.09 32.52 32.16
C ASN B 1212 11.72 32.11 30.73
N GLY B 1213 10.44 32.22 30.39
CA GLY B 1213 9.98 31.82 29.08
C GLY B 1213 10.02 30.33 28.82
N ARG B 1214 10.44 29.54 29.80
CA ARG B 1214 10.48 28.10 29.65
C ARG B 1214 9.08 27.53 29.40
N LYS B 1215 8.98 26.64 28.41
CA LYS B 1215 7.70 26.08 28.02
C LYS B 1215 7.78 24.55 27.95
N ARG B 1216 6.64 23.91 28.22
CA ARG B 1216 6.51 22.48 28.14
C ARG B 1216 5.20 22.15 27.43
N MET B 1217 5.19 21.02 26.72
CA MET B 1217 3.99 20.49 26.10
C MET B 1217 3.60 19.18 26.77
N LEU B 1218 2.31 18.97 26.91
CA LEU B 1218 1.80 17.75 27.50
C LEU B 1218 1.96 16.59 26.51
N ALA B 1219 2.74 15.59 26.87
CA ALA B 1219 2.76 14.37 26.08
C ALA B 1219 1.75 13.35 26.55
N SER B 1220 1.24 13.51 27.76
CA SER B 1220 0.59 12.42 28.49
C SER B 1220 0.05 13.03 29.77
N ALA B 1221 -0.47 12.24 30.69
CA ALA B 1221 -0.89 12.77 31.95
C ALA B 1221 0.33 12.81 32.87
N GLY B 1222 1.36 12.03 32.56
CA GLY B 1222 2.52 11.93 33.43
C GLY B 1222 3.86 12.27 32.80
N GLU B 1223 3.86 12.89 31.62
CA GLU B 1223 5.11 13.21 30.96
C GLU B 1223 4.94 14.46 30.10
N LEU B 1224 6.05 15.20 29.94
CA LEU B 1224 6.07 16.46 29.24
C LEU B 1224 7.06 16.41 28.07
N GLN B 1225 6.84 17.32 27.10
CA GLN B 1225 7.77 17.52 26.01
C GLN B 1225 8.37 18.92 26.09
N LYS B 1226 9.48 19.11 25.38
CA LYS B 1226 10.08 20.43 25.26
C LYS B 1226 9.14 21.34 24.46
N GLY B 1227 9.00 22.58 24.92
CA GLY B 1227 8.05 23.49 24.31
C GLY B 1227 8.64 24.71 23.66
N ASN B 1228 9.97 24.82 23.64
CA ASN B 1228 10.66 26.01 23.15
C ASN B 1228 11.34 25.74 21.82
N GLU B 1229 11.60 26.83 21.09
CA GLU B 1229 12.35 26.81 19.85
C GLU B 1229 13.64 27.60 20.06
N LEU B 1230 14.75 27.05 19.59
CA LEU B 1230 16.05 27.71 19.69
C LEU B 1230 16.22 28.62 18.48
N ALA B 1231 16.08 29.93 18.69
CA ALA B 1231 16.19 30.91 17.61
C ALA B 1231 17.66 31.26 17.41
N LEU B 1232 18.36 30.39 16.71
CA LEU B 1232 19.78 30.61 16.43
C LEU B 1232 19.93 31.74 15.42
N PRO B 1233 20.80 32.71 15.67
CA PRO B 1233 20.97 33.81 14.70
C PRO B 1233 21.36 33.30 13.31
N SER B 1234 20.96 34.08 12.30
CA SER B 1234 21.17 33.68 10.91
C SER B 1234 22.64 33.43 10.60
N LYS B 1235 23.54 34.26 11.14
CA LYS B 1235 24.96 34.10 10.82
C LYS B 1235 25.47 32.73 11.21
N TYR B 1236 24.95 32.15 12.30
CA TYR B 1236 25.38 30.82 12.71
C TYR B 1236 24.76 29.74 11.85
N VAL B 1237 23.51 29.91 11.44
CA VAL B 1237 22.86 28.95 10.55
C VAL B 1237 23.63 28.85 9.24
N ASN B 1238 23.96 30.00 8.64
CA ASN B 1238 24.68 30.00 7.37
C ASN B 1238 26.08 29.42 7.55
N PHE B 1239 26.77 29.80 8.63
CA PHE B 1239 28.07 29.20 8.90
C PHE B 1239 27.97 27.68 8.99
N LEU B 1240 26.94 27.18 9.68
CA LEU B 1240 26.81 25.74 9.83
C LEU B 1240 26.58 25.06 8.47
N TYR B 1241 25.68 25.61 7.66
CA TYR B 1241 25.43 25.05 6.34
C TYR B 1241 26.72 24.97 5.53
N LEU B 1242 27.54 26.03 5.59
CA LEU B 1242 28.76 26.06 4.79
C LEU B 1242 29.83 25.15 5.36
N ALA B 1243 30.05 25.19 6.67
CA ALA B 1243 31.09 24.37 7.27
C ALA B 1243 30.75 22.89 7.16
N SER B 1244 29.50 22.53 7.40
CA SER B 1244 29.09 21.12 7.36
C SER B 1244 29.06 20.56 5.95
N HIS B 1245 29.20 21.39 4.91
CA HIS B 1245 28.95 20.95 3.55
C HIS B 1245 27.56 20.34 3.45
N TYR B 1246 26.58 21.09 3.96
CA TYR B 1246 25.23 20.57 4.14
C TYR B 1246 24.64 20.10 2.82
N GLU B 1247 24.88 20.85 1.74
CA GLU B 1247 24.38 20.46 0.42
C GLU B 1247 25.38 20.88 -0.66
N GLY B 1251 29.19 25.62 -6.96
CA GLY B 1251 29.40 26.65 -7.97
C GLY B 1251 30.83 26.72 -8.46
N SER B 1252 31.30 27.94 -8.74
CA SER B 1252 32.64 28.12 -9.29
C SER B 1252 33.69 27.77 -8.24
N PRO B 1253 34.92 27.46 -8.67
CA PRO B 1253 35.99 27.20 -7.70
C PRO B 1253 36.31 28.39 -6.83
N GLU B 1254 36.42 29.59 -7.42
CA GLU B 1254 36.65 30.79 -6.62
C GLU B 1254 35.56 30.96 -5.58
N ASP B 1255 34.29 30.89 -6.00
CA ASP B 1255 33.18 30.95 -5.05
C ASP B 1255 33.37 29.93 -3.94
N ASN B 1256 33.70 28.70 -4.29
CA ASN B 1256 33.99 27.68 -3.27
C ASN B 1256 35.15 28.12 -2.38
N GLU B 1257 36.18 28.72 -2.97
CA GLU B 1257 37.31 29.21 -2.18
C GLU B 1257 36.88 30.33 -1.25
N GLN B 1258 36.02 31.24 -1.73
CA GLN B 1258 35.53 32.32 -0.88
C GLN B 1258 34.75 31.75 0.30
N LYS B 1259 33.82 30.84 0.03
CA LYS B 1259 33.09 30.18 1.11
C LYS B 1259 34.05 29.48 2.07
N GLN B 1260 35.04 28.76 1.53
CA GLN B 1260 35.99 28.06 2.39
C GLN B 1260 36.77 29.03 3.26
N LEU B 1261 37.19 30.16 2.69
CA LEU B 1261 37.90 31.16 3.49
C LEU B 1261 36.98 31.82 4.50
N PHE B 1262 35.70 31.97 4.16
CA PHE B 1262 34.74 32.50 5.12
C PHE B 1262 34.61 31.58 6.33
N VAL B 1263 34.49 30.27 6.09
CA VAL B 1263 34.42 29.31 7.18
C VAL B 1263 35.67 29.39 8.04
N GLU B 1264 36.84 29.40 7.41
CA GLU B 1264 38.09 29.40 8.17
C GLU B 1264 38.25 30.70 8.95
N GLN B 1265 37.88 31.84 8.35
CA GLN B 1265 37.95 33.11 9.04
C GLN B 1265 36.95 33.20 10.20
N HIS B 1266 35.93 32.37 10.22
CA HIS B 1266 34.87 32.43 11.22
C HIS B 1266 34.78 31.15 12.03
N LYS B 1267 35.92 30.47 12.22
CA LYS B 1267 35.93 29.23 12.98
C LYS B 1267 35.61 29.45 14.45
N HIS B 1268 35.75 30.68 14.96
CA HIS B 1268 35.35 30.99 16.32
C HIS B 1268 33.84 30.87 16.53
N TYR B 1269 33.05 30.81 15.45
CA TYR B 1269 31.63 30.59 15.59
C TYR B 1269 31.31 29.26 16.25
N LEU B 1270 32.24 28.30 16.22
CA LEU B 1270 32.02 27.01 16.85
C LEU B 1270 31.78 27.17 18.35
N ASP B 1271 32.68 27.88 19.04
CA ASP B 1271 32.51 28.11 20.48
C ASP B 1271 31.25 28.92 20.74
N GLU B 1272 30.91 29.87 19.87
CA GLU B 1272 29.75 30.70 20.09
C GLU B 1272 28.45 29.92 19.93
N ILE B 1273 28.40 29.04 18.92
CA ILE B 1273 27.21 28.20 18.75
C ILE B 1273 27.04 27.29 19.96
N ILE B 1274 28.14 26.70 20.45
CA ILE B 1274 28.07 25.89 21.65
C ILE B 1274 27.56 26.71 22.82
N GLU B 1275 28.07 27.94 22.97
CA GLU B 1275 27.59 28.82 24.02
C GLU B 1275 26.10 29.08 23.89
N GLN B 1276 25.63 29.35 22.67
CA GLN B 1276 24.21 29.59 22.45
C GLN B 1276 23.38 28.38 22.88
N ILE B 1277 23.83 27.17 22.52
CA ILE B 1277 23.13 25.96 22.94
C ILE B 1277 23.13 25.85 24.46
N SER B 1278 24.24 26.25 25.10
CA SER B 1278 24.36 26.07 26.54
C SER B 1278 23.39 26.96 27.30
N GLU B 1279 23.35 28.25 26.97
CA GLU B 1279 22.47 29.17 27.70
C GLU B 1279 21.01 28.84 27.45
N PHE B 1280 20.66 28.45 26.22
CA PHE B 1280 19.31 27.99 25.94
C PHE B 1280 18.98 26.77 26.78
N SER B 1281 19.88 25.79 26.82
CA SER B 1281 19.62 24.56 27.56
C SER B 1281 19.52 24.82 29.06
N LYS B 1282 20.37 25.70 29.59
CA LYS B 1282 20.33 26.02 31.01
C LYS B 1282 19.06 26.79 31.38
N ARG B 1283 18.51 27.55 30.45
CA ARG B 1283 17.29 28.30 30.71
C ARG B 1283 16.05 27.44 30.54
N VAL B 1284 16.08 26.47 29.64
CA VAL B 1284 14.84 25.93 29.09
C VAL B 1284 14.80 24.41 29.07
N ILE B 1285 15.95 23.76 28.90
CA ILE B 1285 15.96 22.31 28.76
C ILE B 1285 16.15 21.63 30.11
N LEU B 1286 17.04 22.15 30.96
CA LEU B 1286 17.23 21.63 32.31
C LEU B 1286 17.59 20.15 32.28
N ALA B 1287 18.62 19.83 31.48
CA ALA B 1287 19.18 18.49 31.40
C ALA B 1287 20.70 18.62 31.58
N ASP B 1288 21.12 18.88 32.82
CA ASP B 1288 22.50 19.28 33.06
C ASP B 1288 23.47 18.09 32.96
N ALA B 1289 23.02 16.87 33.24
CA ALA B 1289 23.88 15.72 33.01
C ALA B 1289 24.22 15.59 31.53
N ASN B 1290 23.24 15.79 30.66
CA ASN B 1290 23.48 15.70 29.23
C ASN B 1290 24.23 16.92 28.69
N LEU B 1291 23.93 18.11 29.21
CA LEU B 1291 24.68 19.28 28.80
C LEU B 1291 26.16 19.13 29.18
N ASP B 1292 26.42 18.67 30.40
CA ASP B 1292 27.80 18.41 30.79
C ASP B 1292 28.46 17.38 29.88
N LYS B 1293 27.72 16.31 29.54
CA LYS B 1293 28.24 15.34 28.57
C LYS B 1293 28.59 16.03 27.26
N VAL B 1294 27.69 16.89 26.76
CA VAL B 1294 27.91 17.54 25.47
C VAL B 1294 29.16 18.42 25.53
N LEU B 1295 29.16 19.39 26.44
CA LEU B 1295 30.32 20.27 26.57
C LEU B 1295 31.61 19.47 26.68
N SER B 1296 31.59 18.38 27.46
CA SER B 1296 32.74 17.51 27.55
C SER B 1296 33.08 16.90 26.20
N ALA B 1297 32.07 16.42 25.47
CA ALA B 1297 32.31 15.83 24.17
C ALA B 1297 32.82 16.86 23.17
N TYR B 1298 32.24 18.06 23.18
CA TYR B 1298 32.70 19.10 22.27
C TYR B 1298 34.17 19.41 22.49
N ASN B 1299 34.60 19.46 23.75
CA ASN B 1299 36.01 19.68 24.03
C ASN B 1299 36.87 18.49 23.61
N LYS B 1300 36.30 17.28 23.65
CA LYS B 1300 37.07 16.10 23.29
C LYS B 1300 37.51 16.12 21.83
N HIS B 1301 36.73 16.76 20.97
CA HIS B 1301 36.97 16.71 19.52
C HIS B 1301 37.26 18.08 18.92
N ARG B 1302 37.73 19.04 19.73
CA ARG B 1302 38.16 20.31 19.16
C ARG B 1302 39.36 20.14 18.22
N ASP B 1303 40.03 18.98 18.30
CA ASP B 1303 41.12 18.66 17.38
C ASP B 1303 40.62 18.25 16.00
N LYS B 1304 39.37 17.81 15.89
CA LYS B 1304 38.86 17.28 14.64
C LYS B 1304 38.74 18.38 13.58
N PRO B 1305 38.65 17.99 12.31
CA PRO B 1305 38.47 19.00 11.25
C PRO B 1305 37.19 19.80 11.43
N ILE B 1306 37.19 21.01 10.86
CA ILE B 1306 36.03 21.90 10.99
C ILE B 1306 34.78 21.24 10.41
N ARG B 1307 34.92 20.62 9.22
CA ARG B 1307 33.76 20.00 8.59
C ARG B 1307 33.09 19.01 9.53
N GLU B 1308 33.88 18.18 10.19
CA GLU B 1308 33.33 17.13 11.05
C GLU B 1308 32.67 17.74 12.29
N GLN B 1309 33.30 18.74 12.90
CA GLN B 1309 32.70 19.38 14.06
C GLN B 1309 31.39 20.07 13.70
N ALA B 1310 31.32 20.67 12.51
CA ALA B 1310 30.06 21.24 12.04
C ALA B 1310 29.01 20.15 11.89
N GLU B 1311 29.35 19.06 11.20
CA GLU B 1311 28.38 17.99 10.98
C GLU B 1311 27.82 17.45 12.28
N ASN B 1312 28.66 17.39 13.32
CA ASN B 1312 28.21 16.84 14.60
C ASN B 1312 27.53 17.86 15.49
N ILE B 1313 27.89 19.15 15.38
CA ILE B 1313 27.10 20.19 16.05
C ILE B 1313 25.66 20.14 15.56
N ILE B 1314 25.46 19.77 14.29
CA ILE B 1314 24.11 19.63 13.75
C ILE B 1314 23.31 18.65 14.61
N HIS B 1315 23.95 17.58 15.06
CA HIS B 1315 23.25 16.57 15.86
C HIS B 1315 22.89 17.11 17.25
N LEU B 1316 23.65 18.09 17.75
CA LEU B 1316 23.42 18.57 19.10
C LEU B 1316 22.07 19.26 19.27
N PHE B 1317 21.47 19.74 18.18
CA PHE B 1317 20.20 20.45 18.28
C PHE B 1317 19.03 19.55 18.63
N THR B 1318 19.20 18.22 18.60
CA THR B 1318 18.14 17.36 19.09
C THR B 1318 17.99 17.50 20.61
N LEU B 1319 19.06 17.89 21.30
CA LEU B 1319 18.96 18.21 22.71
C LEU B 1319 17.98 19.35 22.93
N THR B 1320 17.95 20.33 22.03
CA THR B 1320 17.18 21.54 22.20
C THR B 1320 15.91 21.58 21.35
N ASN B 1321 15.69 20.63 20.46
CA ASN B 1321 14.54 20.65 19.57
C ASN B 1321 13.23 20.65 20.36
N LEU B 1322 12.22 21.29 19.77
CA LEU B 1322 10.85 21.15 20.25
C LEU B 1322 10.40 19.70 20.17
N GLY B 1323 9.63 19.27 21.16
CA GLY B 1323 8.97 17.99 21.12
C GLY B 1323 9.55 16.98 22.09
N ALA B 1324 9.35 15.72 21.77
CA ALA B 1324 9.74 14.62 22.66
C ALA B 1324 11.26 14.54 22.74
N PRO B 1325 11.84 14.40 23.93
CA PRO B 1325 13.29 14.18 24.01
C PRO B 1325 13.69 12.94 23.21
N ALA B 1326 14.86 13.03 22.58
CA ALA B 1326 15.34 11.96 21.72
C ALA B 1326 16.84 11.79 21.92
N ALA B 1327 17.32 10.56 21.72
CA ALA B 1327 18.74 10.29 21.82
C ALA B 1327 19.46 10.83 20.58
N PHE B 1328 20.74 11.14 20.75
CA PHE B 1328 21.56 11.62 19.65
C PHE B 1328 23.02 11.27 19.93
N LYS B 1329 23.83 11.37 18.89
CA LYS B 1329 25.26 11.05 18.96
C LYS B 1329 26.08 12.27 18.57
N TYR B 1330 27.05 12.62 19.40
CA TYR B 1330 28.08 13.59 19.05
C TYR B 1330 29.37 12.82 18.82
N PHE B 1331 29.80 12.73 17.57
CA PHE B 1331 30.90 11.87 17.19
C PHE B 1331 30.58 10.43 17.63
N ASP B 1332 31.28 9.88 18.62
CA ASP B 1332 31.01 8.50 19.05
C ASP B 1332 30.41 8.41 20.44
N THR B 1333 30.07 9.53 21.06
CA THR B 1333 29.40 9.52 22.37
C THR B 1333 27.90 9.60 22.16
N THR B 1334 27.17 8.60 22.67
CA THR B 1334 25.72 8.64 22.64
C THR B 1334 25.21 9.41 23.84
N ILE B 1335 24.27 10.32 23.60
CA ILE B 1335 23.64 11.10 24.66
C ILE B 1335 22.20 10.61 24.77
N ASP B 1336 21.88 9.91 25.85
CA ASP B 1336 20.55 9.36 26.03
C ASP B 1336 19.56 10.45 26.42
N ARG B 1337 18.32 10.27 25.98
CA ARG B 1337 17.30 11.30 26.20
C ARG B 1337 17.03 11.49 27.68
N LYS B 1338 16.93 12.74 28.08
CA LYS B 1338 16.45 13.10 29.42
C LYS B 1338 14.96 13.39 29.30
N ARG B 1339 14.14 12.61 30.01
CA ARG B 1339 12.70 12.73 29.92
C ARG B 1339 12.15 13.57 31.07
N TYR B 1340 10.98 14.15 30.83
CA TYR B 1340 10.26 14.96 31.81
C TYR B 1340 9.13 14.10 32.34
N THR B 1341 9.44 13.30 33.36
CA THR B 1341 8.55 12.24 33.82
C THR B 1341 7.58 12.69 34.91
N SER B 1342 7.34 14.01 35.01
CA SER B 1342 6.36 14.53 35.97
C SER B 1342 5.63 15.71 35.35
N THR B 1343 4.31 15.74 35.55
CA THR B 1343 3.48 16.85 35.10
C THR B 1343 3.08 17.79 36.24
N LYS B 1344 3.62 17.58 37.44
CA LYS B 1344 3.22 18.38 38.60
C LYS B 1344 3.44 19.87 38.36
N GLU B 1345 4.66 20.24 37.95
CA GLU B 1345 5.01 21.65 37.85
C GLU B 1345 4.06 22.42 36.95
N VAL B 1346 3.44 21.73 35.99
CA VAL B 1346 2.52 22.38 35.06
C VAL B 1346 1.24 22.82 35.76
N LEU B 1347 0.89 22.19 36.88
CA LEU B 1347 -0.37 22.48 37.56
C LEU B 1347 -0.40 23.87 38.18
N ASP B 1348 0.73 24.56 38.26
CA ASP B 1348 0.79 25.93 38.75
C ASP B 1348 1.38 26.90 37.73
N ALA B 1349 1.48 26.48 36.47
CA ALA B 1349 2.02 27.31 35.41
C ALA B 1349 0.88 28.02 34.68
N THR B 1350 1.22 28.72 33.60
CA THR B 1350 0.22 29.36 32.76
C THR B 1350 -0.07 28.45 31.57
N LEU B 1351 -1.33 28.07 31.42
CA LEU B 1351 -1.78 27.32 30.26
C LEU B 1351 -2.08 28.29 29.11
N ILE B 1352 -1.65 27.92 27.90
CA ILE B 1352 -1.78 28.79 26.73
C ILE B 1352 -2.63 28.08 25.68
N HIS B 1353 -3.85 28.57 25.48
CA HIS B 1353 -4.68 28.14 24.37
C HIS B 1353 -4.35 28.98 23.14
N GLN B 1354 -4.12 28.32 22.00
CA GLN B 1354 -3.63 28.98 20.79
C GLN B 1354 -4.60 28.79 19.63
N SER B 1355 -4.80 29.88 18.89
CA SER B 1355 -5.39 29.85 17.55
C SER B 1355 -4.61 28.91 16.63
N ILE B 1356 -5.19 28.58 15.47
CA ILE B 1356 -4.47 27.75 14.50
C ILE B 1356 -3.18 28.45 14.06
N THR B 1357 -3.21 29.78 13.93
CA THR B 1357 -2.01 30.53 13.61
C THR B 1357 -1.18 30.86 14.85
N GLY B 1358 -1.69 30.62 16.05
CA GLY B 1358 -1.02 31.06 17.26
C GLY B 1358 -1.05 32.55 17.49
N LEU B 1359 -1.73 33.31 16.63
CA LEU B 1359 -1.80 34.76 16.81
C LEU B 1359 -2.80 35.15 17.88
N TYR B 1360 -3.84 34.34 18.08
CA TYR B 1360 -4.82 34.55 19.14
C TYR B 1360 -4.55 33.58 20.28
N GLU B 1361 -4.28 34.13 21.47
CA GLU B 1361 -4.03 33.33 22.66
C GLU B 1361 -5.01 33.69 23.76
N THR B 1362 -5.33 32.71 24.61
CA THR B 1362 -5.84 32.97 25.95
C THR B 1362 -4.97 32.22 26.93
N ARG B 1363 -4.44 32.94 27.91
CA ARG B 1363 -3.50 32.40 28.88
C ARG B 1363 -4.19 32.28 30.23
N ILE B 1364 -4.15 31.08 30.80
CA ILE B 1364 -4.79 30.79 32.09
C ILE B 1364 -3.70 30.53 33.12
N ASP B 1365 -3.68 31.33 34.18
CA ASP B 1365 -2.74 31.13 35.29
C ASP B 1365 -3.32 30.07 36.21
N LEU B 1366 -2.75 28.87 36.18
CA LEU B 1366 -3.30 27.77 36.98
C LEU B 1366 -2.99 27.91 38.47
N SER B 1367 -2.31 28.96 38.89
CA SER B 1367 -2.23 29.28 40.32
C SER B 1367 -3.64 29.57 40.83
N GLN B 1368 -4.24 28.59 41.50
CA GLN B 1368 -5.62 28.69 41.94
C GLN B 1368 -6.04 27.39 42.65
MG MG F . -3.98 -21.73 18.95
MG MG G . -16.32 -10.04 21.11
K K H . -5.74 -2.39 -3.04
K K I . -7.81 10.76 14.96
K K J . -0.40 -23.80 19.85
K K K . -4.78 25.08 18.61
K K L . -0.18 2.52 -31.91
K K M . -16.70 -10.38 -14.08
K K N . 7.63 -21.64 22.07
K K O . 19.11 -36.37 -17.93
K K P . -15.33 -24.67 41.97
K K Q . -29.49 -25.51 -26.68
K K R . -3.01 8.89 15.29
K K S . 4.84 -19.86 25.02
K K T . 4.60 4.58 20.51
#